data_4WVF
#
_entry.id   4WVF
#
_cell.length_a   105.909
_cell.length_b   105.909
_cell.length_c   305.526
_cell.angle_alpha   90.000
_cell.angle_beta   90.000
_cell.angle_gamma   90.000
#
_symmetry.space_group_name_H-M   'P 43 21 2'
#
loop_
_entity.id
_entity.type
_entity.pdbx_description
1 polymer 'GTP-binding nuclear protein Ran'
2 polymer 'Ran-specific GTPase-activating protein 1'
3 polymer Crm1p
4 non-polymer 'PHOSPHOAMINOPHOSPHONIC ACID-GUANYLATE ESTER'
5 non-polymer 'MAGNESIUM ION'
6 non-polymer 1,2-ETHANEDIOL
7 non-polymer GLYCEROL
8 non-polymer (2E)-3-{3-[3,5-bis(trifluoromethyl)phenyl]-1H-1,2,4-triazol-1-yl}-1-(3,3-difluoroazetidin-1-yl)prop-2-en-1-one
9 non-polymer 'CHLORIDE ION'
10 water water
#
loop_
_entity_poly.entity_id
_entity_poly.type
_entity_poly.pdbx_seq_one_letter_code
_entity_poly.pdbx_strand_id
1 'polypeptide(L)'
;MAAQGEPQVQFKLVLVGDGGTGKTTFVKRHLTGEFEKKYVATLGVEVHPLVFHTNRGPIKFNVWDTAGQEKFGGLRDGYY
IQAQCAIIMFDVTSRVTYKNVPNWHRDLVRVCENIPIVLCGNKVDIKDRKVKAKSIVFHRKKNLQYYDISAKSNYNFEKP
FLWLARKLIGDPNLEFVAMPALAPPEVVMDPALAAQYEHDLEVAQTTALPDEDDDL
;
A
2 'polypeptide(L)'
;DIHFEPVVHLEKVDVKTMEEDEEVLYKVRAKLFRFDADAKEWKERGTGDCKFLKNKKTNKVRILMRRDKTLKICANHIIA
PEYTLKPNVGSDRSWVYACTADIAEGEAEAFTFAIRFGSKENADKFKEEFEKAQEINKKA
;
B
3 'polypeptide(L)'
;GGSMEGILDFSNDLDIALLDQVVSTFYQGSGVQQKQAQEILTKFQDNPDAWQKADQILQFSTNPQSKFIALSILDKLITR
KWKLLPNDHRIGIRNFVVGMIISMCQDDEVFKTQKNLINKSDLTLVQILKQEWPQNWPEFIPELIGSSSSSVNVCENNMI
VLKLLSEEVFDFSAEQMTQAKALHLKNSMSKEFEQIFKLCFQVLEQGSSSSLIVATLESLLRYLHWIPYRYIYETNILEL
LSTKFMTSPDTRAITLKCLTEVSNLKIPQDNDLIKRQTVLFFQNTLQQIATSVMPVTADLKATYANANGNDQSFLQDLAM
FLTTYLARNRALLESDESLRELLLNAHQYLIQLSKIEERELFKTTLDYWHNLVADLFYEPLKKHIYEEICSQLRLVIIEN
MVRPEEVLVVENDEGEIVREFVKESDTIQLYKSEREVLVYLTHLNVIDTEEIMISKLARQIDGSEWSWHNINTLSWAIGS
ISGTMSEDTEKRFVVTVIKDLLDLCVKKRGKDNKAVVASDIMYVVGQYPRFLKAHWNFLRTVILKLFEFMHETHEGVQDM
ACDTFIKIVQKCKYHFVIQQPRESEPFIQTIIRDIQKTTADLQPQQVHTFYKACGIIISEERSVAERNRLLSDLMQLPNM
AWDTIVEQSTANPTLLLDSETVKIIANIIKTNVAVCTSMGADFYPQLGHIYYNMLQLYRAVSSMISAQVAAEGLIATKTP
KVRGLRTIKKEILKLVETYISKARNLDDVVKVLVEPLLNAVLEDYMNNVPDARDAEVLNCMTTVVEKVGHMIPQGVILIL
QSVFECTLDMINKDFTEYPEHRVEFYKLLKVINEKSFAAFLELPPAAFKLFVDAICWAFKHNNRDVEVNGLQIALDLVKN
IERMGNVPFANEFHKNYFFIFVSETFFVLTDSDHKSGFSKQALLLMKLISLVYDNKISVPLYQEAEVPQGTSNQVYLSQY
LANMLSNAFPHLTSEQIASFLSALTKQCKDLVVFKGTLRDFLVQIKEVGGDPTDYLFAEDKENA
;
C
#
# COMPACT_ATOMS: atom_id res chain seq x y z
N GLN A 8 20.10 -16.41 -21.35
CA GLN A 8 21.14 -15.50 -21.92
C GLN A 8 21.52 -14.41 -20.87
N VAL A 9 21.17 -13.15 -21.13
CA VAL A 9 21.17 -12.11 -20.13
C VAL A 9 20.05 -12.39 -19.12
N GLN A 10 20.34 -13.18 -18.07
CA GLN A 10 19.34 -13.41 -16.99
C GLN A 10 19.83 -13.16 -15.56
N PHE A 11 18.93 -12.68 -14.72
CA PHE A 11 19.24 -12.21 -13.39
C PHE A 11 18.32 -12.82 -12.36
N LYS A 12 18.90 -13.28 -11.25
CA LYS A 12 18.10 -13.82 -10.15
C LYS A 12 17.48 -12.69 -9.32
N LEU A 13 16.15 -12.72 -9.22
CA LEU A 13 15.40 -11.74 -8.47
C LEU A 13 14.70 -12.46 -7.35
N VAL A 14 14.90 -12.00 -6.11
CA VAL A 14 14.17 -12.56 -4.98
C VAL A 14 13.11 -11.56 -4.51
N LEU A 15 11.91 -12.10 -4.28
CA LEU A 15 10.77 -11.31 -3.87
C LEU A 15 10.42 -11.74 -2.43
N VAL A 16 10.47 -10.78 -1.51
CA VAL A 16 10.25 -11.03 -0.09
C VAL A 16 9.23 -10.06 0.52
N GLY A 17 8.61 -10.48 1.61
CA GLY A 17 7.65 -9.63 2.30
C GLY A 17 6.63 -10.45 3.07
N ASP A 18 5.88 -9.78 3.94
CA ASP A 18 4.90 -10.47 4.79
C ASP A 18 3.88 -11.31 3.99
N GLY A 19 3.37 -12.36 4.61
CA GLY A 19 2.31 -13.14 3.99
C GLY A 19 1.11 -12.25 3.68
N GLY A 20 0.53 -12.45 2.51
CA GLY A 20 -0.67 -11.74 2.11
C GLY A 20 -0.47 -10.38 1.48
N THR A 21 0.78 -10.00 1.25
CA THR A 21 1.09 -8.68 0.70
C THR A 21 0.90 -8.54 -0.82
N GLY A 22 0.81 -9.67 -1.51
CA GLY A 22 0.52 -9.67 -2.95
C GLY A 22 1.67 -10.05 -3.86
N LYS A 23 2.72 -10.65 -3.30
CA LYS A 23 3.91 -11.06 -4.03
C LYS A 23 3.57 -11.96 -5.21
N THR A 24 2.88 -13.05 -4.93
CA THR A 24 2.54 -14.04 -5.94
C THR A 24 1.56 -13.48 -6.96
N THR A 25 0.57 -12.73 -6.48
CA THR A 25 -0.41 -12.10 -7.37
C THR A 25 0.31 -11.16 -8.34
N PHE A 26 1.25 -10.40 -7.81
CA PHE A 26 2.05 -9.46 -8.61
C PHE A 26 2.84 -10.18 -9.70
N VAL A 27 3.54 -11.25 -9.33
CA VAL A 27 4.29 -12.03 -10.30
C VAL A 27 3.34 -12.65 -11.36
N LYS A 28 2.22 -13.21 -10.92
CA LYS A 28 1.29 -13.85 -11.86
C LYS A 28 0.75 -12.86 -12.86
N ARG A 29 0.44 -11.67 -12.38
CA ARG A 29 -0.02 -10.60 -13.26
C ARG A 29 0.97 -10.39 -14.39
N HIS A 30 2.24 -10.33 -14.04
CA HIS A 30 3.30 -10.16 -15.02
C HIS A 30 3.50 -11.37 -15.90
N LEU A 31 3.33 -12.58 -15.35
CA LEU A 31 3.53 -13.81 -16.12
C LEU A 31 2.45 -14.07 -17.17
N THR A 32 1.20 -13.96 -16.75
CA THR A 32 0.08 -14.39 -17.59
C THR A 32 -0.90 -13.27 -17.93
N GLY A 33 -0.82 -12.14 -17.22
CA GLY A 33 -1.82 -11.07 -17.33
C GLY A 33 -3.00 -11.17 -16.35
N GLU A 34 -3.11 -12.29 -15.63
CA GLU A 34 -4.29 -12.53 -14.79
C GLU A 34 -4.20 -11.86 -13.43
N PHE A 35 -5.33 -11.70 -12.78
CA PHE A 35 -5.39 -11.24 -11.40
C PHE A 35 -6.01 -12.34 -10.56
N GLU A 36 -5.21 -12.99 -9.72
CA GLU A 36 -5.71 -14.05 -8.87
C GLU A 36 -6.31 -13.46 -7.59
N LYS A 37 -7.63 -13.62 -7.43
CA LYS A 37 -8.34 -13.12 -6.25
C LYS A 37 -8.10 -13.96 -5.00
N LYS A 38 -7.87 -15.27 -5.15
CA LYS A 38 -7.73 -16.14 -3.98
C LYS A 38 -6.35 -16.00 -3.35
N TYR A 39 -6.30 -16.18 -2.03
CA TYR A 39 -5.02 -16.21 -1.32
C TYR A 39 -4.62 -17.66 -1.06
N VAL A 40 -3.69 -18.16 -1.85
CA VAL A 40 -3.10 -19.48 -1.61
C VAL A 40 -1.66 -19.22 -1.25
N ALA A 41 -1.29 -19.56 -0.01
CA ALA A 41 0.03 -19.20 0.53
C ALA A 41 1.13 -19.94 -0.19
N THR A 42 2.17 -19.22 -0.57
CA THR A 42 3.32 -19.85 -1.20
C THR A 42 4.04 -20.75 -0.19
N LEU A 43 4.46 -21.92 -0.66
CA LEU A 43 5.15 -22.91 0.17
C LEU A 43 6.64 -22.88 -0.14
N GLY A 44 7.40 -22.17 0.70
CA GLY A 44 8.85 -22.04 0.55
C GLY A 44 9.21 -21.02 -0.52
N VAL A 45 9.27 -21.47 -1.77
CA VAL A 45 9.51 -20.60 -2.90
C VAL A 45 8.94 -21.19 -4.19
N GLU A 46 8.54 -20.32 -5.11
CA GLU A 46 8.18 -20.67 -6.48
CA GLU A 46 8.23 -20.72 -6.48
C GLU A 46 9.08 -19.90 -7.43
N VAL A 47 9.71 -20.58 -8.37
CA VAL A 47 10.62 -19.93 -9.33
C VAL A 47 9.95 -19.80 -10.67
N HIS A 48 9.94 -18.59 -11.20
CA HIS A 48 9.38 -18.36 -12.53
C HIS A 48 10.27 -17.47 -13.35
N PRO A 49 10.59 -17.91 -14.59
CA PRO A 49 11.26 -16.99 -15.50
C PRO A 49 10.27 -15.94 -16.04
N LEU A 50 10.77 -14.74 -16.22
CA LEU A 50 9.98 -13.63 -16.68
C LEU A 50 10.85 -12.77 -17.60
N VAL A 51 10.40 -12.59 -18.83
CA VAL A 51 11.15 -11.87 -19.84
C VAL A 51 10.50 -10.56 -20.22
N PHE A 52 11.32 -9.51 -20.31
CA PHE A 52 10.91 -8.22 -20.84
C PHE A 52 11.74 -7.89 -22.07
N HIS A 53 11.11 -7.25 -23.04
CA HIS A 53 11.78 -6.82 -24.24
C HIS A 53 12.10 -5.34 -24.07
N THR A 54 13.35 -4.99 -24.33
CA THR A 54 13.82 -3.61 -24.12
C THR A 54 14.57 -3.09 -25.33
N ASN A 55 14.85 -1.79 -25.34
CA ASN A 55 15.66 -1.21 -26.41
C ASN A 55 17.13 -1.63 -26.32
N ARG A 56 17.48 -2.37 -25.28
CA ARG A 56 18.83 -2.95 -25.15
C ARG A 56 18.78 -4.48 -25.26
N GLY A 57 17.67 -5.01 -25.81
CA GLY A 57 17.50 -6.44 -25.99
C GLY A 57 16.64 -7.04 -24.89
N PRO A 58 16.44 -8.36 -24.94
CA PRO A 58 15.64 -9.00 -23.93
C PRO A 58 16.39 -9.12 -22.63
N ILE A 59 15.68 -8.94 -21.53
CA ILE A 59 16.21 -9.21 -20.20
C ILE A 59 15.33 -10.24 -19.53
N LYS A 60 15.97 -11.22 -18.92
CA LYS A 60 15.27 -12.32 -18.28
C LYS A 60 15.52 -12.27 -16.79
N PHE A 61 14.43 -12.24 -16.05
CA PHE A 61 14.46 -12.35 -14.60
C PHE A 61 14.02 -13.75 -14.24
N ASN A 62 14.82 -14.41 -13.42
CA ASN A 62 14.40 -15.65 -12.78
C ASN A 62 13.86 -15.29 -11.41
N VAL A 63 12.53 -15.19 -11.32
CA VAL A 63 11.89 -14.67 -10.14
C VAL A 63 11.69 -15.75 -9.09
N TRP A 64 12.35 -15.56 -7.96
CA TRP A 64 12.18 -16.43 -6.79
C TRP A 64 11.17 -15.80 -5.85
N ASP A 65 9.93 -16.25 -5.97
CA ASP A 65 8.80 -15.72 -5.20
C ASP A 65 8.72 -16.49 -3.88
N THR A 66 9.21 -15.87 -2.80
CA THR A 66 9.35 -16.56 -1.53
C THR A 66 8.11 -16.45 -0.65
N ALA A 67 7.99 -17.42 0.26
CA ALA A 67 6.89 -17.45 1.24
C ALA A 67 7.10 -16.40 2.31
N GLY A 68 6.06 -15.62 2.58
CA GLY A 68 6.06 -14.63 3.65
C GLY A 68 5.54 -15.13 5.00
N GLN A 69 4.78 -16.21 4.98
CA GLN A 69 4.27 -16.80 6.23
CA GLN A 69 4.27 -16.80 6.24
C GLN A 69 5.37 -17.58 6.91
N GLU A 70 5.63 -17.26 8.17
CA GLU A 70 6.70 -17.93 8.91
C GLU A 70 6.56 -19.45 8.85
N LYS A 71 5.35 -19.97 9.03
CA LYS A 71 5.14 -21.44 9.02
C LYS A 71 5.43 -22.10 7.66
N PHE A 72 5.47 -21.32 6.58
CA PHE A 72 5.74 -21.86 5.25
C PHE A 72 7.05 -21.31 4.67
N GLY A 73 7.92 -20.81 5.55
CA GLY A 73 9.14 -20.09 5.10
C GLY A 73 10.19 -20.93 4.39
N GLY A 74 10.17 -22.24 4.60
CA GLY A 74 11.09 -23.14 3.93
C GLY A 74 12.53 -22.80 4.26
N LEU A 75 13.35 -22.62 3.24
CA LEU A 75 14.78 -22.37 3.44
C LEU A 75 15.07 -20.93 3.88
N ARG A 76 14.06 -20.06 3.87
CA ARG A 76 14.20 -18.66 4.33
CA ARG A 76 14.16 -18.66 4.31
C ARG A 76 15.33 -17.94 3.60
N ASP A 77 16.30 -17.41 4.34
CA ASP A 77 17.40 -16.68 3.71
C ASP A 77 18.26 -17.52 2.78
N GLY A 78 18.14 -18.84 2.86
CA GLY A 78 18.75 -19.72 1.89
C GLY A 78 18.36 -19.42 0.45
N TYR A 79 17.17 -18.85 0.26
CA TYR A 79 16.71 -18.51 -1.08
C TYR A 79 17.48 -17.33 -1.68
N TYR A 80 18.10 -16.52 -0.83
CA TYR A 80 18.64 -15.25 -1.28
C TYR A 80 20.01 -15.43 -1.90
N ILE A 81 20.61 -16.60 -1.69
CA ILE A 81 21.99 -16.83 -2.13
C ILE A 81 22.10 -16.56 -3.62
N GLN A 82 23.05 -15.70 -3.95
CA GLN A 82 23.36 -15.29 -5.32
C GLN A 82 22.23 -14.52 -6.04
N ALA A 83 21.29 -13.96 -5.29
CA ALA A 83 20.35 -13.04 -5.89
C ALA A 83 21.12 -11.85 -6.45
N GLN A 84 20.64 -11.31 -7.55
CA GLN A 84 21.26 -10.15 -8.18
C GLN A 84 20.41 -8.89 -8.06
N CYS A 85 19.20 -9.05 -7.54
CA CYS A 85 18.28 -7.95 -7.31
C CYS A 85 17.10 -8.48 -6.48
N ALA A 86 16.29 -7.56 -5.99
CA ALA A 86 15.18 -7.95 -5.13
C ALA A 86 14.07 -6.95 -5.10
N ILE A 87 12.90 -7.45 -4.72
CA ILE A 87 11.74 -6.63 -4.44
C ILE A 87 11.29 -6.97 -3.03
N ILE A 88 11.10 -5.95 -2.19
CA ILE A 88 10.55 -6.10 -0.87
C ILE A 88 9.14 -5.52 -0.94
N MET A 89 8.17 -6.35 -0.57
N MET A 89 8.15 -6.34 -0.59
CA MET A 89 6.75 -6.01 -0.67
CA MET A 89 6.77 -5.91 -0.70
C MET A 89 6.13 -5.76 0.71
C MET A 89 6.09 -5.79 0.66
N PHE A 90 5.25 -4.76 0.77
CA PHE A 90 4.33 -4.61 1.88
C PHE A 90 2.96 -4.21 1.33
N ASP A 91 2.01 -4.08 2.24
CA ASP A 91 0.60 -3.82 1.91
C ASP A 91 0.25 -2.52 2.64
N VAL A 92 -0.12 -1.48 1.88
CA VAL A 92 -0.45 -0.17 2.46
C VAL A 92 -1.74 -0.17 3.31
N THR A 93 -2.50 -1.26 3.28
CA THR A 93 -3.68 -1.40 4.13
C THR A 93 -3.35 -2.18 5.41
N SER A 94 -2.08 -2.52 5.61
CA SER A 94 -1.67 -3.29 6.78
C SER A 94 -0.35 -2.74 7.34
N ARG A 95 -0.48 -1.99 8.42
CA ARG A 95 0.67 -1.33 9.04
C ARG A 95 1.74 -2.31 9.53
N VAL A 96 1.31 -3.47 10.03
CA VAL A 96 2.27 -4.47 10.46
C VAL A 96 3.23 -4.89 9.32
N THR A 97 2.73 -4.95 8.09
CA THR A 97 3.58 -5.35 6.97
C THR A 97 4.67 -4.33 6.68
N TYR A 98 4.38 -3.04 6.87
CA TYR A 98 5.44 -2.01 6.74
C TYR A 98 6.40 -2.10 7.91
N LYS A 99 5.88 -2.32 9.11
N LYS A 99 5.88 -2.32 9.10
CA LYS A 99 6.71 -2.47 10.30
CA LYS A 99 6.72 -2.44 10.28
C LYS A 99 7.73 -3.58 10.15
C LYS A 99 7.73 -3.59 10.16
N ASN A 100 7.39 -4.62 9.38
CA ASN A 100 8.30 -5.74 9.15
C ASN A 100 9.30 -5.55 8.03
N VAL A 101 9.15 -4.48 7.26
CA VAL A 101 10.06 -4.22 6.14
C VAL A 101 11.53 -4.24 6.57
N PRO A 102 11.87 -3.57 7.70
CA PRO A 102 13.28 -3.62 8.13
C PRO A 102 13.78 -5.02 8.45
N ASN A 103 12.90 -5.90 8.91
CA ASN A 103 13.26 -7.28 9.18
C ASN A 103 13.61 -8.04 7.90
N TRP A 104 12.75 -7.90 6.89
CA TRP A 104 13.00 -8.55 5.61
C TRP A 104 14.29 -8.00 4.99
N HIS A 105 14.44 -6.67 5.03
CA HIS A 105 15.62 -6.02 4.45
C HIS A 105 16.90 -6.49 5.13
N ARG A 106 16.87 -6.56 6.46
CA ARG A 106 17.99 -7.08 7.26
C ARG A 106 18.40 -8.45 6.78
N ASP A 107 17.45 -9.38 6.77
CA ASP A 107 17.75 -10.77 6.38
C ASP A 107 18.28 -10.84 4.94
N LEU A 108 17.73 -10.03 4.06
CA LEU A 108 18.11 -9.98 2.66
C LEU A 108 19.55 -9.49 2.45
N VAL A 109 19.86 -8.30 2.98
CA VAL A 109 21.18 -7.70 2.74
C VAL A 109 22.30 -8.39 3.48
N ARG A 110 21.99 -9.15 4.51
CA ARG A 110 23.01 -10.01 5.13
C ARG A 110 23.55 -11.06 4.17
N VAL A 111 22.71 -11.53 3.26
CA VAL A 111 23.12 -12.49 2.25
C VAL A 111 23.57 -11.78 0.97
N CYS A 112 22.87 -10.72 0.57
CA CYS A 112 23.11 -10.02 -0.69
C CYS A 112 23.54 -8.58 -0.40
N GLU A 113 24.84 -8.38 -0.28
CA GLU A 113 25.35 -7.16 0.34
C GLU A 113 25.27 -5.93 -0.56
N ASN A 114 25.29 -6.11 -1.87
CA ASN A 114 25.27 -4.97 -2.77
C ASN A 114 24.44 -5.22 -4.03
N ILE A 115 23.13 -5.24 -3.88
CA ILE A 115 22.25 -5.47 -5.02
C ILE A 115 21.19 -4.37 -5.10
N PRO A 116 20.68 -4.09 -6.31
CA PRO A 116 19.56 -3.15 -6.40
C PRO A 116 18.28 -3.77 -5.83
N ILE A 117 17.59 -2.98 -5.01
CA ILE A 117 16.37 -3.41 -4.33
C ILE A 117 15.28 -2.36 -4.50
N VAL A 118 14.07 -2.81 -4.86
CA VAL A 118 12.89 -1.97 -4.94
C VAL A 118 11.96 -2.32 -3.77
N LEU A 119 11.50 -1.32 -3.06
CA LEU A 119 10.49 -1.46 -2.04
C LEU A 119 9.13 -1.07 -2.65
N CYS A 120 8.12 -1.94 -2.48
CA CYS A 120 6.81 -1.73 -3.10
C CYS A 120 5.70 -1.78 -2.07
N GLY A 121 4.91 -0.72 -2.04
CA GLY A 121 3.74 -0.64 -1.18
C GLY A 121 2.53 -1.00 -2.03
N ASN A 122 2.07 -2.23 -1.89
CA ASN A 122 1.00 -2.78 -2.74
C ASN A 122 -0.39 -2.49 -2.19
N LYS A 123 -1.39 -2.71 -3.03
CA LYS A 123 -2.82 -2.59 -2.73
C LYS A 123 -3.29 -1.16 -2.57
N VAL A 124 -2.70 -0.23 -3.32
CA VAL A 124 -3.13 1.17 -3.26
C VAL A 124 -4.53 1.37 -3.85
N ASP A 125 -5.04 0.38 -4.56
CA ASP A 125 -6.42 0.42 -5.06
C ASP A 125 -7.46 0.46 -3.92
N ILE A 126 -7.08 0.00 -2.73
CA ILE A 126 -8.04 -0.05 -1.62
C ILE A 126 -8.22 1.34 -1.01
N LYS A 127 -9.47 1.78 -0.89
CA LYS A 127 -9.78 3.14 -0.48
C LYS A 127 -9.19 3.48 0.89
N ASP A 128 -9.35 2.57 1.84
CA ASP A 128 -8.95 2.86 3.23
C ASP A 128 -7.46 2.51 3.43
N ARG A 129 -6.60 3.41 2.99
CA ARG A 129 -5.17 3.23 3.14
C ARG A 129 -4.72 3.48 4.59
N LYS A 130 -3.86 2.62 5.12
CA LYS A 130 -3.41 2.72 6.52
C LYS A 130 -1.95 3.15 6.70
N VAL A 131 -1.07 2.74 5.80
CA VAL A 131 0.32 3.22 5.82
C VAL A 131 0.36 4.46 4.97
N LYS A 132 0.36 5.61 5.62
CA LYS A 132 0.30 6.90 4.94
C LYS A 132 1.56 7.15 4.09
N ALA A 133 1.39 7.80 2.94
CA ALA A 133 2.49 8.06 2.03
C ALA A 133 3.63 8.73 2.77
N LYS A 134 3.31 9.72 3.59
CA LYS A 134 4.31 10.50 4.32
C LYS A 134 5.16 9.62 5.27
N SER A 135 4.60 8.50 5.73
CA SER A 135 5.27 7.57 6.63
C SER A 135 6.36 6.71 5.97
N ILE A 136 6.31 6.59 4.66
CA ILE A 136 7.15 5.61 3.99
C ILE A 136 8.50 6.26 3.73
N VAL A 137 9.44 6.03 4.65
CA VAL A 137 10.78 6.61 4.53
C VAL A 137 11.92 5.61 4.69
N PHE A 138 11.62 4.36 5.00
CA PHE A 138 12.65 3.37 5.30
C PHE A 138 13.68 3.23 4.17
N HIS A 139 13.21 3.31 2.93
CA HIS A 139 14.09 3.17 1.76
C HIS A 139 15.21 4.22 1.64
N ARG A 140 15.04 5.40 2.23
CA ARG A 140 15.94 6.52 1.94
C ARG A 140 17.38 6.19 2.38
N LYS A 141 17.57 5.86 3.64
CA LYS A 141 18.92 5.52 4.15
C LYS A 141 19.46 4.21 3.61
N LYS A 142 18.61 3.34 3.10
CA LYS A 142 19.03 2.04 2.58
C LYS A 142 19.20 2.05 1.06
N ASN A 143 18.97 3.18 0.43
CA ASN A 143 19.14 3.35 -1.02
C ASN A 143 18.25 2.41 -1.83
N LEU A 144 17.06 2.12 -1.32
CA LEU A 144 16.09 1.33 -2.07
C LEU A 144 15.26 2.28 -2.91
N GLN A 145 14.85 1.84 -4.10
CA GLN A 145 13.84 2.56 -4.86
C GLN A 145 12.50 2.28 -4.19
N TYR A 146 11.58 3.22 -4.24
CA TYR A 146 10.23 2.99 -3.71
C TYR A 146 9.12 3.29 -4.75
N TYR A 147 8.12 2.41 -4.85
CA TYR A 147 6.90 2.70 -5.61
C TYR A 147 5.64 2.25 -4.87
N ASP A 148 4.62 3.11 -4.89
CA ASP A 148 3.24 2.69 -4.66
C ASP A 148 2.86 1.82 -5.86
N ILE A 149 2.26 0.65 -5.59
CA ILE A 149 1.78 -0.22 -6.68
C ILE A 149 0.42 -0.85 -6.36
N SER A 150 -0.26 -1.35 -7.38
CA SER A 150 -1.40 -2.23 -7.21
C SER A 150 -1.37 -3.33 -8.27
N ALA A 151 -1.26 -4.57 -7.83
CA ALA A 151 -1.40 -5.70 -8.74
C ALA A 151 -2.82 -5.74 -9.32
N LYS A 152 -3.80 -5.23 -8.58
CA LYS A 152 -5.21 -5.32 -8.99
C LYS A 152 -5.58 -4.31 -10.05
N SER A 153 -5.18 -3.06 -9.87
CA SER A 153 -5.47 -2.03 -10.86
C SER A 153 -4.33 -1.87 -11.87
N ASN A 154 -3.19 -2.53 -11.63
CA ASN A 154 -1.96 -2.39 -12.44
C ASN A 154 -1.23 -1.07 -12.22
N TYR A 155 -1.64 -0.31 -11.23
CA TYR A 155 -1.00 0.98 -10.97
C TYR A 155 0.50 0.77 -10.70
N ASN A 156 1.32 1.44 -11.52
CA ASN A 156 2.78 1.34 -11.44
C ASN A 156 3.34 -0.09 -11.54
N PHE A 157 2.60 -1.04 -12.12
CA PHE A 157 3.00 -2.45 -12.00
C PHE A 157 4.31 -2.78 -12.70
N GLU A 158 4.64 -2.04 -13.75
CA GLU A 158 5.84 -2.27 -14.54
C GLU A 158 7.07 -1.60 -13.93
N LYS A 159 6.85 -0.63 -13.02
CA LYS A 159 7.94 0.23 -12.51
C LYS A 159 9.08 -0.51 -11.82
N PRO A 160 8.78 -1.50 -10.95
CA PRO A 160 9.88 -2.22 -10.28
C PRO A 160 10.80 -2.94 -11.25
N PHE A 161 10.24 -3.55 -12.28
CA PHE A 161 11.05 -4.26 -13.26
C PHE A 161 11.82 -3.31 -14.18
N LEU A 162 11.19 -2.19 -14.54
CA LEU A 162 11.88 -1.20 -15.37
C LEU A 162 13.11 -0.63 -14.64
N TRP A 163 12.95 -0.27 -13.38
CA TRP A 163 14.06 0.28 -12.59
C TRP A 163 15.17 -0.74 -12.42
N LEU A 164 14.80 -1.96 -12.01
CA LEU A 164 15.80 -3.03 -11.85
C LEU A 164 16.56 -3.32 -13.13
N ALA A 165 15.87 -3.33 -14.26
CA ALA A 165 16.51 -3.57 -15.56
C ALA A 165 17.51 -2.47 -15.88
N ARG A 166 17.09 -1.23 -15.66
CA ARG A 166 17.99 -0.09 -15.83
C ARG A 166 19.26 -0.21 -14.96
N LYS A 167 19.09 -0.62 -13.71
CA LYS A 167 20.24 -0.77 -12.81
C LYS A 167 21.13 -1.94 -13.21
N LEU A 168 20.54 -3.03 -13.65
CA LEU A 168 21.28 -4.26 -13.94
C LEU A 168 22.01 -4.19 -15.28
N ILE A 169 21.37 -3.62 -16.28
CA ILE A 169 22.01 -3.44 -17.57
C ILE A 169 22.95 -2.24 -17.54
N GLY A 170 22.74 -1.34 -16.59
CA GLY A 170 23.59 -0.17 -16.44
C GLY A 170 23.26 0.91 -17.44
N ASP A 171 22.00 0.98 -17.83
CA ASP A 171 21.55 1.96 -18.82
C ASP A 171 20.34 2.70 -18.29
N PRO A 172 20.53 3.95 -17.84
CA PRO A 172 19.42 4.71 -17.27
C PRO A 172 18.29 5.07 -18.27
N ASN A 173 18.57 4.98 -19.57
CA ASN A 173 17.59 5.32 -20.61
C ASN A 173 16.94 4.10 -21.24
N LEU A 174 17.19 2.93 -20.66
CA LEU A 174 16.52 1.71 -21.09
C LEU A 174 15.00 1.89 -20.99
N GLU A 175 14.30 1.37 -21.99
CA GLU A 175 12.83 1.42 -22.04
C GLU A 175 12.31 0.07 -22.51
N PHE A 176 11.10 -0.29 -22.07
CA PHE A 176 10.41 -1.44 -22.65
C PHE A 176 10.02 -1.08 -24.06
N VAL A 177 10.05 -2.06 -24.94
CA VAL A 177 9.69 -1.83 -26.34
C VAL A 177 8.72 -2.92 -26.76
N ALA A 178 7.92 -2.62 -27.76
CA ALA A 178 6.96 -3.57 -28.31
C ALA A 178 7.68 -4.75 -28.95
N MET A 179 7.38 -5.95 -28.45
CA MET A 179 7.97 -7.16 -29.02
C MET A 179 7.51 -7.38 -30.46
N PRO A 180 8.40 -7.89 -31.34
CA PRO A 180 8.00 -8.27 -32.70
C PRO A 180 6.76 -9.16 -32.70
N ALA A 181 5.86 -8.91 -33.64
CA ALA A 181 4.61 -9.69 -33.76
C ALA A 181 4.54 -10.44 -35.09
N LEU A 182 5.00 -11.68 -35.08
CA LEU A 182 5.02 -12.56 -36.25
C LEU A 182 3.61 -12.74 -36.84
N ALA A 183 3.57 -13.01 -38.15
CA ALA A 183 2.30 -13.25 -38.82
C ALA A 183 1.69 -14.53 -38.26
N PRO A 184 0.43 -14.47 -37.82
CA PRO A 184 -0.20 -15.66 -37.27
C PRO A 184 -0.68 -16.61 -38.36
N PRO A 185 -0.75 -17.93 -38.06
CA PRO A 185 -1.09 -18.92 -39.08
C PRO A 185 -2.59 -18.95 -39.39
N GLU A 186 -2.94 -19.50 -40.55
CA GLU A 186 -4.34 -19.77 -40.88
C GLU A 186 -4.68 -21.22 -40.58
N VAL A 187 -5.61 -21.43 -39.63
CA VAL A 187 -6.02 -22.79 -39.26
C VAL A 187 -7.54 -22.94 -39.37
N VAL A 188 -7.96 -24.09 -39.90
CA VAL A 188 -9.37 -24.49 -39.90
C VAL A 188 -9.62 -25.45 -38.74
N MET A 189 -10.77 -25.29 -38.09
CA MET A 189 -11.18 -26.19 -37.01
C MET A 189 -11.25 -27.63 -37.55
N ASP A 190 -10.81 -28.59 -36.74
CA ASP A 190 -10.93 -30.01 -37.06
C ASP A 190 -12.42 -30.37 -37.06
N PRO A 191 -12.95 -30.94 -38.18
CA PRO A 191 -14.37 -31.30 -38.15
C PRO A 191 -14.72 -32.27 -37.02
N ALA A 192 -13.79 -33.16 -36.69
CA ALA A 192 -13.97 -34.16 -35.63
C ALA A 192 -14.13 -33.54 -34.23
N LEU A 193 -13.55 -32.35 -34.03
CA LEU A 193 -13.60 -31.65 -32.73
C LEU A 193 -14.71 -30.59 -32.63
N ALA A 194 -15.48 -30.43 -33.70
CA ALA A 194 -16.53 -29.40 -33.77
C ALA A 194 -17.62 -29.56 -32.71
N ALA A 195 -17.99 -30.79 -32.39
CA ALA A 195 -19.02 -31.07 -31.38
C ALA A 195 -18.52 -30.75 -29.97
N GLN A 196 -17.24 -31.04 -29.72
CA GLN A 196 -16.58 -30.71 -28.46
C GLN A 196 -16.37 -29.19 -28.32
N TYR A 197 -16.16 -28.53 -29.47
CA TYR A 197 -16.14 -27.07 -29.54
C TYR A 197 -17.43 -26.44 -29.02
N GLU A 198 -18.56 -27.01 -29.42
CA GLU A 198 -19.88 -26.48 -29.06
C GLU A 198 -20.08 -26.47 -27.55
N HIS A 199 -19.69 -27.57 -26.92
CA HIS A 199 -19.79 -27.75 -25.47
C HIS A 199 -18.91 -26.76 -24.73
N ASP A 200 -17.64 -26.70 -25.11
CA ASP A 200 -16.67 -25.81 -24.47
C ASP A 200 -17.10 -24.35 -24.52
N LEU A 201 -17.64 -23.94 -25.67
CA LEU A 201 -18.11 -22.56 -25.84
C LEU A 201 -19.34 -22.26 -24.97
N GLU A 202 -20.27 -23.21 -24.93
CA GLU A 202 -21.45 -23.06 -24.07
C GLU A 202 -21.09 -22.80 -22.60
N VAL A 203 -20.15 -23.57 -22.09
CA VAL A 203 -19.69 -23.37 -20.71
C VAL A 203 -19.04 -21.99 -20.54
N ALA A 204 -18.24 -21.62 -21.53
CA ALA A 204 -17.58 -20.32 -21.50
C ALA A 204 -18.59 -19.17 -21.54
N GLN A 205 -19.57 -19.26 -22.43
CA GLN A 205 -20.61 -18.22 -22.55
C GLN A 205 -21.43 -18.05 -21.29
N THR A 206 -21.66 -19.14 -20.57
CA THR A 206 -22.53 -19.13 -19.39
C THR A 206 -21.75 -19.01 -18.08
N THR A 207 -20.45 -18.76 -18.17
CA THR A 207 -19.66 -18.41 -16.98
C THR A 207 -19.44 -16.91 -17.04
N ALA A 208 -19.98 -16.18 -16.06
CA ALA A 208 -19.90 -14.72 -16.08
C ALA A 208 -18.46 -14.24 -16.05
N LEU A 209 -18.18 -13.15 -16.77
CA LEU A 209 -16.89 -12.48 -16.68
C LEU A 209 -16.76 -11.81 -15.32
N PRO A 210 -15.56 -11.81 -14.72
CA PRO A 210 -15.38 -11.13 -13.42
C PRO A 210 -15.40 -9.60 -13.52
N ASP A 211 -15.75 -8.94 -12.42
CA ASP A 211 -15.61 -7.51 -12.25
C ASP A 211 -16.30 -6.71 -13.35
N GLU A 212 -17.58 -6.97 -13.53
CA GLU A 212 -18.35 -6.35 -14.61
C GLU A 212 -18.63 -4.88 -14.30
N ASP A 213 -18.36 -4.45 -13.08
CA ASP A 213 -18.45 -3.02 -12.74
C ASP A 213 -17.16 -2.22 -12.98
N ASP A 214 -16.12 -2.86 -13.50
CA ASP A 214 -14.87 -2.17 -13.81
C ASP A 214 -15.01 -1.35 -15.10
N ASP A 215 -14.18 -0.32 -15.23
CA ASP A 215 -14.15 0.54 -16.43
C ASP A 215 -13.96 -0.28 -17.71
N LEU A 216 -13.04 -1.25 -17.66
CA LEU A 216 -12.85 -2.21 -18.74
C LEU A 216 -13.01 -3.65 -18.24
N ILE B 2 34.61 25.73 -47.84
CA ILE B 2 35.41 24.88 -46.90
C ILE B 2 34.47 23.96 -46.11
N HIS B 3 34.71 22.65 -46.22
CA HIS B 3 33.88 21.65 -45.56
C HIS B 3 34.25 21.51 -44.07
N PHE B 4 33.23 21.55 -43.23
CA PHE B 4 33.39 21.22 -41.82
C PHE B 4 32.63 19.93 -41.57
N GLU B 5 33.37 18.85 -41.37
CA GLU B 5 32.79 17.52 -41.18
C GLU B 5 31.78 17.52 -40.01
N PRO B 6 30.51 17.16 -40.28
CA PRO B 6 29.49 17.05 -39.22
C PRO B 6 29.89 16.13 -38.06
N VAL B 7 29.31 16.39 -36.89
CA VAL B 7 29.49 15.51 -35.73
C VAL B 7 28.89 14.13 -36.06
N VAL B 8 29.69 13.07 -35.88
CA VAL B 8 29.23 11.71 -36.18
C VAL B 8 28.17 11.27 -35.16
N THR B 17 9.04 -4.22 -34.73
CA THR B 17 7.76 -4.69 -34.17
C THR B 17 7.02 -5.68 -35.09
N MET B 18 7.31 -5.59 -36.40
CA MET B 18 6.69 -6.45 -37.43
C MET B 18 5.25 -5.99 -37.77
N GLU B 19 4.96 -4.70 -37.57
CA GLU B 19 3.67 -4.11 -37.96
C GLU B 19 3.85 -3.01 -38.99
N GLU B 20 5.02 -2.98 -39.64
CA GLU B 20 5.36 -1.93 -40.59
C GLU B 20 4.60 -2.12 -41.93
N ASP B 21 4.37 -3.38 -42.33
CA ASP B 21 3.68 -3.69 -43.58
C ASP B 21 2.16 -3.77 -43.42
N GLU B 22 1.60 -3.13 -42.38
CA GLU B 22 0.19 -3.30 -42.06
C GLU B 22 -0.57 -1.98 -41.87
N GLU B 23 -1.81 -1.96 -42.36
CA GLU B 23 -2.72 -0.84 -42.20
C GLU B 23 -3.63 -1.09 -41.00
N VAL B 24 -3.80 -0.09 -40.13
CA VAL B 24 -4.70 -0.19 -38.95
C VAL B 24 -6.15 0.12 -39.37
N LEU B 25 -6.97 -0.92 -39.52
CA LEU B 25 -8.36 -0.74 -39.92
C LEU B 25 -9.23 -0.24 -38.77
N TYR B 26 -8.86 -0.63 -37.56
CA TYR B 26 -9.66 -0.39 -36.38
C TYR B 26 -8.81 -0.58 -35.13
N LYS B 27 -9.00 0.31 -34.17
CA LYS B 27 -8.34 0.26 -32.87
C LYS B 27 -9.37 0.55 -31.79
N VAL B 28 -9.35 -0.21 -30.71
CA VAL B 28 -10.25 0.04 -29.59
C VAL B 28 -9.61 -0.43 -28.29
N ARG B 29 -9.86 0.29 -27.20
CA ARG B 29 -9.35 -0.09 -25.90
C ARG B 29 -10.18 -1.25 -25.38
N ALA B 30 -9.53 -2.28 -24.84
CA ALA B 30 -10.25 -3.49 -24.43
C ALA B 30 -9.55 -4.27 -23.34
N LYS B 31 -10.31 -5.14 -22.67
CA LYS B 31 -9.76 -6.14 -21.76
C LYS B 31 -10.06 -7.52 -22.31
N LEU B 32 -9.02 -8.33 -22.47
CA LEU B 32 -9.11 -9.66 -23.01
C LEU B 32 -8.99 -10.70 -21.90
N PHE B 33 -9.84 -11.72 -21.99
CA PHE B 33 -9.84 -12.85 -21.07
C PHE B 33 -9.69 -14.14 -21.88
N ARG B 34 -9.16 -15.16 -21.21
CA ARG B 34 -9.13 -16.51 -21.76
C ARG B 34 -9.83 -17.42 -20.77
N PHE B 35 -10.54 -18.42 -21.29
CA PHE B 35 -11.28 -19.31 -20.43
C PHE B 35 -10.39 -20.47 -20.00
N ASP B 36 -10.26 -20.65 -18.70
CA ASP B 36 -9.59 -21.79 -18.14
C ASP B 36 -10.64 -22.86 -17.89
N ALA B 37 -10.65 -23.90 -18.72
CA ALA B 37 -11.62 -24.98 -18.61
C ALA B 37 -11.32 -25.89 -17.42
N ASP B 38 -10.04 -26.04 -17.08
CA ASP B 38 -9.59 -26.87 -15.95
C ASP B 38 -10.14 -26.32 -14.63
N ALA B 39 -9.75 -25.09 -14.29
CA ALA B 39 -10.53 -24.29 -13.36
C ALA B 39 -11.83 -24.07 -14.11
N LYS B 40 -12.79 -23.36 -13.57
CA LYS B 40 -13.96 -23.09 -14.39
C LYS B 40 -14.21 -21.60 -14.41
N GLU B 41 -13.20 -20.87 -14.85
CA GLU B 41 -13.21 -19.43 -14.73
C GLU B 41 -12.49 -18.72 -15.86
N TRP B 42 -12.93 -17.49 -16.09
CA TRP B 42 -12.27 -16.58 -16.99
C TRP B 42 -11.09 -15.97 -16.26
N LYS B 43 -9.99 -15.83 -16.99
CA LYS B 43 -8.78 -15.20 -16.47
C LYS B 43 -8.35 -14.10 -17.43
N GLU B 44 -8.01 -12.94 -16.88
CA GLU B 44 -7.54 -11.81 -17.69
C GLU B 44 -6.25 -12.19 -18.38
N ARG B 45 -6.12 -11.80 -19.65
CA ARG B 45 -4.86 -12.00 -20.39
C ARG B 45 -4.17 -10.66 -20.68
N GLY B 46 -4.95 -9.58 -20.75
CA GLY B 46 -4.37 -8.26 -20.97
C GLY B 46 -5.39 -7.15 -21.15
N THR B 47 -4.95 -5.93 -20.86
CA THR B 47 -5.70 -4.72 -21.12
C THR B 47 -4.84 -3.79 -21.96
N GLY B 48 -5.44 -3.19 -22.99
CA GLY B 48 -4.72 -2.29 -23.89
C GLY B 48 -5.46 -2.09 -25.18
N ASP B 49 -4.73 -1.63 -26.21
CA ASP B 49 -5.34 -1.38 -27.50
C ASP B 49 -5.41 -2.66 -28.30
N CYS B 50 -6.62 -2.99 -28.73
CA CYS B 50 -6.84 -4.09 -29.65
C CYS B 50 -6.91 -3.50 -31.04
N LYS B 51 -6.00 -3.93 -31.93
CA LYS B 51 -5.96 -3.44 -33.31
C LYS B 51 -6.32 -4.51 -34.33
N PHE B 52 -7.06 -4.12 -35.36
CA PHE B 52 -7.27 -4.95 -36.55
C PHE B 52 -6.27 -4.47 -37.59
N LEU B 53 -5.34 -5.34 -37.96
CA LEU B 53 -4.27 -4.97 -38.88
C LEU B 53 -4.38 -5.75 -40.19
N LYS B 54 -4.43 -5.00 -41.31
CA LYS B 54 -4.43 -5.58 -42.66
C LYS B 54 -3.03 -5.54 -43.28
N ASN B 55 -2.50 -6.71 -43.62
CA ASN B 55 -1.19 -6.82 -44.24
C ASN B 55 -1.23 -6.33 -45.68
N LYS B 56 -0.41 -5.35 -46.00
CA LYS B 56 -0.47 -4.68 -47.29
C LYS B 56 -0.05 -5.57 -48.47
N LYS B 57 0.70 -6.63 -48.19
CA LYS B 57 1.16 -7.59 -49.22
C LYS B 57 0.19 -8.74 -49.46
N THR B 58 -0.40 -9.26 -48.38
CA THR B 58 -1.25 -10.46 -48.47
C THR B 58 -2.72 -10.18 -48.24
N ASN B 59 -3.04 -8.95 -47.83
CA ASN B 59 -4.44 -8.53 -47.61
C ASN B 59 -5.18 -9.26 -46.48
N LYS B 60 -4.45 -10.01 -45.67
CA LYS B 60 -5.05 -10.73 -44.55
C LYS B 60 -5.14 -9.83 -43.33
N VAL B 61 -6.23 -9.95 -42.59
CA VAL B 61 -6.51 -9.14 -41.41
C VAL B 61 -6.39 -9.94 -40.12
N ARG B 62 -5.60 -9.43 -39.18
CA ARG B 62 -5.42 -10.08 -37.90
C ARG B 62 -5.85 -9.18 -36.75
N ILE B 63 -6.10 -9.81 -35.62
CA ILE B 63 -6.19 -9.08 -34.36
C ILE B 63 -4.80 -9.09 -33.75
N LEU B 64 -4.33 -7.91 -33.36
CA LEU B 64 -3.12 -7.79 -32.55
C LEU B 64 -3.38 -6.85 -31.38
N MET B 65 -3.16 -7.38 -30.18
CA MET B 65 -3.41 -6.64 -28.97
C MET B 65 -2.21 -6.76 -28.05
N ARG B 66 -1.82 -5.62 -27.48
CA ARG B 66 -0.66 -5.51 -26.59
C ARG B 66 -1.06 -4.91 -25.25
N ARG B 67 -0.41 -5.39 -24.21
CA ARG B 67 -0.63 -4.88 -22.86
C ARG B 67 -0.06 -3.48 -22.68
N ASP B 68 -0.81 -2.61 -22.02
CA ASP B 68 -0.29 -1.31 -21.65
C ASP B 68 1.02 -1.44 -20.89
N LYS B 69 1.91 -0.48 -21.13
CA LYS B 69 3.17 -0.33 -20.39
C LYS B 69 4.23 -1.38 -20.77
N THR B 70 3.94 -2.67 -20.62
CA THR B 70 4.92 -3.69 -20.99
C THR B 70 4.96 -3.93 -22.50
N LEU B 71 3.85 -3.60 -23.18
CA LEU B 71 3.68 -3.75 -24.64
C LEU B 71 3.75 -5.21 -25.11
N LYS B 72 3.53 -6.13 -24.17
CA LYS B 72 3.56 -7.54 -24.47
C LYS B 72 2.30 -7.95 -25.22
N ILE B 73 2.46 -8.81 -26.21
CA ILE B 73 1.34 -9.29 -27.02
C ILE B 73 0.44 -10.20 -26.20
N CYS B 74 -0.85 -9.86 -26.12
CA CYS B 74 -1.82 -10.72 -25.46
C CYS B 74 -2.83 -11.32 -26.43
N ALA B 75 -2.87 -10.83 -27.67
CA ALA B 75 -3.59 -11.51 -28.75
C ALA B 75 -2.88 -11.31 -30.09
N ASN B 76 -2.78 -12.39 -30.86
CA ASN B 76 -2.21 -12.35 -32.21
C ASN B 76 -2.76 -13.51 -33.05
N HIS B 77 -3.82 -13.24 -33.81
CA HIS B 77 -4.48 -14.28 -34.63
C HIS B 77 -5.25 -13.71 -35.80
N ILE B 78 -5.35 -14.50 -36.86
CA ILE B 78 -6.15 -14.13 -38.02
C ILE B 78 -7.62 -14.05 -37.59
N ILE B 79 -8.31 -13.03 -38.06
CA ILE B 79 -9.75 -12.95 -37.88
C ILE B 79 -10.41 -13.93 -38.87
N ALA B 80 -10.48 -15.19 -38.46
CA ALA B 80 -10.93 -16.25 -39.36
C ALA B 80 -12.40 -16.10 -39.71
N PRO B 81 -12.76 -16.28 -40.99
CA PRO B 81 -14.18 -16.27 -41.40
C PRO B 81 -15.06 -17.28 -40.64
N GLU B 82 -14.46 -18.35 -40.14
CA GLU B 82 -15.22 -19.38 -39.40
C GLU B 82 -15.64 -18.91 -38.01
N TYR B 83 -14.98 -17.89 -37.46
CA TYR B 83 -15.26 -17.47 -36.08
C TYR B 83 -16.62 -16.78 -35.93
N THR B 84 -17.20 -16.90 -34.74
CA THR B 84 -18.51 -16.32 -34.44
C THR B 84 -18.49 -15.68 -33.06
N LEU B 85 -18.80 -14.39 -33.00
CA LEU B 85 -18.84 -13.65 -31.73
C LEU B 85 -20.16 -13.94 -31.01
N LYS B 86 -20.06 -14.34 -29.75
CA LYS B 86 -21.22 -14.74 -28.97
C LYS B 86 -21.30 -13.91 -27.69
N PRO B 87 -22.51 -13.64 -27.19
CA PRO B 87 -22.59 -12.88 -25.94
C PRO B 87 -22.17 -13.71 -24.73
N ASN B 88 -21.66 -13.03 -23.70
CA ASN B 88 -21.45 -13.63 -22.39
C ASN B 88 -22.66 -13.33 -21.52
N VAL B 89 -23.05 -14.31 -20.70
CA VAL B 89 -24.24 -14.17 -19.85
C VAL B 89 -24.22 -12.96 -18.90
N GLY B 90 -23.03 -12.54 -18.47
CA GLY B 90 -22.94 -11.47 -17.48
C GLY B 90 -22.74 -10.07 -18.02
N SER B 91 -22.73 -9.90 -19.34
CA SER B 91 -22.26 -8.65 -19.93
C SER B 91 -23.05 -8.23 -21.16
N ASP B 92 -23.26 -6.92 -21.32
CA ASP B 92 -23.81 -6.38 -22.56
C ASP B 92 -22.76 -5.60 -23.36
N ARG B 93 -21.49 -5.80 -23.02
CA ARG B 93 -20.38 -5.06 -23.62
C ARG B 93 -19.16 -5.96 -23.86
N SER B 94 -19.41 -7.25 -24.11
CA SER B 94 -18.37 -8.24 -24.33
C SER B 94 -18.76 -9.25 -25.42
N TRP B 95 -17.75 -9.86 -26.04
CA TRP B 95 -17.98 -10.99 -26.96
C TRP B 95 -17.12 -12.15 -26.55
N VAL B 96 -17.64 -13.35 -26.74
CA VAL B 96 -16.84 -14.54 -26.56
C VAL B 96 -16.75 -15.30 -27.88
N TYR B 97 -15.58 -15.88 -28.14
CA TYR B 97 -15.36 -16.65 -29.36
C TYR B 97 -14.18 -17.62 -29.25
N ALA B 98 -14.26 -18.72 -30.00
CA ALA B 98 -13.19 -19.72 -30.02
C ALA B 98 -12.17 -19.36 -31.10
N CYS B 99 -10.91 -19.42 -30.71
CA CYS B 99 -9.77 -19.14 -31.60
C CYS B 99 -8.94 -20.41 -31.66
N THR B 100 -8.65 -20.86 -32.88
CA THR B 100 -7.95 -22.12 -33.07
C THR B 100 -6.45 -21.96 -33.07
N ALA B 101 -5.96 -20.75 -33.31
CA ALA B 101 -4.54 -20.52 -33.53
C ALA B 101 -4.07 -19.11 -33.18
N ASP B 102 -3.78 -18.90 -31.90
CA ASP B 102 -3.22 -17.64 -31.38
C ASP B 102 -1.76 -17.86 -30.98
N ILE B 103 -0.89 -16.94 -31.38
CA ILE B 103 0.56 -17.06 -31.12
C ILE B 103 1.13 -15.95 -30.23
N ALA B 104 0.30 -15.34 -29.39
CA ALA B 104 0.77 -14.31 -28.46
C ALA B 104 1.86 -14.83 -27.53
N GLU B 105 1.72 -16.07 -27.07
CA GLU B 105 2.67 -16.71 -26.15
C GLU B 105 3.76 -17.53 -26.84
N GLY B 106 3.64 -17.79 -28.14
CA GLY B 106 4.64 -18.58 -28.86
C GLY B 106 4.03 -19.48 -29.92
N GLU B 107 4.08 -20.79 -29.69
N GLU B 107 4.06 -20.79 -29.69
CA GLU B 107 3.54 -21.74 -30.66
CA GLU B 107 3.54 -21.72 -30.66
C GLU B 107 2.02 -21.63 -30.68
C GLU B 107 2.02 -21.62 -30.68
N ALA B 108 1.44 -21.78 -31.87
CA ALA B 108 -0.02 -21.63 -32.06
C ALA B 108 -0.80 -22.51 -31.10
N GLU B 109 -1.87 -21.93 -30.56
CA GLU B 109 -2.62 -22.59 -29.51
C GLU B 109 -4.07 -22.13 -29.56
N ALA B 110 -4.98 -23.07 -29.27
CA ALA B 110 -6.40 -22.79 -29.29
C ALA B 110 -6.83 -22.21 -27.96
N PHE B 111 -7.77 -21.28 -28.03
CA PHE B 111 -8.29 -20.61 -26.85
C PHE B 111 -9.76 -20.32 -27.04
N THR B 112 -10.47 -20.19 -25.92
CA THR B 112 -11.75 -19.51 -25.91
C THR B 112 -11.51 -18.15 -25.28
N PHE B 113 -11.74 -17.11 -26.07
CA PHE B 113 -11.49 -15.74 -25.67
C PHE B 113 -12.76 -15.03 -25.29
N ALA B 114 -12.64 -14.07 -24.38
CA ALA B 114 -13.68 -13.06 -24.19
C ALA B 114 -13.00 -11.70 -24.22
N ILE B 115 -13.63 -10.75 -24.88
CA ILE B 115 -13.10 -9.42 -24.97
C ILE B 115 -14.18 -8.44 -24.52
N ARG B 116 -13.81 -7.57 -23.57
CA ARG B 116 -14.74 -6.60 -23.00
C ARG B 116 -14.29 -5.16 -23.27
N PHE B 117 -15.28 -4.30 -23.49
CA PHE B 117 -15.02 -2.94 -23.93
C PHE B 117 -15.58 -1.95 -22.91
N GLY B 118 -15.24 -0.67 -23.10
CA GLY B 118 -15.69 0.38 -22.20
C GLY B 118 -17.20 0.61 -22.20
N SER B 119 -17.86 0.22 -23.28
CA SER B 119 -19.28 0.40 -23.41
C SER B 119 -19.88 -0.56 -24.42
N LYS B 120 -21.20 -0.69 -24.36
CA LYS B 120 -21.96 -1.44 -25.35
C LYS B 120 -21.74 -0.95 -26.78
N GLU B 121 -21.65 0.36 -26.94
CA GLU B 121 -21.49 0.99 -28.26
C GLU B 121 -20.17 0.55 -28.88
N ASN B 122 -19.11 0.53 -28.07
CA ASN B 122 -17.81 0.03 -28.53
C ASN B 122 -17.86 -1.44 -28.87
N ALA B 123 -18.51 -2.22 -28.02
CA ALA B 123 -18.67 -3.65 -28.27
C ALA B 123 -19.39 -3.92 -29.61
N ASP B 124 -20.48 -3.19 -29.85
CA ASP B 124 -21.21 -3.34 -31.10
C ASP B 124 -20.38 -2.87 -32.31
N LYS B 125 -19.56 -1.84 -32.14
CA LYS B 125 -18.68 -1.41 -33.21
C LYS B 125 -17.62 -2.48 -33.53
N PHE B 126 -17.03 -3.06 -32.50
CA PHE B 126 -16.05 -4.14 -32.66
C PHE B 126 -16.60 -5.28 -33.52
N LYS B 127 -17.81 -5.70 -33.21
CA LYS B 127 -18.45 -6.83 -33.90
C LYS B 127 -18.66 -6.55 -35.40
N GLU B 128 -19.09 -5.34 -35.71
CA GLU B 128 -19.27 -4.89 -37.10
C GLU B 128 -17.92 -4.91 -37.84
N GLU B 129 -16.89 -4.39 -37.18
CA GLU B 129 -15.55 -4.35 -37.76
C GLU B 129 -14.96 -5.75 -37.89
N PHE B 130 -15.25 -6.59 -36.89
CA PHE B 130 -14.81 -7.98 -36.87
C PHE B 130 -15.37 -8.71 -38.08
N GLU B 131 -16.65 -8.50 -38.32
CA GLU B 131 -17.33 -9.16 -39.43
C GLU B 131 -16.91 -8.60 -40.79
N LYS B 132 -16.67 -7.30 -40.86
CA LYS B 132 -16.08 -6.71 -42.08
C LYS B 132 -14.73 -7.37 -42.37
N ALA B 133 -13.87 -7.43 -41.36
CA ALA B 133 -12.56 -8.07 -41.51
C ALA B 133 -12.67 -9.51 -41.96
N GLN B 134 -13.67 -10.23 -41.45
CA GLN B 134 -13.90 -11.60 -41.90
C GLN B 134 -14.17 -11.67 -43.40
N GLU B 135 -14.94 -10.72 -43.93
CA GLU B 135 -15.25 -10.69 -45.36
C GLU B 135 -14.00 -10.38 -46.17
N ILE B 136 -13.11 -9.55 -45.63
CA ILE B 136 -11.84 -9.27 -46.29
C ILE B 136 -11.00 -10.54 -46.37
N ASN B 137 -10.94 -11.29 -45.27
CA ASN B 137 -10.18 -12.54 -45.23
C ASN B 137 -10.76 -13.62 -46.13
N LYS B 138 -12.05 -13.54 -46.43
CA LYS B 138 -12.67 -14.45 -47.40
C LYS B 138 -12.16 -14.25 -48.84
N LYS B 139 -11.99 -12.99 -49.27
CA LYS B 139 -11.64 -12.67 -50.66
C LYS B 139 -10.46 -13.48 -51.16
N GLY C 2 12.07 -41.02 -6.29
CA GLY C 2 13.29 -40.47 -6.96
C GLY C 2 14.54 -40.54 -6.09
N SER C 3 15.69 -40.52 -6.74
CA SER C 3 16.98 -40.69 -6.05
C SER C 3 17.36 -39.54 -5.12
N MET C 4 16.95 -38.32 -5.46
CA MET C 4 17.25 -37.16 -4.61
C MET C 4 16.65 -37.34 -3.20
N GLU C 5 15.58 -38.13 -3.09
CA GLU C 5 14.91 -38.34 -1.80
C GLU C 5 15.73 -39.14 -0.79
N GLY C 6 16.82 -39.76 -1.23
CA GLY C 6 17.69 -40.55 -0.34
C GLY C 6 18.16 -39.83 0.91
N ILE C 7 18.43 -38.53 0.77
CA ILE C 7 18.92 -37.75 1.90
C ILE C 7 17.90 -37.63 3.03
N LEU C 8 16.63 -37.93 2.76
CA LEU C 8 15.58 -37.87 3.78
C LEU C 8 15.51 -39.12 4.66
N ASP C 9 16.18 -40.19 4.24
CA ASP C 9 16.20 -41.45 4.99
C ASP C 9 17.32 -41.41 6.04
N PHE C 10 16.96 -41.10 7.27
CA PHE C 10 17.94 -40.95 8.36
C PHE C 10 18.37 -42.30 8.96
N SER C 11 17.69 -43.38 8.59
CA SER C 11 18.09 -44.72 9.03
C SER C 11 19.39 -45.16 8.36
N ASN C 12 19.72 -44.53 7.23
CA ASN C 12 21.01 -44.70 6.57
C ASN C 12 21.91 -43.49 6.80
N ASP C 13 23.20 -43.68 6.54
CA ASP C 13 24.18 -42.61 6.60
C ASP C 13 23.89 -41.56 5.55
N LEU C 14 24.15 -40.29 5.86
CA LEU C 14 23.93 -39.21 4.90
C LEU C 14 24.95 -39.27 3.77
N ASP C 15 24.46 -39.41 2.55
CA ASP C 15 25.30 -39.36 1.36
C ASP C 15 25.55 -37.88 1.03
N ILE C 16 26.71 -37.38 1.45
CA ILE C 16 27.00 -35.94 1.27
C ILE C 16 27.06 -35.56 -0.20
N ALA C 17 27.63 -36.44 -1.03
CA ALA C 17 27.67 -36.22 -2.47
C ALA C 17 26.25 -36.06 -3.04
N LEU C 18 25.31 -36.88 -2.56
CA LEU C 18 23.93 -36.79 -2.99
C LEU C 18 23.34 -35.46 -2.52
N LEU C 19 23.63 -35.08 -1.28
CA LEU C 19 23.19 -33.78 -0.76
C LEU C 19 23.68 -32.64 -1.65
N ASP C 20 24.97 -32.66 -2.01
CA ASP C 20 25.52 -31.62 -2.88
C ASP C 20 24.81 -31.60 -4.24
N GLN C 21 24.46 -32.77 -4.77
CA GLN C 21 23.68 -32.82 -6.03
C GLN C 21 22.28 -32.23 -5.89
N VAL C 22 21.60 -32.52 -4.78
CA VAL C 22 20.27 -31.99 -4.57
C VAL C 22 20.33 -30.48 -4.45
N VAL C 23 21.31 -30.00 -3.69
CA VAL C 23 21.52 -28.57 -3.49
C VAL C 23 21.82 -27.89 -4.85
N SER C 24 22.73 -28.46 -5.63
CA SER C 24 23.09 -27.92 -6.96
C SER C 24 21.90 -27.89 -7.88
N THR C 25 21.13 -28.96 -7.86
CA THR C 25 19.90 -29.03 -8.65
C THR C 25 18.96 -27.89 -8.28
N PHE C 26 18.84 -27.60 -6.99
CA PHE C 26 17.95 -26.53 -6.57
C PHE C 26 18.44 -25.14 -6.96
N TYR C 27 19.69 -24.83 -6.67
CA TYR C 27 20.20 -23.50 -6.94
C TYR C 27 20.53 -23.23 -8.41
N GLN C 28 21.07 -24.23 -9.09
CA GLN C 28 21.51 -24.08 -10.49
C GLN C 28 20.59 -24.70 -11.53
N GLY C 29 19.67 -25.57 -11.11
CA GLY C 29 18.78 -26.24 -12.05
C GLY C 29 17.55 -25.42 -12.39
N SER C 30 16.55 -26.08 -12.98
CA SER C 30 15.34 -25.38 -13.38
C SER C 30 14.16 -26.33 -13.45
N GLY C 31 12.97 -25.74 -13.61
CA GLY C 31 11.76 -26.48 -13.89
C GLY C 31 11.41 -27.48 -12.81
N VAL C 32 11.07 -28.68 -13.26
CA VAL C 32 10.53 -29.71 -12.37
C VAL C 32 11.58 -30.23 -11.39
N GLN C 33 12.78 -30.50 -11.90
CA GLN C 33 13.89 -30.96 -11.08
C GLN C 33 14.22 -30.00 -9.95
N GLN C 34 14.26 -28.71 -10.26
CA GLN C 34 14.49 -27.69 -9.27
C GLN C 34 13.40 -27.70 -8.21
N LYS C 35 12.15 -27.84 -8.66
CA LYS C 35 11.00 -27.83 -7.75
C LYS C 35 11.04 -29.03 -6.81
N GLN C 36 11.35 -30.20 -7.35
CA GLN C 36 11.48 -31.40 -6.53
C GLN C 36 12.62 -31.28 -5.51
N ALA C 37 13.76 -30.76 -5.94
CA ALA C 37 14.90 -30.56 -5.04
C ALA C 37 14.57 -29.60 -3.89
N GLN C 38 13.88 -28.50 -4.20
CA GLN C 38 13.45 -27.56 -3.18
C GLN C 38 12.63 -28.26 -2.10
N GLU C 39 11.69 -29.10 -2.51
CA GLU C 39 10.79 -29.76 -1.56
C GLU C 39 11.58 -30.71 -0.66
N ILE C 40 12.51 -31.42 -1.27
CA ILE C 40 13.39 -32.34 -0.56
C ILE C 40 14.27 -31.62 0.46
N LEU C 41 14.85 -30.49 0.06
CA LEU C 41 15.71 -29.73 0.95
C LEU C 41 14.97 -29.14 2.13
N THR C 42 13.75 -28.67 1.89
CA THR C 42 12.93 -28.13 2.95
C THR C 42 12.63 -29.22 3.95
N LYS C 43 12.25 -30.40 3.45
CA LYS C 43 11.98 -31.54 4.32
C LYS C 43 13.24 -31.94 5.11
N PHE C 44 14.38 -31.92 4.44
CA PHE C 44 15.64 -32.21 5.09
C PHE C 44 15.88 -31.21 6.21
N GLN C 45 15.80 -29.92 5.88
CA GLN C 45 16.02 -28.85 6.83
C GLN C 45 15.10 -28.99 8.04
N ASP C 46 13.84 -29.32 7.79
CA ASP C 46 12.84 -29.36 8.85
C ASP C 46 12.94 -30.60 9.74
N ASN C 47 13.72 -31.60 9.35
CA ASN C 47 13.86 -32.78 10.19
C ASN C 47 14.47 -32.37 11.52
N PRO C 48 13.79 -32.66 12.64
CA PRO C 48 14.34 -32.18 13.91
C PRO C 48 15.66 -32.81 14.34
N ASP C 49 16.13 -33.85 13.64
CA ASP C 49 17.45 -34.42 13.88
C ASP C 49 18.49 -33.96 12.84
N ALA C 50 18.08 -33.13 11.90
CA ALA C 50 18.97 -32.70 10.82
C ALA C 50 20.21 -31.98 11.34
N TRP C 51 20.07 -31.26 12.45
CA TRP C 51 21.20 -30.57 13.07
C TRP C 51 22.37 -31.50 13.38
N GLN C 52 22.06 -32.76 13.66
CA GLN C 52 23.09 -33.74 13.96
C GLN C 52 23.96 -34.07 12.74
N LYS C 53 23.51 -33.70 11.54
CA LYS C 53 24.28 -33.94 10.33
C LYS C 53 25.14 -32.74 9.97
N ALA C 54 24.94 -31.61 10.66
CA ALA C 54 25.57 -30.35 10.29
C ALA C 54 27.11 -30.41 10.30
N ASP C 55 27.67 -31.06 11.31
CA ASP C 55 29.14 -31.22 11.38
C ASP C 55 29.67 -31.98 10.14
N GLN C 56 29.08 -33.12 9.84
CA GLN C 56 29.46 -33.93 8.67
C GLN C 56 29.37 -33.12 7.35
N ILE C 57 28.31 -32.35 7.19
CA ILE C 57 28.16 -31.53 5.99
C ILE C 57 29.31 -30.52 5.89
N LEU C 58 29.53 -29.81 6.98
CA LEU C 58 30.55 -28.77 7.01
C LEU C 58 31.94 -29.35 6.73
N GLN C 59 32.17 -30.59 7.17
CA GLN C 59 33.47 -31.25 6.96
C GLN C 59 33.68 -31.78 5.55
N PHE C 60 32.66 -32.42 4.98
CA PHE C 60 32.86 -33.21 3.76
C PHE C 60 32.24 -32.62 2.49
N SER C 61 31.32 -31.68 2.63
CA SER C 61 30.68 -31.05 1.47
C SER C 61 31.67 -30.20 0.68
N THR C 62 31.45 -30.18 -0.64
CA THR C 62 32.22 -29.34 -1.52
C THR C 62 31.34 -28.27 -2.16
N ASN C 63 30.15 -28.07 -1.58
CA ASN C 63 29.17 -27.13 -2.08
C ASN C 63 28.88 -26.12 -0.98
N PRO C 64 29.28 -24.87 -1.18
CA PRO C 64 29.08 -23.83 -0.17
C PRO C 64 27.62 -23.61 0.22
N GLN C 65 26.70 -23.81 -0.72
CA GLN C 65 25.28 -23.68 -0.42
C GLN C 65 24.83 -24.79 0.53
N SER C 66 25.36 -26.00 0.37
CA SER C 66 25.08 -27.09 1.33
C SER C 66 25.46 -26.68 2.75
N LYS C 67 26.63 -26.07 2.87
CA LYS C 67 27.12 -25.63 4.17
C LYS C 67 26.31 -24.46 4.73
N PHE C 68 25.84 -23.58 3.87
CA PHE C 68 24.94 -22.49 4.29
C PHE C 68 23.69 -23.11 4.90
N ILE C 69 23.12 -24.09 4.20
CA ILE C 69 21.89 -24.77 4.65
C ILE C 69 22.13 -25.46 5.97
N ALA C 70 23.30 -26.10 6.10
CA ALA C 70 23.70 -26.69 7.37
C ALA C 70 23.64 -25.67 8.51
N LEU C 71 24.12 -24.46 8.25
CA LEU C 71 24.13 -23.40 9.24
C LEU C 71 22.75 -22.88 9.56
N SER C 72 21.87 -22.83 8.56
CA SER C 72 20.47 -22.47 8.78
C SER C 72 19.81 -23.49 9.72
N ILE C 73 20.12 -24.76 9.52
CA ILE C 73 19.61 -25.83 10.38
C ILE C 73 20.06 -25.58 11.82
N LEU C 74 21.35 -25.29 11.98
CA LEU C 74 21.89 -24.99 13.30
C LEU C 74 21.24 -23.74 13.92
N ASP C 75 21.07 -22.68 13.12
CA ASP C 75 20.45 -21.43 13.58
C ASP C 75 19.06 -21.70 14.16
N LYS C 76 18.28 -22.53 13.48
CA LYS C 76 16.93 -22.91 13.94
C LYS C 76 17.03 -23.60 15.31
N LEU C 77 17.98 -24.51 15.44
CA LEU C 77 18.21 -25.24 16.69
C LEU C 77 18.60 -24.29 17.80
N ILE C 78 19.55 -23.42 17.51
CA ILE C 78 20.08 -22.50 18.51
C ILE C 78 19.01 -21.52 18.99
N THR C 79 18.21 -21.03 18.06
CA THR C 79 17.27 -19.98 18.39
C THR C 79 16.04 -20.52 19.10
N ARG C 80 15.69 -21.79 18.86
CA ARG C 80 14.44 -22.35 19.39
C ARG C 80 14.60 -23.45 20.44
N LYS C 81 15.68 -24.25 20.38
CA LYS C 81 15.80 -25.46 21.20
C LYS C 81 17.15 -25.60 21.93
N TRP C 82 17.95 -24.55 21.95
CA TRP C 82 19.30 -24.61 22.53
C TRP C 82 19.32 -25.20 23.94
N LYS C 83 18.38 -24.79 24.78
CA LYS C 83 18.38 -25.24 26.18
C LYS C 83 17.79 -26.64 26.37
N LEU C 84 17.21 -27.19 25.31
CA LEU C 84 16.77 -28.61 25.27
C LEU C 84 17.97 -29.57 25.14
N LEU C 85 19.08 -29.06 24.61
CA LEU C 85 20.24 -29.90 24.31
C LEU C 85 20.99 -30.30 25.56
N PRO C 86 21.53 -31.53 25.60
CA PRO C 86 22.54 -31.87 26.62
C PRO C 86 23.70 -30.89 26.54
N ASN C 87 24.37 -30.65 27.67
CA ASN C 87 25.43 -29.64 27.69
C ASN C 87 26.62 -29.94 26.76
N ASP C 88 26.94 -31.21 26.58
CA ASP C 88 28.03 -31.61 25.67
C ASP C 88 27.73 -31.26 24.22
N HIS C 89 26.46 -31.34 23.81
CA HIS C 89 26.10 -30.93 22.45
C HIS C 89 26.20 -29.42 22.28
N ARG C 90 25.93 -28.66 23.34
CA ARG C 90 26.11 -27.20 23.27
C ARG C 90 27.58 -26.80 23.11
N ILE C 91 28.44 -27.46 23.86
CA ILE C 91 29.89 -27.23 23.76
C ILE C 91 30.42 -27.62 22.38
N GLY C 92 30.01 -28.80 21.93
CA GLY C 92 30.43 -29.33 20.63
C GLY C 92 30.06 -28.39 19.49
N ILE C 93 28.83 -27.89 19.52
CA ILE C 93 28.34 -27.01 18.46
C ILE C 93 29.11 -25.69 18.49
N ARG C 94 29.27 -25.12 19.68
CA ARG C 94 30.07 -23.91 19.83
C ARG C 94 31.46 -24.14 19.23
N ASN C 95 32.09 -25.24 19.61
CA ASN C 95 33.43 -25.53 19.15
C ASN C 95 33.53 -25.69 17.64
N PHE C 96 32.60 -26.38 16.99
CA PHE C 96 32.80 -26.57 15.55
C PHE C 96 32.42 -25.32 14.73
N VAL C 97 31.52 -24.49 15.24
CA VAL C 97 31.22 -23.21 14.62
C VAL C 97 32.41 -22.27 14.72
N VAL C 98 32.93 -22.12 15.93
CA VAL C 98 34.14 -21.30 16.15
C VAL C 98 35.31 -21.80 15.28
N GLY C 99 35.47 -23.12 15.22
CA GLY C 99 36.59 -23.73 14.49
C GLY C 99 36.48 -23.51 13.00
N MET C 100 35.27 -23.63 12.47
CA MET C 100 35.02 -23.41 11.04
C MET C 100 35.34 -21.97 10.65
N ILE C 101 34.88 -21.03 11.48
CA ILE C 101 35.17 -19.61 11.24
C ILE C 101 36.68 -19.38 11.20
N ILE C 102 37.40 -19.87 12.21
CA ILE C 102 38.86 -19.75 12.27
C ILE C 102 39.51 -20.35 11.03
N SER C 103 39.10 -21.56 10.68
CA SER C 103 39.62 -22.26 9.51
C SER C 103 39.41 -21.53 8.17
N MET C 104 38.24 -20.91 8.01
N MET C 104 38.24 -20.92 8.01
CA MET C 104 37.93 -20.19 6.78
CA MET C 104 37.90 -20.17 6.80
C MET C 104 38.65 -18.83 6.68
C MET C 104 38.71 -18.87 6.70
N CYS C 105 38.92 -18.22 7.84
CA CYS C 105 39.67 -16.97 7.89
C CYS C 105 41.18 -17.16 7.67
N GLN C 106 41.71 -18.31 8.08
CA GLN C 106 43.16 -18.55 7.94
C GLN C 106 43.60 -19.03 6.55
N ASP C 107 42.64 -19.46 5.73
CA ASP C 107 42.89 -19.79 4.33
C ASP C 107 42.46 -18.60 3.47
N ASP C 108 43.43 -17.90 2.89
CA ASP C 108 43.17 -16.64 2.16
C ASP C 108 42.21 -16.80 0.97
N GLU C 109 42.34 -17.91 0.24
CA GLU C 109 41.53 -18.15 -0.95
C GLU C 109 40.07 -18.34 -0.54
N VAL C 110 39.85 -19.04 0.58
CA VAL C 110 38.50 -19.26 1.12
C VAL C 110 37.92 -17.95 1.65
N PHE C 111 38.73 -17.20 2.39
CA PHE C 111 38.30 -15.91 2.91
C PHE C 111 37.94 -14.93 1.79
N LYS C 112 38.64 -15.02 0.66
CA LYS C 112 38.36 -14.15 -0.48
C LYS C 112 37.08 -14.56 -1.19
N THR C 113 36.90 -15.86 -1.36
CA THR C 113 35.88 -16.36 -2.29
C THR C 113 34.59 -16.87 -1.64
N GLN C 114 34.57 -17.06 -0.32
CA GLN C 114 33.38 -17.61 0.36
C GLN C 114 32.77 -16.63 1.36
N LYS C 115 32.65 -15.36 0.98
CA LYS C 115 32.12 -14.33 1.89
C LYS C 115 30.72 -14.66 2.41
N ASN C 116 29.84 -15.17 1.54
CA ASN C 116 28.48 -15.55 1.94
C ASN C 116 28.48 -16.56 3.07
N LEU C 117 29.32 -17.58 2.94
CA LEU C 117 29.37 -18.66 3.93
C LEU C 117 29.96 -18.19 5.25
N ILE C 118 30.98 -17.35 5.18
CA ILE C 118 31.60 -16.78 6.39
C ILE C 118 30.64 -15.82 7.11
N ASN C 119 29.95 -14.96 6.36
CA ASN C 119 28.92 -14.10 6.99
C ASN C 119 27.85 -14.91 7.71
N LYS C 120 27.41 -15.99 7.07
CA LYS C 120 26.40 -16.86 7.68
C LYS C 120 26.93 -17.55 8.93
N SER C 121 28.18 -17.99 8.87
CA SER C 121 28.87 -18.56 10.04
C SER C 121 28.94 -17.58 11.19
N ASP C 122 29.27 -16.33 10.88
CA ASP C 122 29.37 -15.26 11.87
C ASP C 122 28.04 -15.00 12.56
N LEU C 123 26.98 -14.94 11.77
CA LEU C 123 25.63 -14.73 12.31
C LEU C 123 25.24 -15.91 13.20
N THR C 124 25.59 -17.12 12.77
CA THR C 124 25.31 -18.33 13.56
C THR C 124 26.03 -18.28 14.90
N LEU C 125 27.29 -17.84 14.88
CA LEU C 125 28.04 -17.59 16.12
C LEU C 125 27.33 -16.59 17.02
N VAL C 126 26.85 -15.49 16.42
CA VAL C 126 26.14 -14.46 17.19
C VAL C 126 24.86 -15.02 17.85
N GLN C 127 24.19 -15.98 17.20
CA GLN C 127 23.04 -16.65 17.81
CA GLN C 127 23.03 -16.64 17.81
C GLN C 127 23.47 -17.42 19.05
N ILE C 128 24.67 -18.01 19.02
CA ILE C 128 25.17 -18.72 20.20
C ILE C 128 25.49 -17.72 21.31
N LEU C 129 26.10 -16.59 20.94
CA LEU C 129 26.39 -15.55 21.90
C LEU C 129 25.12 -15.07 22.62
N LYS C 130 24.03 -14.91 21.87
CA LYS C 130 22.77 -14.45 22.43
C LYS C 130 22.31 -15.39 23.55
N GLN C 131 22.60 -16.68 23.38
CA GLN C 131 22.23 -17.71 24.36
C GLN C 131 23.23 -17.84 25.50
N GLU C 132 24.52 -17.69 25.18
CA GLU C 132 25.59 -18.11 26.09
C GLU C 132 26.41 -17.01 26.74
N TRP C 133 26.38 -15.81 26.16
CA TRP C 133 27.33 -14.73 26.49
C TRP C 133 26.66 -13.60 27.24
N PRO C 134 27.34 -13.03 28.25
CA PRO C 134 28.67 -13.36 28.80
C PRO C 134 28.66 -14.38 29.95
N GLN C 135 27.49 -14.69 30.48
CA GLN C 135 27.38 -15.54 31.67
C GLN C 135 28.13 -16.88 31.54
N ASN C 136 28.10 -17.50 30.37
CA ASN C 136 28.80 -18.78 30.14
C ASN C 136 29.89 -18.66 29.04
N TRP C 137 30.35 -17.43 28.80
CA TRP C 137 31.43 -17.18 27.83
C TRP C 137 32.08 -15.85 28.15
N PRO C 138 32.55 -15.66 29.40
CA PRO C 138 32.98 -14.32 29.84
C PRO C 138 34.16 -13.74 29.08
N GLU C 139 34.99 -14.60 28.51
CA GLU C 139 36.23 -14.15 27.86
CA GLU C 139 36.24 -14.24 27.85
C GLU C 139 36.10 -13.91 26.37
N PHE C 140 34.89 -13.95 25.83
CA PHE C 140 34.70 -13.84 24.40
C PHE C 140 35.30 -12.55 23.82
N ILE C 141 34.94 -11.41 24.40
CA ILE C 141 35.42 -10.12 23.89
C ILE C 141 36.94 -9.99 24.03
N PRO C 142 37.48 -10.22 25.23
CA PRO C 142 38.95 -10.13 25.36
C PRO C 142 39.70 -11.02 24.38
N GLU C 143 39.23 -12.24 24.19
CA GLU C 143 39.90 -13.15 23.26
C GLU C 143 39.72 -12.72 21.80
N LEU C 144 38.56 -12.16 21.47
CA LEU C 144 38.33 -11.62 20.13
C LEU C 144 39.29 -10.45 19.89
N ILE C 145 39.39 -9.56 20.86
CA ILE C 145 40.33 -8.45 20.76
C ILE C 145 41.76 -8.96 20.55
N GLY C 146 42.17 -9.94 21.36
CA GLY C 146 43.50 -10.52 21.24
C GLY C 146 43.73 -11.17 19.90
N SER C 147 42.77 -11.97 19.44
CA SER C 147 42.88 -12.67 18.16
CA SER C 147 42.89 -12.67 18.16
C SER C 147 43.03 -11.70 17.00
N SER C 148 42.45 -10.51 17.13
CA SER C 148 42.49 -9.53 16.05
C SER C 148 43.90 -9.14 15.63
N SER C 149 44.84 -9.13 16.58
CA SER C 149 46.24 -8.80 16.27
C SER C 149 46.99 -9.89 15.50
N SER C 150 46.53 -11.14 15.60
CA SER C 150 47.27 -12.26 14.99
C SER C 150 47.15 -12.30 13.47
N SER C 151 46.08 -11.71 12.91
CA SER C 151 45.75 -11.89 11.51
C SER C 151 44.83 -10.80 11.01
N VAL C 152 45.10 -10.32 9.80
CA VAL C 152 44.30 -9.27 9.20
C VAL C 152 42.92 -9.80 8.81
N ASN C 153 42.86 -11.04 8.33
CA ASN C 153 41.59 -11.68 7.99
C ASN C 153 40.73 -11.87 9.24
N VAL C 154 41.32 -12.38 10.31
CA VAL C 154 40.58 -12.57 11.57
C VAL C 154 40.10 -11.22 12.10
N CYS C 155 40.97 -10.20 12.07
CA CYS C 155 40.57 -8.88 12.54
C CYS C 155 39.35 -8.33 11.77
N GLU C 156 39.39 -8.46 10.44
CA GLU C 156 38.29 -7.99 9.62
C GLU C 156 37.00 -8.73 9.94
N ASN C 157 37.12 -10.05 10.01
CA ASN C 157 35.96 -10.87 10.31
C ASN C 157 35.39 -10.58 11.69
N ASN C 158 36.26 -10.29 12.65
CA ASN C 158 35.83 -9.92 13.99
C ASN C 158 34.98 -8.67 13.99
N MET C 159 35.29 -7.74 13.09
CA MET C 159 34.49 -6.54 12.91
C MET C 159 33.07 -6.89 12.41
N ILE C 160 32.97 -7.90 11.56
CA ILE C 160 31.67 -8.38 11.04
C ILE C 160 30.86 -9.02 12.18
N VAL C 161 31.53 -9.85 12.98
CA VAL C 161 30.87 -10.46 14.13
C VAL C 161 30.34 -9.40 15.10
N LEU C 162 31.17 -8.40 15.41
CA LEU C 162 30.76 -7.33 16.32
C LEU C 162 29.64 -6.46 15.77
N LYS C 163 29.68 -6.17 14.46
CA LYS C 163 28.58 -5.48 13.78
C LYS C 163 27.27 -6.24 13.96
N LEU C 164 27.29 -7.53 13.63
CA LEU C 164 26.09 -8.37 13.75
C LEU C 164 25.59 -8.45 15.20
N LEU C 165 26.52 -8.61 16.14
CA LEU C 165 26.17 -8.63 17.57
C LEU C 165 25.46 -7.34 18.00
N SER C 166 26.00 -6.19 17.61
CA SER C 166 25.40 -4.91 17.94
C SER C 166 23.98 -4.79 17.35
N GLU C 167 23.82 -5.19 16.10
CA GLU C 167 22.50 -5.22 15.44
C GLU C 167 21.51 -6.09 16.20
N GLU C 168 21.95 -7.29 16.59
CA GLU C 168 21.04 -8.24 17.23
C GLU C 168 20.64 -7.79 18.63
N VAL C 169 21.53 -7.07 19.29
CA VAL C 169 21.31 -6.62 20.66
C VAL C 169 20.56 -5.27 20.73
N PHE C 170 20.94 -4.32 19.89
CA PHE C 170 20.39 -2.97 19.96
C PHE C 170 19.36 -2.63 18.89
N ASP C 171 19.50 -3.18 17.69
CA ASP C 171 18.63 -2.78 16.58
C ASP C 171 17.44 -3.71 16.38
N PHE C 172 17.61 -4.99 16.70
CA PHE C 172 16.57 -5.98 16.40
C PHE C 172 16.13 -6.85 17.58
N SER C 173 16.40 -6.40 18.80
CA SER C 173 16.07 -7.16 19.99
C SER C 173 14.62 -6.95 20.46
N ALA C 174 14.04 -5.79 20.16
CA ALA C 174 12.72 -5.43 20.71
C ALA C 174 11.67 -6.51 20.46
N GLU C 175 11.64 -7.05 19.25
CA GLU C 175 10.65 -8.08 18.91
C GLU C 175 11.06 -9.50 19.28
N GLN C 176 12.36 -9.72 19.46
CA GLN C 176 12.92 -11.07 19.46
C GLN C 176 13.38 -11.58 20.83
N MET C 177 13.43 -10.70 21.83
CA MET C 177 13.90 -11.06 23.16
C MET C 177 12.98 -10.49 24.20
N THR C 178 12.98 -11.07 25.38
CA THR C 178 12.21 -10.50 26.46
C THR C 178 12.86 -9.18 26.88
N GLN C 179 12.09 -8.34 27.54
CA GLN C 179 12.61 -7.08 28.06
C GLN C 179 13.84 -7.35 28.93
N ALA C 180 13.77 -8.38 29.79
CA ALA C 180 14.87 -8.69 30.70
C ALA C 180 16.12 -9.16 29.97
N LYS C 181 15.96 -10.01 28.96
CA LYS C 181 17.12 -10.52 28.23
C LYS C 181 17.76 -9.42 27.39
N ALA C 182 16.94 -8.58 26.75
CA ALA C 182 17.46 -7.44 26.00
C ALA C 182 18.28 -6.51 26.90
N LEU C 183 17.77 -6.22 28.10
CA LEU C 183 18.51 -5.37 29.03
C LEU C 183 19.86 -6.02 29.40
N HIS C 184 19.85 -7.31 29.68
CA HIS C 184 21.05 -8.06 30.03
C HIS C 184 22.12 -7.97 28.95
N LEU C 185 21.73 -8.21 27.70
CA LEU C 185 22.68 -8.16 26.59
C LEU C 185 23.15 -6.74 26.29
N LYS C 186 22.26 -5.76 26.39
CA LYS C 186 22.64 -4.36 26.18
C LYS C 186 23.64 -3.90 27.24
N ASN C 187 23.36 -4.20 28.50
CA ASN C 187 24.28 -3.91 29.60
C ASN C 187 25.62 -4.61 29.45
N SER C 188 25.58 -5.84 28.97
CA SER C 188 26.80 -6.62 28.77
C SER C 188 27.67 -6.02 27.67
N MET C 189 27.07 -5.61 26.56
CA MET C 189 27.83 -4.97 25.49
C MET C 189 28.37 -3.63 25.95
N SER C 190 27.55 -2.88 26.69
CA SER C 190 27.94 -1.59 27.20
CA SER C 190 27.95 -1.59 27.21
C SER C 190 29.16 -1.69 28.12
N LYS C 191 29.17 -2.72 28.98
CA LYS C 191 30.22 -2.89 29.97
C LYS C 191 31.57 -3.20 29.36
N GLU C 192 31.59 -3.70 28.13
CA GLU C 192 32.86 -4.05 27.48
C GLU C 192 33.17 -3.18 26.28
N PHE C 193 32.36 -2.16 26.04
CA PHE C 193 32.55 -1.38 24.83
C PHE C 193 33.84 -0.57 24.84
N GLU C 194 34.30 -0.16 26.01
CA GLU C 194 35.54 0.59 26.13
C GLU C 194 36.67 -0.11 25.35
N GLN C 195 36.72 -1.42 25.52
CA GLN C 195 37.78 -2.20 24.90
CA GLN C 195 37.76 -2.25 24.93
C GLN C 195 37.48 -2.44 23.42
N ILE C 196 36.22 -2.62 23.07
CA ILE C 196 35.83 -2.75 21.68
C ILE C 196 36.21 -1.50 20.89
N PHE C 197 35.92 -0.33 21.47
CA PHE C 197 36.20 0.94 20.80
C PHE C 197 37.69 1.14 20.61
N LYS C 198 38.47 0.75 21.60
CA LYS C 198 39.93 0.83 21.53
C LYS C 198 40.46 0.10 20.29
N LEU C 199 39.97 -1.12 20.07
CA LEU C 199 40.33 -1.90 18.87
C LEU C 199 39.90 -1.17 17.59
N CYS C 200 38.65 -0.75 17.55
CA CYS C 200 38.14 -0.03 16.40
CA CYS C 200 38.07 0.00 16.43
C CYS C 200 38.94 1.22 16.09
N PHE C 201 39.19 2.05 17.10
CA PHE C 201 39.93 3.27 16.87
C PHE C 201 41.37 2.99 16.43
N GLN C 202 42.00 1.96 16.98
CA GLN C 202 43.38 1.61 16.60
C GLN C 202 43.45 1.23 15.14
N VAL C 203 42.54 0.36 14.73
CA VAL C 203 42.47 -0.07 13.33
C VAL C 203 42.29 1.14 12.40
N LEU C 204 41.36 2.02 12.75
CA LEU C 204 41.08 3.20 11.93
C LEU C 204 42.28 4.12 11.87
N GLU C 205 42.98 4.26 12.99
CA GLU C 205 44.23 5.04 13.03
C GLU C 205 45.33 4.47 12.12
N GLN C 206 45.53 3.15 12.14
CA GLN C 206 46.68 2.52 11.47
C GLN C 206 46.39 1.96 10.08
N GLY C 207 45.28 2.35 9.46
CA GLY C 207 44.96 1.91 8.10
C GLY C 207 44.40 3.06 7.26
N SER C 208 44.01 2.77 6.01
CA SER C 208 43.64 3.82 5.02
C SER C 208 42.38 3.53 4.19
N SER C 209 42.44 2.49 3.36
CA SER C 209 41.41 2.17 2.36
C SER C 209 41.02 0.67 2.35
N SER C 210 41.52 -0.07 3.33
CA SER C 210 41.42 -1.52 3.39
C SER C 210 39.97 -2.04 3.42
N SER C 211 39.80 -3.29 3.06
CA SER C 211 38.56 -3.99 3.37
C SER C 211 38.41 -4.05 4.89
N LEU C 212 39.53 -4.12 5.61
CA LEU C 212 39.48 -4.07 7.08
C LEU C 212 38.92 -2.74 7.59
N ILE C 213 39.37 -1.64 7.01
CA ILE C 213 38.87 -0.31 7.38
C ILE C 213 37.37 -0.20 7.11
N VAL C 214 36.94 -0.63 5.92
CA VAL C 214 35.53 -0.57 5.57
C VAL C 214 34.70 -1.37 6.58
N ALA C 215 35.12 -2.58 6.89
CA ALA C 215 34.42 -3.43 7.89
C ALA C 215 34.35 -2.76 9.26
N THR C 216 35.45 -2.11 9.66
CA THR C 216 35.50 -1.44 10.95
C THR C 216 34.49 -0.29 10.96
N LEU C 217 34.45 0.47 9.87
CA LEU C 217 33.53 1.58 9.74
C LEU C 217 32.07 1.09 9.70
N GLU C 218 31.83 -0.05 9.06
CA GLU C 218 30.49 -0.64 9.04
C GLU C 218 30.06 -0.98 10.47
N SER C 219 30.98 -1.48 11.29
CA SER C 219 30.67 -1.77 12.70
C SER C 219 30.41 -0.47 13.49
N LEU C 220 31.21 0.55 13.22
CA LEU C 220 31.02 1.85 13.86
C LEU C 220 29.63 2.44 13.58
N LEU C 221 29.16 2.29 12.35
CA LEU C 221 27.83 2.78 12.00
C LEU C 221 26.80 2.21 12.96
N ARG C 222 26.90 0.92 13.25
CA ARG C 222 25.96 0.29 14.18
C ARG C 222 26.14 0.81 15.62
N TYR C 223 27.38 0.94 16.06
CA TYR C 223 27.65 1.41 17.42
C TYR C 223 27.06 2.78 17.65
N LEU C 224 27.10 3.61 16.61
CA LEU C 224 26.61 4.98 16.73
C LEU C 224 25.13 5.05 17.09
N HIS C 225 24.39 3.95 16.88
CA HIS C 225 22.99 3.89 17.28
C HIS C 225 22.80 4.00 18.79
N TRP C 226 23.82 3.63 19.58
CA TRP C 226 23.63 3.49 21.02
C TRP C 226 24.76 3.96 21.93
N ILE C 227 25.97 4.09 21.41
CA ILE C 227 27.10 4.43 22.29
C ILE C 227 27.04 5.86 22.84
N PRO C 228 27.62 6.10 24.03
CA PRO C 228 27.71 7.46 24.57
C PRO C 228 28.53 8.39 23.66
N TYR C 229 28.14 9.65 23.56
CA TYR C 229 28.77 10.59 22.61
C TYR C 229 30.25 10.85 22.92
N ARG C 230 30.66 10.62 24.16
CA ARG C 230 32.06 10.86 24.52
C ARG C 230 33.06 10.06 23.69
N TYR C 231 32.69 8.85 23.29
CA TYR C 231 33.54 8.07 22.39
C TYR C 231 33.81 8.80 21.09
N ILE C 232 32.84 9.58 20.63
CA ILE C 232 32.96 10.32 19.38
C ILE C 232 33.62 11.68 19.57
N TYR C 233 33.23 12.39 20.62
CA TYR C 233 33.72 13.74 20.84
C TYR C 233 35.00 13.86 21.66
N GLU C 234 35.36 12.87 22.46
CA GLU C 234 36.57 12.97 23.29
C GLU C 234 37.76 12.20 22.72
N THR C 235 37.61 11.74 21.49
CA THR C 235 38.68 11.06 20.78
C THR C 235 38.92 11.85 19.51
N ASN C 236 39.91 11.44 18.73
CA ASN C 236 40.18 12.12 17.47
C ASN C 236 39.34 11.55 16.31
N ILE C 237 38.30 10.77 16.61
CA ILE C 237 37.65 10.01 15.55
C ILE C 237 36.91 10.88 14.52
N LEU C 238 36.37 12.01 14.94
CA LEU C 238 35.67 12.88 13.99
C LEU C 238 36.60 13.43 12.91
N GLU C 239 37.82 13.77 13.29
CA GLU C 239 38.83 14.25 12.34
CA GLU C 239 38.80 14.26 12.33
C GLU C 239 39.11 13.18 11.30
N LEU C 240 39.25 11.94 11.73
CA LEU C 240 39.52 10.82 10.81
C LEU C 240 38.32 10.61 9.87
N LEU C 241 37.13 10.58 10.42
CA LEU C 241 35.93 10.37 9.62
C LEU C 241 35.75 11.47 8.57
N SER C 242 35.93 12.73 8.98
CA SER C 242 35.59 13.86 8.13
C SER C 242 36.72 14.30 7.19
N THR C 243 37.91 13.73 7.35
CA THR C 243 39.02 14.05 6.46
C THR C 243 39.48 12.80 5.73
N LYS C 244 40.38 12.05 6.36
CA LYS C 244 41.00 10.87 5.81
C LYS C 244 40.01 9.93 5.11
N PHE C 245 38.94 9.55 5.79
CA PHE C 245 38.02 8.54 5.23
C PHE C 245 37.02 9.08 4.20
N MET C 246 36.95 10.40 4.06
CA MET C 246 36.21 11.01 2.96
C MET C 246 37.02 11.02 1.66
N THR C 247 38.33 10.87 1.76
CA THR C 247 39.17 10.99 0.56
C THR C 247 39.14 9.76 -0.37
N SER C 248 39.12 8.55 0.20
CA SER C 248 39.08 7.33 -0.63
C SER C 248 37.63 6.91 -0.86
N PRO C 249 37.23 6.69 -2.13
CA PRO C 249 35.83 6.34 -2.44
C PRO C 249 35.30 5.09 -1.77
N ASP C 250 36.16 4.09 -1.60
CA ASP C 250 35.76 2.85 -0.93
C ASP C 250 35.33 3.07 0.53
N THR C 251 35.96 4.02 1.23
CA THR C 251 35.58 4.31 2.62
C THR C 251 34.58 5.46 2.72
N ARG C 252 34.51 6.27 1.66
CA ARG C 252 33.68 7.48 1.67
C ARG C 252 32.20 7.23 1.90
N ALA C 253 31.69 6.19 1.24
CA ALA C 253 30.28 5.85 1.36
C ALA C 253 29.88 5.52 2.80
N ILE C 254 30.64 4.64 3.45
CA ILE C 254 30.32 4.27 4.83
C ILE C 254 30.61 5.43 5.79
N THR C 255 31.64 6.20 5.53
CA THR C 255 31.98 7.30 6.44
C THR C 255 30.88 8.34 6.46
N LEU C 256 30.31 8.60 5.30
CA LEU C 256 29.26 9.59 5.20
C LEU C 256 28.04 9.15 6.03
N LYS C 257 27.70 7.87 5.95
CA LYS C 257 26.61 7.33 6.75
C LYS C 257 26.90 7.43 8.26
N CYS C 258 28.15 7.17 8.65
CA CYS C 258 28.56 7.34 10.03
C CYS C 258 28.37 8.80 10.46
N LEU C 259 28.81 9.74 9.63
CA LEU C 259 28.73 11.15 9.96
C LEU C 259 27.28 11.61 10.08
N THR C 260 26.41 11.02 9.28
CA THR C 260 24.99 11.26 9.39
C THR C 260 24.46 10.82 10.75
N GLU C 261 24.89 9.65 11.22
CA GLU C 261 24.48 9.18 12.55
C GLU C 261 25.16 9.96 13.68
N VAL C 262 26.39 10.41 13.48
CA VAL C 262 27.02 11.32 14.44
C VAL C 262 26.16 12.55 14.61
N SER C 263 25.62 13.04 13.50
CA SER C 263 24.80 14.22 13.55
C SER C 263 23.54 13.99 14.42
N ASN C 264 23.16 12.73 14.61
CA ASN C 264 22.02 12.36 15.46
C ASN C 264 22.36 11.98 16.91
N LEU C 265 23.62 12.06 17.32
CA LEU C 265 23.96 11.68 18.69
C LEU C 265 23.31 12.59 19.71
N LYS C 266 23.05 12.06 20.91
CA LYS C 266 22.58 12.87 22.01
C LYS C 266 23.81 13.58 22.58
N ILE C 267 23.77 14.92 22.54
CA ILE C 267 24.94 15.76 22.81
C ILE C 267 24.54 16.95 23.69
N PRO C 268 25.37 17.27 24.71
CA PRO C 268 25.08 18.44 25.56
C PRO C 268 24.84 19.72 24.76
N GLN C 269 23.93 20.55 25.27
CA GLN C 269 23.42 21.71 24.53
C GLN C 269 24.18 23.01 24.79
N ASP C 270 24.90 23.08 25.90
CA ASP C 270 25.46 24.33 26.39
C ASP C 270 26.98 24.25 26.55
N ASN C 271 27.65 23.56 25.63
CA ASN C 271 29.10 23.40 25.68
C ASN C 271 29.74 23.97 24.42
N ASP C 272 30.44 25.09 24.56
CA ASP C 272 31.02 25.77 23.39
C ASP C 272 32.06 24.94 22.68
N LEU C 273 32.84 24.18 23.44
CA LEU C 273 33.86 23.30 22.88
C LEU C 273 33.25 22.26 21.92
N ILE C 274 32.19 21.63 22.38
CA ILE C 274 31.51 20.58 21.60
C ILE C 274 30.82 21.17 20.36
N LYS C 275 30.22 22.34 20.50
CA LYS C 275 29.70 23.05 19.35
C LYS C 275 30.80 23.24 18.29
N ARG C 276 32.00 23.62 18.73
CA ARG C 276 33.11 23.81 17.78
C ARG C 276 33.43 22.53 17.03
N GLN C 277 33.40 21.40 17.73
CA GLN C 277 33.70 20.11 17.11
C GLN C 277 32.67 19.69 16.08
N THR C 278 31.40 19.97 16.40
CA THR C 278 30.28 19.72 15.50
C THR C 278 30.40 20.58 14.24
N VAL C 279 30.80 21.83 14.40
CA VAL C 279 31.08 22.69 13.24
C VAL C 279 32.25 22.16 12.42
N LEU C 280 33.32 21.78 13.11
CA LEU C 280 34.56 21.39 12.45
C LEU C 280 34.39 20.17 11.56
N PHE C 281 33.68 19.13 12.02
CA PHE C 281 33.56 17.94 11.19
C PHE C 281 32.75 18.22 9.93
N PHE C 282 31.79 19.13 10.05
CA PHE C 282 30.97 19.53 8.91
C PHE C 282 31.83 20.30 7.92
N GLN C 283 32.60 21.25 8.44
CA GLN C 283 33.52 22.03 7.63
C GLN C 283 34.49 21.11 6.87
N ASN C 284 35.12 20.19 7.58
CA ASN C 284 36.03 19.21 6.98
C ASN C 284 35.33 18.38 5.88
N THR C 285 34.14 17.88 6.19
CA THR C 285 33.43 17.04 5.25
C THR C 285 33.12 17.77 3.94
N LEU C 286 32.57 18.98 4.06
CA LEU C 286 32.25 19.79 2.91
C LEU C 286 33.50 20.18 2.10
N GLN C 287 34.61 20.42 2.78
CA GLN C 287 35.88 20.70 2.09
CA GLN C 287 35.86 20.72 2.08
C GLN C 287 36.32 19.51 1.26
N GLN C 288 36.18 18.31 1.81
CA GLN C 288 36.52 17.07 1.11
C GLN C 288 35.62 16.84 -0.13
N ILE C 289 34.33 17.08 0.05
CA ILE C 289 33.40 16.99 -1.07
CA ILE C 289 33.43 16.97 -1.08
C ILE C 289 33.86 17.91 -2.19
N ALA C 290 34.13 19.17 -1.85
CA ALA C 290 34.46 20.17 -2.87
C ALA C 290 35.78 19.90 -3.61
N THR C 291 36.74 19.30 -2.92
CA THR C 291 38.07 19.11 -3.49
C THR C 291 38.26 17.72 -4.07
N SER C 292 37.62 16.70 -3.49
CA SER C 292 37.81 15.32 -3.93
C SER C 292 36.67 14.74 -4.76
N VAL C 293 35.48 15.32 -4.69
CA VAL C 293 34.29 14.75 -5.35
C VAL C 293 33.72 15.65 -6.47
N MET C 294 33.14 16.79 -6.09
CA MET C 294 32.67 17.75 -7.09
C MET C 294 32.49 19.13 -6.48
N PRO C 295 32.74 20.18 -7.26
CA PRO C 295 32.51 21.53 -6.74
C PRO C 295 31.03 21.84 -6.62
N VAL C 296 30.72 22.90 -5.87
CA VAL C 296 29.34 23.29 -5.60
CA VAL C 296 29.33 23.27 -5.61
C VAL C 296 28.58 23.63 -6.89
N THR C 297 29.29 24.02 -7.94
CA THR C 297 28.69 24.39 -9.21
C THR C 297 28.32 23.17 -10.08
N ALA C 298 28.80 21.98 -9.73
CA ALA C 298 28.59 20.80 -10.57
C ALA C 298 27.11 20.49 -10.82
N ASP C 299 26.84 19.96 -12.00
CA ASP C 299 25.49 19.61 -12.42
C ASP C 299 25.14 18.22 -11.89
N LEU C 300 24.55 18.19 -10.70
CA LEU C 300 24.26 16.91 -10.04
C LEU C 300 23.08 16.18 -10.71
N LYS C 301 22.17 16.95 -11.31
CA LYS C 301 21.10 16.38 -12.11
C LYS C 301 21.70 15.49 -13.21
N ALA C 302 22.69 16.00 -13.93
CA ALA C 302 23.35 15.26 -15.01
C ALA C 302 24.13 14.06 -14.46
N THR C 303 24.87 14.26 -13.39
CA THR C 303 25.64 13.16 -12.79
C THR C 303 24.74 12.00 -12.32
N TYR C 304 23.65 12.33 -11.65
CA TYR C 304 22.71 11.31 -11.17
C TYR C 304 22.13 10.54 -12.36
N ALA C 305 21.70 11.29 -13.37
CA ALA C 305 21.10 10.72 -14.57
C ALA C 305 22.05 9.78 -15.32
N ASN C 306 23.34 10.10 -15.31
CA ASN C 306 24.35 9.22 -15.89
C ASN C 306 24.48 7.89 -15.15
N ALA C 307 24.27 7.91 -13.84
CA ALA C 307 24.22 6.68 -13.04
C ALA C 307 25.49 5.82 -13.09
N ASN C 308 26.67 6.43 -13.08
CA ASN C 308 27.94 5.65 -13.05
C ASN C 308 28.21 5.10 -11.65
N GLY C 309 28.87 3.95 -11.60
CA GLY C 309 29.29 3.36 -10.33
C GLY C 309 28.25 3.53 -9.24
N ASN C 310 28.66 4.07 -8.10
CA ASN C 310 27.78 4.21 -6.96
C ASN C 310 27.34 5.65 -6.79
N ASP C 311 27.31 6.38 -7.90
CA ASP C 311 27.05 7.82 -7.85
C ASP C 311 25.64 8.13 -7.35
N GLN C 312 24.65 7.35 -7.76
CA GLN C 312 23.29 7.65 -7.31
C GLN C 312 23.18 7.47 -5.80
N SER C 313 23.74 6.36 -5.30
CA SER C 313 23.75 6.10 -3.86
C SER C 313 24.51 7.17 -3.10
N PHE C 314 25.65 7.60 -3.64
CA PHE C 314 26.43 8.64 -2.97
C PHE C 314 25.66 9.95 -2.86
N LEU C 315 25.00 10.35 -3.94
CA LEU C 315 24.23 11.61 -3.96
C LEU C 315 23.04 11.52 -3.00
N GLN C 316 22.37 10.38 -2.98
CA GLN C 316 21.35 10.12 -1.97
C GLN C 316 21.90 10.29 -0.55
N ASP C 317 23.02 9.64 -0.27
CA ASP C 317 23.62 9.70 1.05
C ASP C 317 24.09 11.12 1.41
N LEU C 318 24.58 11.86 0.43
CA LEU C 318 24.95 13.25 0.65
C LEU C 318 23.74 14.09 1.03
N ALA C 319 22.64 13.90 0.29
CA ALA C 319 21.40 14.59 0.64
C ALA C 319 21.00 14.26 2.08
N MET C 320 21.09 12.99 2.46
CA MET C 320 20.73 12.57 3.80
C MET C 320 21.65 13.23 4.83
N PHE C 321 22.95 13.28 4.52
CA PHE C 321 23.90 13.88 5.45
C PHE C 321 23.62 15.39 5.64
N LEU C 322 23.52 16.11 4.54
CA LEU C 322 23.33 17.56 4.61
C LEU C 322 22.02 17.94 5.29
N THR C 323 20.94 17.26 4.92
CA THR C 323 19.64 17.56 5.51
C THR C 323 19.60 17.22 7.00
N THR C 324 20.20 16.08 7.37
CA THR C 324 20.21 15.64 8.76
C THR C 324 20.98 16.65 9.61
N TYR C 325 22.18 16.98 9.15
CA TYR C 325 23.04 17.88 9.91
C TYR C 325 22.43 19.27 10.03
N LEU C 326 21.97 19.81 8.91
CA LEU C 326 21.50 21.19 8.88
C LEU C 326 20.22 21.38 9.67
N ALA C 327 19.31 20.38 9.63
CA ALA C 327 18.07 20.49 10.38
C ALA C 327 18.38 20.58 11.86
N ARG C 328 19.44 19.93 12.31
CA ARG C 328 19.78 19.95 13.72
C ARG C 328 20.68 21.12 14.11
N ASN C 329 21.63 21.46 13.24
CA ASN C 329 22.76 22.31 13.61
C ASN C 329 22.95 23.59 12.81
N ARG C 330 22.10 23.90 11.85
CA ARG C 330 22.36 25.09 11.05
C ARG C 330 22.51 26.37 11.90
N ALA C 331 21.86 26.43 13.07
CA ALA C 331 21.99 27.59 13.93
C ALA C 331 23.44 27.82 14.36
N LEU C 332 24.19 26.75 14.51
CA LEU C 332 25.64 26.86 14.82
C LEU C 332 26.43 27.65 13.76
N LEU C 333 25.89 27.71 12.55
CA LEU C 333 26.57 28.35 11.43
C LEU C 333 26.03 29.73 11.05
N GLU C 334 24.96 30.17 11.71
CA GLU C 334 24.19 31.32 11.29
C GLU C 334 24.62 32.67 11.83
N SER C 335 25.38 32.69 12.92
CA SER C 335 25.72 33.93 13.61
C SER C 335 27.15 34.40 13.35
N ASP C 336 28.06 33.45 13.20
CA ASP C 336 29.47 33.72 13.05
C ASP C 336 29.73 34.01 11.56
N GLU C 337 30.18 35.23 11.26
CA GLU C 337 30.45 35.64 9.86
C GLU C 337 31.43 34.73 9.12
N SER C 338 32.39 34.16 9.85
CA SER C 338 33.36 33.25 9.25
C SER C 338 32.77 31.89 8.86
N LEU C 339 31.54 31.60 9.29
CA LEU C 339 30.85 30.34 8.94
C LEU C 339 29.76 30.51 7.90
N ARG C 340 29.54 31.73 7.44
CA ARG C 340 28.47 32.00 6.48
C ARG C 340 28.67 31.26 5.15
N GLU C 341 29.90 31.30 4.64
CA GLU C 341 30.20 30.64 3.37
C GLU C 341 29.93 29.14 3.45
N LEU C 342 30.33 28.52 4.55
CA LEU C 342 30.05 27.08 4.79
C LEU C 342 28.55 26.81 4.81
N LEU C 343 27.83 27.61 5.56
CA LEU C 343 26.37 27.45 5.62
C LEU C 343 25.75 27.53 4.24
N LEU C 344 26.15 28.53 3.46
CA LEU C 344 25.52 28.76 2.17
C LEU C 344 25.96 27.74 1.14
N ASN C 345 27.22 27.32 1.21
CA ASN C 345 27.73 26.28 0.31
C ASN C 345 27.00 24.98 0.52
N ALA C 346 26.79 24.60 1.77
CA ALA C 346 26.04 23.38 2.08
C ALA C 346 24.64 23.46 1.51
N HIS C 347 24.01 24.63 1.64
CA HIS C 347 22.68 24.81 1.08
C HIS C 347 22.68 24.85 -0.44
N GLN C 348 23.78 25.31 -1.03
CA GLN C 348 23.91 25.33 -2.47
C GLN C 348 24.02 23.91 -3.02
N TYR C 349 24.74 23.04 -2.32
CA TYR C 349 24.73 21.62 -2.69
C TYR C 349 23.31 21.03 -2.65
N LEU C 350 22.55 21.41 -1.65
CA LEU C 350 21.16 20.95 -1.54
C LEU C 350 20.30 21.47 -2.69
N ILE C 351 20.48 22.73 -3.07
CA ILE C 351 19.82 23.27 -4.26
C ILE C 351 20.17 22.40 -5.47
N GLN C 352 21.46 22.09 -5.65
CA GLN C 352 21.84 21.27 -6.80
C GLN C 352 21.23 19.87 -6.71
N LEU C 353 21.20 19.29 -5.52
CA LEU C 353 20.62 17.97 -5.32
C LEU C 353 19.12 17.97 -5.59
N SER C 354 18.49 19.10 -5.35
CA SER C 354 17.05 19.25 -5.54
C SER C 354 16.64 19.33 -7.00
N LYS C 355 17.61 19.50 -7.89
CA LYS C 355 17.35 19.49 -9.32
C LYS C 355 17.41 18.09 -9.92
N ILE C 356 17.85 17.10 -9.15
CA ILE C 356 17.94 15.71 -9.62
C ILE C 356 16.55 15.19 -9.97
N GLU C 357 16.46 14.46 -11.08
CA GLU C 357 15.20 13.77 -11.44
C GLU C 357 15.14 12.39 -10.75
N GLU C 358 14.48 12.36 -9.61
CA GLU C 358 14.32 11.16 -8.84
C GLU C 358 13.30 11.52 -7.75
N ARG C 359 12.06 11.08 -7.93
CA ARG C 359 10.97 11.53 -7.06
C ARG C 359 11.24 11.30 -5.58
N GLU C 360 11.75 10.13 -5.21
CA GLU C 360 11.93 9.80 -3.79
C GLU C 360 13.03 10.64 -3.13
N LEU C 361 14.06 10.92 -3.90
CA LEU C 361 15.11 11.81 -3.44
C LEU C 361 14.60 13.26 -3.29
N PHE C 362 13.80 13.70 -4.26
CA PHE C 362 13.16 15.01 -4.19
C PHE C 362 12.28 15.16 -2.93
N LYS C 363 11.55 14.13 -2.56
CA LYS C 363 10.75 14.18 -1.32
C LYS C 363 11.64 14.38 -0.09
N THR C 364 12.82 13.77 -0.11
CA THR C 364 13.76 13.89 1.00
C THR C 364 14.29 15.31 1.10
N THR C 365 14.70 15.89 -0.03
CA THR C 365 15.19 17.27 0.01
C THR C 365 14.04 18.24 0.28
N LEU C 366 12.87 17.96 -0.28
CA LEU C 366 11.69 18.80 -0.03
C LEU C 366 11.30 18.84 1.45
N ASP C 367 11.40 17.71 2.13
CA ASP C 367 11.18 17.65 3.58
C ASP C 367 12.11 18.61 4.31
N TYR C 368 13.36 18.66 3.86
CA TYR C 368 14.33 19.58 4.45
C TYR C 368 13.92 21.03 4.18
N TRP C 369 13.57 21.33 2.94
CA TRP C 369 13.22 22.69 2.59
C TRP C 369 12.01 23.14 3.41
N HIS C 370 11.09 22.21 3.67
CA HIS C 370 9.95 22.51 4.55
C HIS C 370 10.42 22.91 5.94
N ASN C 371 11.32 22.10 6.49
CA ASN C 371 11.93 22.36 7.80
C ASN C 371 12.56 23.77 7.82
N LEU C 372 13.31 24.10 6.78
CA LEU C 372 13.98 25.41 6.71
C LEU C 372 12.97 26.55 6.62
N VAL C 373 12.10 26.51 5.62
CA VAL C 373 11.22 27.65 5.38
C VAL C 373 10.21 27.88 6.52
N ALA C 374 9.81 26.82 7.21
CA ALA C 374 8.89 26.95 8.36
C ALA C 374 9.58 27.66 9.53
N ASP C 375 10.88 27.37 9.71
CA ASP C 375 11.73 28.04 10.70
C ASP C 375 11.93 29.51 10.31
N LEU C 376 12.22 29.78 9.03
CA LEU C 376 12.42 31.17 8.56
C LEU C 376 11.15 32.03 8.68
N PHE C 377 10.01 31.38 8.57
CA PHE C 377 8.70 32.03 8.71
C PHE C 377 8.50 32.61 10.10
N TYR C 378 9.13 32.01 11.09
CA TYR C 378 8.95 32.36 12.48
C TYR C 378 10.15 32.97 13.19
N GLU C 379 11.33 32.42 12.97
CA GLU C 379 12.50 32.83 13.71
C GLU C 379 13.01 34.23 13.35
N PRO C 380 12.98 35.17 14.40
CA PRO C 380 13.45 36.51 14.00
C PRO C 380 14.85 36.56 13.40
N LEU C 381 15.05 37.44 12.42
CA LEU C 381 16.36 37.76 11.86
C LEU C 381 17.07 36.68 11.06
N LYS C 382 16.36 35.66 10.63
CA LYS C 382 16.99 34.55 9.91
C LYS C 382 16.76 34.56 8.40
N LYS C 383 15.58 34.98 7.96
CA LYS C 383 15.26 34.80 6.54
C LYS C 383 16.27 35.51 5.62
N HIS C 384 16.83 36.65 6.04
CA HIS C 384 17.70 37.40 5.16
C HIS C 384 18.97 36.61 4.77
N ILE C 385 19.44 35.77 5.69
CA ILE C 385 20.63 34.92 5.48
C ILE C 385 20.46 34.07 4.23
N TYR C 386 19.23 33.58 4.03
CA TYR C 386 18.92 32.58 3.04
C TYR C 386 18.20 33.14 1.82
N GLU C 387 18.18 34.45 1.67
CA GLU C 387 17.40 35.06 0.59
CA GLU C 387 17.48 35.15 0.57
C GLU C 387 17.81 34.56 -0.81
N GLU C 388 19.10 34.41 -1.08
CA GLU C 388 19.53 33.88 -2.38
C GLU C 388 19.21 32.38 -2.57
N ILE C 389 19.37 31.59 -1.50
CA ILE C 389 18.98 30.18 -1.52
C ILE C 389 17.47 30.07 -1.81
N CYS C 390 16.68 30.86 -1.10
CA CYS C 390 15.22 30.81 -1.26
C CYS C 390 14.78 31.20 -2.66
N SER C 391 15.47 32.17 -3.24
CA SER C 391 15.18 32.61 -4.59
C SER C 391 15.41 31.49 -5.59
N GLN C 392 16.55 30.82 -5.48
CA GLN C 392 16.81 29.66 -6.32
C GLN C 392 15.76 28.55 -6.09
N LEU C 393 15.38 28.34 -4.83
CA LEU C 393 14.40 27.31 -4.48
C LEU C 393 13.03 27.60 -5.10
N ARG C 394 12.61 28.85 -5.10
CA ARG C 394 11.37 29.24 -5.80
C ARG C 394 11.38 28.72 -7.24
N LEU C 395 12.50 28.91 -7.94
CA LEU C 395 12.62 28.42 -9.31
C LEU C 395 12.54 26.91 -9.41
N VAL C 396 13.28 26.22 -8.54
CA VAL C 396 13.25 24.75 -8.55
C VAL C 396 11.83 24.23 -8.38
N ILE C 397 11.10 24.75 -7.41
CA ILE C 397 9.76 24.24 -7.10
CA ILE C 397 9.76 24.22 -7.11
C ILE C 397 8.76 24.58 -8.20
N ILE C 398 8.80 25.83 -8.65
CA ILE C 398 7.90 26.27 -9.72
C ILE C 398 8.09 25.43 -10.98
N GLU C 399 9.33 25.02 -11.26
CA GLU C 399 9.66 24.23 -12.45
C GLU C 399 9.43 22.71 -12.29
N ASN C 400 9.19 22.24 -11.07
CA ASN C 400 8.99 20.80 -10.83
C ASN C 400 7.66 20.51 -10.14
N MET C 401 6.67 21.39 -10.32
CA MET C 401 5.32 21.13 -9.79
C MET C 401 4.71 19.94 -10.47
N VAL C 402 4.23 18.98 -9.68
CA VAL C 402 3.58 17.79 -10.21
C VAL C 402 2.12 18.12 -10.52
N ARG C 403 1.49 17.37 -11.42
CA ARG C 403 0.14 17.67 -11.85
C ARG C 403 -0.82 17.55 -10.67
N PRO C 404 -1.62 18.60 -10.40
CA PRO C 404 -2.64 18.50 -9.37
C PRO C 404 -3.69 17.44 -9.68
N GLU C 405 -4.31 16.91 -8.63
N GLU C 405 -4.30 16.91 -8.62
CA GLU C 405 -5.36 15.92 -8.80
CA GLU C 405 -5.39 15.93 -8.76
C GLU C 405 -6.52 16.45 -9.66
C GLU C 405 -6.49 16.46 -9.69
N GLU C 406 -6.76 17.76 -9.61
CA GLU C 406 -7.84 18.40 -10.38
C GLU C 406 -7.62 18.40 -11.88
N VAL C 407 -6.37 18.34 -12.33
CA VAL C 407 -6.08 18.49 -13.76
C VAL C 407 -6.19 17.11 -14.40
N LEU C 408 -7.26 16.92 -15.17
CA LEU C 408 -7.65 15.58 -15.64
C LEU C 408 -7.11 15.21 -17.03
N VAL C 409 -6.37 16.12 -17.66
CA VAL C 409 -5.75 15.85 -18.96
C VAL C 409 -4.26 15.56 -18.82
N VAL C 410 -3.75 14.74 -19.72
CA VAL C 410 -2.34 14.35 -19.70
C VAL C 410 -1.92 14.02 -21.14
N GLU C 411 -0.62 14.12 -21.43
CA GLU C 411 -0.12 13.75 -22.75
C GLU C 411 0.17 12.25 -22.83
N ASN C 412 -0.40 11.58 -23.83
CA ASN C 412 -0.13 10.14 -24.05
C ASN C 412 1.18 9.90 -24.81
N ASP C 413 1.48 8.63 -25.07
CA ASP C 413 2.73 8.25 -25.74
C ASP C 413 2.83 8.73 -27.18
N GLU C 414 1.68 9.08 -27.79
CA GLU C 414 1.66 9.55 -29.19
C GLU C 414 1.59 11.09 -29.31
N GLY C 415 1.81 11.80 -28.21
CA GLY C 415 1.77 13.26 -28.21
C GLY C 415 0.38 13.91 -28.26
N GLU C 416 -0.64 13.13 -27.91
CA GLU C 416 -2.01 13.63 -27.84
C GLU C 416 -2.38 13.94 -26.38
N ILE C 417 -3.14 15.03 -26.19
CA ILE C 417 -3.60 15.41 -24.87
C ILE C 417 -4.95 14.75 -24.67
N VAL C 418 -5.00 13.81 -23.73
CA VAL C 418 -6.20 13.01 -23.49
C VAL C 418 -6.62 13.04 -22.02
N ARG C 419 -7.82 12.57 -21.77
CA ARG C 419 -8.29 12.36 -20.41
C ARG C 419 -7.50 11.21 -19.79
N GLU C 420 -7.09 11.38 -18.54
CA GLU C 420 -6.34 10.34 -17.84
C GLU C 420 -7.17 9.06 -17.73
N PHE C 421 -6.51 7.90 -17.80
CA PHE C 421 -7.22 6.63 -17.61
C PHE C 421 -7.62 6.41 -16.15
N VAL C 422 -6.76 6.83 -15.23
CA VAL C 422 -6.95 6.63 -13.80
C VAL C 422 -6.37 7.82 -13.05
N LYS C 423 -6.68 7.91 -11.75
CA LYS C 423 -6.12 8.97 -10.90
C LYS C 423 -4.63 8.67 -10.67
N GLU C 424 -3.79 9.71 -10.67
CA GLU C 424 -2.36 9.57 -10.29
C GLU C 424 -2.24 9.62 -8.75
N SER C 425 -2.64 8.51 -8.12
CA SER C 425 -2.80 8.47 -6.67
C SER C 425 -1.49 8.73 -5.93
N ASP C 426 -0.36 8.37 -6.54
CA ASP C 426 0.92 8.45 -5.81
C ASP C 426 1.59 9.82 -5.81
N THR C 427 0.96 10.84 -6.39
CA THR C 427 1.47 12.21 -6.35
C THR C 427 0.63 13.17 -5.51
N ILE C 428 -0.38 12.63 -4.83
CA ILE C 428 -1.25 13.42 -3.94
CA ILE C 428 -1.24 13.45 -3.98
C ILE C 428 -0.42 14.06 -2.82
N GLN C 429 0.37 13.26 -2.13
CA GLN C 429 1.15 13.79 -1.03
C GLN C 429 2.24 14.73 -1.56
N LEU C 430 2.88 14.34 -2.64
CA LEU C 430 3.91 15.16 -3.25
C LEU C 430 3.38 16.56 -3.56
N TYR C 431 2.22 16.65 -4.21
CA TYR C 431 1.64 17.96 -4.50
CA TYR C 431 1.66 17.97 -4.51
C TYR C 431 1.46 18.77 -3.23
N LYS C 432 0.88 18.17 -2.20
CA LYS C 432 0.64 18.88 -0.95
C LYS C 432 1.94 19.42 -0.35
N SER C 433 2.99 18.59 -0.39
CA SER C 433 4.31 18.98 0.12
C SER C 433 4.92 20.13 -0.66
N GLU C 434 4.80 20.09 -1.98
CA GLU C 434 5.33 21.15 -2.85
C GLU C 434 4.58 22.46 -2.60
N ARG C 435 3.25 22.36 -2.53
CA ARG C 435 2.43 23.51 -2.22
C ARG C 435 2.84 24.16 -0.90
N GLU C 436 3.04 23.34 0.13
CA GLU C 436 3.39 23.81 1.47
CA GLU C 436 3.36 23.85 1.47
C GLU C 436 4.66 24.65 1.44
N VAL C 437 5.68 24.15 0.75
CA VAL C 437 6.95 24.85 0.67
C VAL C 437 6.81 26.12 -0.16
N LEU C 438 6.14 26.03 -1.31
CA LEU C 438 5.97 27.20 -2.15
C LEU C 438 5.16 28.30 -1.46
N VAL C 439 4.14 27.92 -0.68
CA VAL C 439 3.38 28.89 0.10
C VAL C 439 4.28 29.61 1.11
N TYR C 440 5.09 28.86 1.85
CA TYR C 440 6.03 29.50 2.75
C TYR C 440 7.00 30.43 1.99
N LEU C 441 7.50 29.98 0.84
CA LEU C 441 8.46 30.78 0.07
C LEU C 441 7.83 32.07 -0.44
N THR C 442 6.54 31.99 -0.77
CA THR C 442 5.82 33.17 -1.23
C THR C 442 5.69 34.18 -0.10
N HIS C 443 5.34 33.70 1.08
N HIS C 443 5.32 33.71 1.10
CA HIS C 443 5.24 34.57 2.24
CA HIS C 443 5.21 34.56 2.28
C HIS C 443 6.57 35.22 2.56
C HIS C 443 6.56 35.22 2.58
N LEU C 444 7.65 34.46 2.43
CA LEU C 444 9.00 34.97 2.74
C LEU C 444 9.42 36.12 1.81
N ASN C 445 8.97 36.09 0.56
CA ASN C 445 9.23 37.18 -0.39
C ASN C 445 8.21 37.21 -1.52
N VAL C 446 7.13 37.91 -1.27
CA VAL C 446 6.02 37.92 -2.20
C VAL C 446 6.41 38.67 -3.50
N ILE C 447 7.28 39.68 -3.40
CA ILE C 447 7.74 40.40 -4.60
C ILE C 447 8.53 39.48 -5.54
N ASP C 448 9.50 38.75 -5.00
CA ASP C 448 10.30 37.81 -5.80
C ASP C 448 9.40 36.75 -6.48
N THR C 449 8.45 36.21 -5.73
CA THR C 449 7.60 35.13 -6.23
C THR C 449 6.74 35.62 -7.38
N GLU C 450 6.13 36.78 -7.17
CA GLU C 450 5.32 37.38 -8.20
C GLU C 450 6.16 37.72 -9.44
N GLU C 451 7.35 38.30 -9.25
CA GLU C 451 8.21 38.64 -10.39
CA GLU C 451 8.21 38.64 -10.41
C GLU C 451 8.60 37.39 -11.18
N ILE C 452 8.95 36.32 -10.49
CA ILE C 452 9.30 35.09 -11.18
C ILE C 452 8.11 34.58 -12.01
N MET C 453 6.96 34.49 -11.38
CA MET C 453 5.78 33.92 -12.06
C MET C 453 5.30 34.76 -13.24
N ILE C 454 5.20 36.07 -13.02
CA ILE C 454 4.75 36.99 -14.07
C ILE C 454 5.72 37.01 -15.26
N SER C 455 7.02 36.97 -15.01
CA SER C 455 7.99 37.01 -16.11
C SER C 455 8.05 35.67 -16.84
N LYS C 456 7.91 34.57 -16.12
CA LYS C 456 7.79 33.25 -16.77
C LYS C 456 6.56 33.16 -17.66
N LEU C 457 5.44 33.71 -17.17
CA LEU C 457 4.21 33.73 -17.94
C LEU C 457 4.38 34.58 -19.20
N ALA C 458 5.02 35.73 -19.06
CA ALA C 458 5.32 36.58 -20.22
C ALA C 458 6.08 35.84 -21.32
N ARG C 459 7.02 34.98 -20.92
CA ARG C 459 7.81 34.19 -21.87
C ARG C 459 7.02 33.02 -22.50
N GLN C 460 5.94 32.60 -21.85
CA GLN C 460 5.01 31.68 -22.52
C GLN C 460 4.25 32.42 -23.64
N ILE C 461 3.78 33.64 -23.33
CA ILE C 461 3.01 34.45 -24.29
C ILE C 461 3.81 34.80 -25.54
N ASP C 462 5.01 35.33 -25.37
CA ASP C 462 5.83 35.74 -26.51
C ASP C 462 6.40 34.55 -27.27
N GLY C 463 6.29 33.36 -26.70
CA GLY C 463 6.69 32.12 -27.37
C GLY C 463 8.10 31.64 -27.08
N SER C 464 8.92 32.47 -26.44
CA SER C 464 10.34 32.13 -26.25
C SER C 464 10.53 30.83 -25.46
N GLU C 465 9.65 30.57 -24.50
CA GLU C 465 9.78 29.40 -23.62
C GLU C 465 8.55 28.51 -23.66
N TRP C 466 7.72 28.70 -24.69
CA TRP C 466 6.44 28.01 -24.77
C TRP C 466 6.63 26.51 -24.87
N SER C 467 5.93 25.78 -24.00
CA SER C 467 5.77 24.35 -24.12
C SER C 467 4.66 23.92 -23.17
N TRP C 468 4.09 22.74 -23.41
CA TRP C 468 3.04 22.24 -22.51
C TRP C 468 3.61 22.05 -21.10
N HIS C 469 4.80 21.49 -21.01
CA HIS C 469 5.43 21.30 -19.70
C HIS C 469 5.56 22.62 -18.93
N ASN C 470 6.00 23.65 -19.65
CA ASN C 470 6.30 24.94 -19.01
C ASN C 470 5.05 25.72 -18.58
N ILE C 471 4.03 25.76 -19.43
CA ILE C 471 2.79 26.44 -19.07
C ILE C 471 2.06 25.68 -17.94
N ASN C 472 2.13 24.35 -17.98
CA ASN C 472 1.52 23.51 -16.95
C ASN C 472 2.15 23.74 -15.59
N THR C 473 3.46 23.49 -15.44
CA THR C 473 4.09 23.63 -14.13
CA THR C 473 4.10 23.65 -14.14
C THR C 473 3.86 25.04 -13.56
N LEU C 474 3.97 26.06 -14.40
CA LEU C 474 3.75 27.45 -13.99
C LEU C 474 2.31 27.69 -13.54
N SER C 475 1.35 27.21 -14.33
CA SER C 475 -0.06 27.39 -13.97
C SER C 475 -0.40 26.69 -12.66
N TRP C 476 0.16 25.51 -12.48
CA TRP C 476 -0.06 24.75 -11.27
C TRP C 476 0.56 25.49 -10.09
N ALA C 477 1.76 26.03 -10.29
CA ALA C 477 2.41 26.83 -9.24
C ALA C 477 1.59 28.05 -8.87
N ILE C 478 1.07 28.76 -9.87
CA ILE C 478 0.25 29.95 -9.65
C ILE C 478 -1.03 29.62 -8.87
N GLY C 479 -1.72 28.57 -9.27
CA GLY C 479 -2.88 28.10 -8.52
C GLY C 479 -2.53 27.73 -7.09
N SER C 480 -1.38 27.07 -6.93
CA SER C 480 -1.03 26.51 -5.63
C SER C 480 -0.76 27.55 -4.52
N ILE C 481 -0.40 28.78 -4.89
CA ILE C 481 -0.08 29.81 -3.88
C ILE C 481 -1.27 30.68 -3.48
N SER C 482 -2.48 30.31 -3.89
CA SER C 482 -3.67 31.06 -3.50
C SER C 482 -3.77 31.17 -1.98
N GLY C 483 -3.97 32.40 -1.50
CA GLY C 483 -4.09 32.68 -0.08
C GLY C 483 -2.86 33.35 0.50
N THR C 484 -1.77 33.37 -0.25
CA THR C 484 -0.53 33.95 0.26
C THR C 484 -0.48 35.45 0.15
N MET C 485 -1.20 36.02 -0.82
CA MET C 485 -1.16 37.45 -1.02
C MET C 485 -2.35 38.10 -0.33
N SER C 486 -2.23 39.38 -0.04
CA SER C 486 -3.37 40.11 0.49
C SER C 486 -4.42 40.22 -0.60
N GLU C 487 -5.69 40.37 -0.21
CA GLU C 487 -6.76 40.39 -1.19
C GLU C 487 -6.42 41.41 -2.28
N ASP C 488 -5.90 42.55 -1.86
CA ASP C 488 -5.59 43.64 -2.77
C ASP C 488 -4.46 43.32 -3.78
N THR C 489 -3.37 42.76 -3.27
CA THR C 489 -2.28 42.26 -4.08
C THR C 489 -2.72 41.13 -5.02
N GLU C 490 -3.47 40.17 -4.48
CA GLU C 490 -3.95 39.02 -5.23
C GLU C 490 -4.80 39.46 -6.43
N LYS C 491 -5.65 40.46 -6.19
CA LYS C 491 -6.49 41.03 -7.23
C LYS C 491 -5.67 41.41 -8.48
N ARG C 492 -4.59 42.17 -8.27
CA ARG C 492 -3.77 42.62 -9.40
C ARG C 492 -3.05 41.44 -10.07
N PHE C 493 -2.57 40.51 -9.24
CA PHE C 493 -1.86 39.34 -9.72
C PHE C 493 -2.78 38.47 -10.59
N VAL C 494 -3.96 38.14 -10.07
CA VAL C 494 -4.89 37.25 -10.76
C VAL C 494 -5.35 37.87 -12.07
N VAL C 495 -5.62 39.17 -12.05
CA VAL C 495 -6.04 39.87 -13.26
C VAL C 495 -4.96 39.76 -14.34
N THR C 496 -3.70 39.99 -13.96
CA THR C 496 -2.60 39.88 -14.91
C THR C 496 -2.46 38.46 -15.44
N VAL C 497 -2.59 37.49 -14.56
CA VAL C 497 -2.45 36.09 -14.97
C VAL C 497 -3.56 35.69 -15.95
N ILE C 498 -4.80 36.00 -15.60
CA ILE C 498 -5.94 35.63 -16.44
C ILE C 498 -5.86 36.33 -17.81
N LYS C 499 -5.51 37.61 -17.83
CA LYS C 499 -5.32 38.31 -19.10
C LYS C 499 -4.34 37.56 -19.99
N ASP C 500 -3.20 37.18 -19.43
CA ASP C 500 -2.19 36.43 -20.17
C ASP C 500 -2.64 35.01 -20.60
N LEU C 501 -3.37 34.31 -19.73
CA LEU C 501 -3.86 32.96 -20.05
C LEU C 501 -4.89 32.98 -21.18
N LEU C 502 -5.70 34.04 -21.23
CA LEU C 502 -6.67 34.21 -22.31
C LEU C 502 -5.96 34.52 -23.64
N ASP C 503 -4.86 35.25 -23.60
CA ASP C 503 -4.05 35.49 -24.80
C ASP C 503 -3.57 34.17 -25.41
N LEU C 504 -3.02 33.29 -24.57
CA LEU C 504 -2.55 31.97 -25.04
C LEU C 504 -3.66 31.15 -25.67
N CYS C 505 -4.82 31.15 -25.03
CA CYS C 505 -5.93 30.28 -25.43
C CYS C 505 -6.49 30.69 -26.79
N VAL C 506 -6.36 31.96 -27.14
CA VAL C 506 -6.70 32.46 -28.47
C VAL C 506 -5.67 32.03 -29.50
N LYS C 507 -4.40 32.05 -29.12
CA LYS C 507 -3.29 31.82 -30.06
C LYS C 507 -2.95 30.35 -30.29
N LYS C 508 -3.05 29.53 -29.25
CA LYS C 508 -2.62 28.13 -29.32
C LYS C 508 -3.78 27.20 -29.68
N ARG C 509 -3.72 26.68 -30.90
CA ARG C 509 -4.86 26.04 -31.56
C ARG C 509 -4.73 24.52 -31.77
N GLY C 510 -5.80 23.89 -32.25
CA GLY C 510 -5.88 22.43 -32.33
C GLY C 510 -6.33 21.88 -30.99
N LYS C 511 -7.03 20.74 -31.00
CA LYS C 511 -7.63 20.23 -29.76
C LYS C 511 -6.63 19.96 -28.63
N ASP C 512 -5.38 19.61 -28.96
CA ASP C 512 -4.38 19.33 -27.93
C ASP C 512 -4.00 20.59 -27.15
N ASN C 513 -3.58 21.63 -27.86
CA ASN C 513 -3.25 22.91 -27.21
C ASN C 513 -4.44 23.46 -26.44
N LYS C 514 -5.61 23.45 -27.06
CA LYS C 514 -6.80 24.03 -26.45
C LYS C 514 -7.11 23.31 -25.13
N ALA C 515 -6.95 21.99 -25.14
CA ALA C 515 -7.18 21.21 -23.92
C ALA C 515 -6.17 21.54 -22.83
N VAL C 516 -4.90 21.67 -23.20
CA VAL C 516 -3.87 22.02 -22.23
C VAL C 516 -4.19 23.36 -21.57
N VAL C 517 -4.45 24.38 -22.39
CA VAL C 517 -4.66 25.71 -21.87
C VAL C 517 -5.98 25.81 -21.08
N ALA C 518 -7.02 25.12 -21.56
CA ALA C 518 -8.29 25.13 -20.84
C ALA C 518 -8.14 24.52 -19.45
N SER C 519 -7.40 23.41 -19.35
CA SER C 519 -7.18 22.75 -18.08
C SER C 519 -6.43 23.66 -17.09
N ASP C 520 -5.49 24.43 -17.62
CA ASP C 520 -4.71 25.36 -16.79
C ASP C 520 -5.53 26.56 -16.30
N ILE C 521 -6.41 27.10 -17.14
CA ILE C 521 -7.27 28.20 -16.71
C ILE C 521 -8.31 27.71 -15.68
N MET C 522 -8.92 26.56 -15.95
CA MET C 522 -9.85 25.97 -14.97
C MET C 522 -9.15 25.77 -13.63
N TYR C 523 -7.94 25.22 -13.65
CA TYR C 523 -7.23 25.00 -12.40
C TYR C 523 -7.01 26.32 -11.65
N VAL C 524 -6.47 27.32 -12.35
CA VAL C 524 -6.17 28.60 -11.72
C VAL C 524 -7.43 29.25 -11.17
N VAL C 525 -8.46 29.35 -11.99
CA VAL C 525 -9.69 30.04 -11.61
C VAL C 525 -10.34 29.36 -10.38
N GLY C 526 -10.38 28.03 -10.39
CA GLY C 526 -10.94 27.29 -9.27
C GLY C 526 -10.17 27.44 -7.98
N GLN C 527 -8.89 27.80 -8.10
CA GLN C 527 -8.04 28.02 -6.95
C GLN C 527 -8.16 29.42 -6.32
N TYR C 528 -8.91 30.33 -6.96
CA TYR C 528 -9.03 31.70 -6.43
C TYR C 528 -10.48 32.12 -6.13
N PRO C 529 -11.19 31.34 -5.29
CA PRO C 529 -12.57 31.76 -5.01
C PRO C 529 -12.68 33.14 -4.36
N ARG C 530 -11.73 33.52 -3.53
CA ARG C 530 -11.79 34.84 -2.90
C ARG C 530 -11.94 35.90 -3.98
N PHE C 531 -11.18 35.77 -5.05
CA PHE C 531 -11.26 36.69 -6.18
C PHE C 531 -12.65 36.63 -6.82
N LEU C 532 -13.13 35.43 -7.07
CA LEU C 532 -14.45 35.24 -7.69
C LEU C 532 -15.58 35.87 -6.90
N LYS C 533 -15.53 35.72 -5.58
CA LYS C 533 -16.56 36.31 -4.73
C LYS C 533 -16.59 37.82 -4.82
N ALA C 534 -15.44 38.43 -5.10
CA ALA C 534 -15.34 39.91 -5.21
C ALA C 534 -15.70 40.44 -6.59
N HIS C 535 -15.80 39.57 -7.59
CA HIS C 535 -15.96 39.99 -8.97
C HIS C 535 -17.08 39.18 -9.63
N TRP C 536 -18.30 39.53 -9.29
CA TRP C 536 -19.46 38.78 -9.78
C TRP C 536 -19.53 38.67 -11.32
N ASN C 537 -19.29 39.78 -12.03
CA ASN C 537 -19.36 39.74 -13.50
C ASN C 537 -18.41 38.69 -14.06
N PHE C 538 -17.23 38.60 -13.47
CA PHE C 538 -16.27 37.59 -13.89
C PHE C 538 -16.71 36.19 -13.49
N LEU C 539 -17.23 36.03 -12.28
CA LEU C 539 -17.70 34.74 -11.83
C LEU C 539 -18.79 34.21 -12.75
N ARG C 540 -19.74 35.06 -13.07
CA ARG C 540 -20.86 34.66 -13.95
C ARG C 540 -20.28 34.20 -15.29
N THR C 541 -19.32 34.97 -15.82
CA THR C 541 -18.64 34.64 -17.08
C THR C 541 -17.89 33.31 -17.02
N VAL C 542 -17.17 33.07 -15.94
CA VAL C 542 -16.54 31.79 -15.69
C VAL C 542 -17.54 30.62 -15.70
N ILE C 543 -18.63 30.76 -14.95
CA ILE C 543 -19.64 29.68 -14.89
C ILE C 543 -20.24 29.41 -16.26
N LEU C 544 -20.59 30.47 -17.00
CA LEU C 544 -21.15 30.29 -18.34
C LEU C 544 -20.17 29.58 -19.26
N LYS C 545 -18.88 29.88 -19.10
CA LYS C 545 -17.85 29.23 -19.88
C LYS C 545 -17.71 27.76 -19.50
N LEU C 546 -17.79 27.45 -18.21
CA LEU C 546 -17.78 26.06 -17.80
C LEU C 546 -18.96 25.30 -18.44
N PHE C 547 -20.12 25.97 -18.53
CA PHE C 547 -21.30 25.35 -19.15
C PHE C 547 -21.03 25.06 -20.63
N GLU C 548 -20.37 25.97 -21.32
CA GLU C 548 -19.93 25.72 -22.70
C GLU C 548 -19.04 24.48 -22.77
N PHE C 549 -18.07 24.38 -21.85
CA PHE C 549 -17.17 23.21 -21.82
C PHE C 549 -17.92 21.90 -21.53
N MET C 550 -19.07 21.98 -20.90
CA MET C 550 -19.88 20.78 -20.69
C MET C 550 -20.43 20.15 -21.98
N HIS C 551 -20.27 20.86 -23.10
CA HIS C 551 -20.57 20.34 -24.43
C HIS C 551 -19.32 20.04 -25.24
N GLU C 552 -18.14 20.09 -24.63
CA GLU C 552 -16.91 19.77 -25.34
C GLU C 552 -16.88 18.31 -25.78
N THR C 553 -16.37 18.08 -26.99
CA THR C 553 -16.11 16.73 -27.47
C THR C 553 -14.88 16.13 -26.80
N HIS C 554 -13.99 16.98 -26.30
CA HIS C 554 -12.86 16.50 -25.50
C HIS C 554 -13.37 16.12 -24.12
N GLU C 555 -13.37 14.82 -23.85
CA GLU C 555 -13.97 14.29 -22.63
C GLU C 555 -13.22 14.73 -21.35
N GLY C 556 -11.92 14.93 -21.45
CA GLY C 556 -11.14 15.44 -20.33
C GLY C 556 -11.55 16.84 -19.90
N VAL C 557 -11.65 17.74 -20.88
CA VAL C 557 -12.05 19.12 -20.63
C VAL C 557 -13.47 19.15 -20.09
N GLN C 558 -14.34 18.34 -20.67
CA GLN C 558 -15.74 18.28 -20.25
C GLN C 558 -15.87 17.84 -18.79
N ASP C 559 -15.13 16.79 -18.42
CA ASP C 559 -15.16 16.26 -17.06
C ASP C 559 -14.56 17.27 -16.07
N MET C 560 -13.49 17.93 -16.48
CA MET C 560 -12.85 18.89 -15.62
C MET C 560 -13.74 20.13 -15.39
N ALA C 561 -14.53 20.49 -16.39
CA ALA C 561 -15.49 21.60 -16.25
C ALA C 561 -16.55 21.28 -15.20
N CYS C 562 -17.03 20.05 -15.16
CA CYS C 562 -17.97 19.64 -14.12
C CYS C 562 -17.33 19.70 -12.71
N ASP C 563 -16.13 19.18 -12.57
CA ASP C 563 -15.43 19.24 -11.28
C ASP C 563 -15.14 20.67 -10.84
N THR C 564 -14.77 21.52 -11.79
CA THR C 564 -14.42 22.89 -11.51
C THR C 564 -15.66 23.67 -11.10
N PHE C 565 -16.78 23.37 -11.75
CA PHE C 565 -18.07 23.97 -11.39
C PHE C 565 -18.40 23.70 -9.92
N ILE C 566 -18.36 22.43 -9.51
CA ILE C 566 -18.70 22.11 -8.13
C ILE C 566 -17.63 22.64 -7.16
N LYS C 567 -16.36 22.64 -7.57
CA LYS C 567 -15.30 23.21 -6.73
C LYS C 567 -15.54 24.70 -6.43
N ILE C 568 -15.92 25.46 -7.45
CA ILE C 568 -16.21 26.88 -7.30
C ILE C 568 -17.48 27.08 -6.45
N VAL C 569 -18.50 26.26 -6.74
CA VAL C 569 -19.76 26.38 -6.00
C VAL C 569 -19.57 26.12 -4.51
N GLN C 570 -18.81 25.09 -4.15
CA GLN C 570 -18.55 24.79 -2.72
C GLN C 570 -18.02 25.99 -1.95
N LYS C 571 -17.25 26.85 -2.63
CA LYS C 571 -16.66 28.04 -2.01
C LYS C 571 -17.46 29.34 -2.21
N CYS C 572 -18.15 29.45 -3.34
CA CYS C 572 -18.83 30.70 -3.72
C CYS C 572 -20.37 30.63 -3.73
N LYS C 573 -20.95 29.54 -3.24
CA LYS C 573 -22.40 29.31 -3.35
C LYS C 573 -23.29 30.48 -2.93
N TYR C 574 -22.90 31.24 -1.90
CA TYR C 574 -23.73 32.36 -1.45
C TYR C 574 -24.02 33.37 -2.57
N HIS C 575 -23.05 33.55 -3.46
CA HIS C 575 -23.21 34.50 -4.57
C HIS C 575 -24.14 34.03 -5.70
N PHE C 576 -24.54 32.76 -5.65
CA PHE C 576 -25.47 32.18 -6.61
C PHE C 576 -26.91 32.24 -6.10
N VAL C 577 -27.07 32.38 -4.78
CA VAL C 577 -28.40 32.31 -4.17
C VAL C 577 -29.01 33.71 -4.01
N ILE C 578 -28.19 34.74 -3.83
CA ILE C 578 -28.69 36.11 -3.77
C ILE C 578 -28.87 36.69 -5.18
N GLN C 579 -29.69 37.74 -5.27
CA GLN C 579 -29.83 38.49 -6.52
C GLN C 579 -28.73 39.54 -6.55
N GLN C 580 -27.83 39.43 -7.53
CA GLN C 580 -26.71 40.36 -7.63
C GLN C 580 -27.16 41.69 -8.20
N PRO C 581 -26.44 42.77 -7.88
CA PRO C 581 -26.82 44.03 -8.51
C PRO C 581 -26.88 43.86 -10.04
N ARG C 582 -27.86 44.51 -10.67
CA ARG C 582 -28.00 44.52 -12.13
C ARG C 582 -28.37 43.17 -12.77
N GLU C 583 -28.70 42.17 -11.95
CA GLU C 583 -29.27 40.92 -12.44
C GLU C 583 -30.76 40.91 -12.09
N SER C 584 -31.55 40.20 -12.89
CA SER C 584 -33.01 40.16 -12.71
C SER C 584 -33.45 39.04 -11.77
N GLU C 585 -32.55 38.09 -11.53
CA GLU C 585 -32.84 36.89 -10.75
C GLU C 585 -31.55 36.35 -10.12
N PRO C 586 -31.65 35.69 -8.95
CA PRO C 586 -30.50 34.94 -8.46
C PRO C 586 -30.03 33.96 -9.50
N PHE C 587 -28.72 33.76 -9.61
CA PHE C 587 -28.19 32.93 -10.69
C PHE C 587 -28.64 31.47 -10.59
N ILE C 588 -28.93 31.01 -9.38
CA ILE C 588 -29.45 29.65 -9.21
C ILE C 588 -30.71 29.43 -10.05
N GLN C 589 -31.55 30.46 -10.17
CA GLN C 589 -32.75 30.39 -11.01
C GLN C 589 -32.36 30.21 -12.49
N THR C 590 -31.39 31.00 -12.94
CA THR C 590 -30.87 30.88 -14.30
C THR C 590 -30.32 29.48 -14.59
N ILE C 591 -29.58 28.93 -13.64
CA ILE C 591 -28.99 27.61 -13.79
C ILE C 591 -30.09 26.55 -13.92
N ILE C 592 -31.03 26.59 -12.99
CA ILE C 592 -32.10 25.60 -12.96
C ILE C 592 -32.94 25.67 -14.23
N ARG C 593 -33.24 26.87 -14.72
CA ARG C 593 -34.14 27.02 -15.88
C ARG C 593 -33.56 26.40 -17.13
N ASP C 594 -32.23 26.36 -17.21
CA ASP C 594 -31.58 25.88 -18.43
C ASP C 594 -30.84 24.56 -18.23
N ILE C 595 -31.18 23.85 -17.16
CA ILE C 595 -30.44 22.65 -16.75
C ILE C 595 -30.50 21.54 -17.80
N GLN C 596 -31.61 21.40 -18.52
CA GLN C 596 -31.71 20.36 -19.55
C GLN C 596 -30.72 20.62 -20.66
N LYS C 597 -30.69 21.84 -21.19
CA LYS C 597 -29.71 22.19 -22.23
C LYS C 597 -28.28 22.11 -21.72
N THR C 598 -28.00 22.64 -20.52
CA THR C 598 -26.63 22.67 -19.99
C THR C 598 -25.99 21.29 -19.85
N THR C 599 -26.80 20.32 -19.43
CA THR C 599 -26.30 18.99 -19.10
C THR C 599 -26.56 17.93 -20.17
N ALA C 600 -27.08 18.33 -21.34
CA ALA C 600 -27.52 17.38 -22.37
C ALA C 600 -26.43 16.41 -22.85
N ASP C 601 -25.18 16.87 -22.89
CA ASP C 601 -24.07 16.07 -23.42
C ASP C 601 -23.24 15.40 -22.36
N LEU C 602 -23.66 15.52 -21.10
CA LEU C 602 -22.92 14.93 -19.99
C LEU C 602 -23.34 13.51 -19.78
N GLN C 603 -22.41 12.70 -19.28
CA GLN C 603 -22.71 11.35 -18.86
C GLN C 603 -23.55 11.40 -17.59
N PRO C 604 -24.33 10.35 -17.31
CA PRO C 604 -25.20 10.43 -16.14
C PRO C 604 -24.51 10.87 -14.84
N GLN C 605 -23.38 10.29 -14.50
CA GLN C 605 -22.70 10.63 -13.24
C GLN C 605 -22.31 12.12 -13.18
N GLN C 606 -21.99 12.68 -14.35
CA GLN C 606 -21.68 14.09 -14.45
C GLN C 606 -22.94 14.95 -14.24
N VAL C 607 -24.07 14.50 -14.76
CA VAL C 607 -25.33 15.19 -14.50
C VAL C 607 -25.60 15.19 -12.99
N HIS C 608 -25.31 14.08 -12.33
CA HIS C 608 -25.57 13.95 -10.90
C HIS C 608 -24.70 14.90 -10.11
N THR C 609 -23.43 15.04 -10.52
CA THR C 609 -22.54 16.03 -9.92
C THR C 609 -23.09 17.46 -10.07
N PHE C 610 -23.62 17.75 -11.25
CA PHE C 610 -24.22 19.07 -11.53
C PHE C 610 -25.39 19.36 -10.58
N TYR C 611 -26.28 18.38 -10.44
CA TYR C 611 -27.40 18.48 -9.50
C TYR C 611 -26.93 18.64 -8.05
N LYS C 612 -25.90 17.88 -7.67
CA LYS C 612 -25.34 18.00 -6.34
C LYS C 612 -24.87 19.45 -6.07
N ALA C 613 -24.20 20.04 -7.06
CA ALA C 613 -23.73 21.43 -6.92
C ALA C 613 -24.91 22.38 -6.73
N CYS C 614 -25.98 22.15 -7.48
CA CYS C 614 -27.18 22.98 -7.34
C CYS C 614 -27.75 22.85 -5.92
N GLY C 615 -27.71 21.63 -5.35
CA GLY C 615 -28.14 21.40 -3.97
C GLY C 615 -27.33 22.20 -2.94
N ILE C 616 -26.03 22.32 -3.17
CA ILE C 616 -25.17 23.13 -2.30
C ILE C 616 -25.70 24.57 -2.28
N ILE C 617 -26.04 25.09 -3.45
CA ILE C 617 -26.49 26.47 -3.56
C ILE C 617 -27.83 26.66 -2.86
N ILE C 618 -28.74 25.72 -3.09
CA ILE C 618 -30.09 25.82 -2.58
C ILE C 618 -30.12 25.81 -1.05
N SER C 619 -29.25 25.01 -0.45
CA SER C 619 -29.13 24.94 0.99
C SER C 619 -28.61 26.23 1.64
N GLU C 620 -28.06 27.15 0.85
CA GLU C 620 -27.77 28.50 1.31
C GLU C 620 -29.01 29.34 1.61
N GLU C 621 -30.14 29.00 0.99
CA GLU C 621 -31.38 29.74 1.22
C GLU C 621 -32.01 29.25 2.51
N ARG C 622 -32.05 30.10 3.55
CA ARG C 622 -32.55 29.66 4.85
C ARG C 622 -34.02 29.96 5.09
N SER C 623 -34.62 30.76 4.23
CA SER C 623 -36.08 30.89 4.24
C SER C 623 -36.66 29.59 3.67
N VAL C 624 -37.45 28.88 4.48
CA VAL C 624 -37.90 27.53 4.18
C VAL C 624 -38.78 27.47 2.92
N ALA C 625 -39.75 28.38 2.82
CA ALA C 625 -40.66 28.38 1.68
C ALA C 625 -39.88 28.52 0.39
N GLU C 626 -38.95 29.47 0.36
N GLU C 626 -38.95 29.47 0.36
N GLU C 626 -38.94 29.46 0.35
CA GLU C 626 -38.13 29.73 -0.82
CA GLU C 626 -38.13 29.73 -0.82
CA GLU C 626 -38.16 29.70 -0.86
C GLU C 626 -37.17 28.58 -1.14
C GLU C 626 -37.18 28.58 -1.14
C GLU C 626 -37.17 28.56 -1.15
N ARG C 627 -36.57 28.00 -0.11
CA ARG C 627 -35.69 26.84 -0.29
C ARG C 627 -36.43 25.65 -0.88
N ASN C 628 -37.58 25.32 -0.30
CA ASN C 628 -38.40 24.21 -0.80
C ASN C 628 -38.85 24.42 -2.24
N ARG C 629 -39.13 25.67 -2.60
CA ARG C 629 -39.49 26.00 -3.97
C ARG C 629 -38.33 25.78 -4.92
N LEU C 630 -37.13 26.21 -4.51
CA LEU C 630 -35.94 25.96 -5.31
C LEU C 630 -35.68 24.47 -5.49
N LEU C 631 -35.86 23.70 -4.40
CA LEU C 631 -35.70 22.26 -4.43
C LEU C 631 -36.68 21.62 -5.40
N SER C 632 -37.95 22.01 -5.30
CA SER C 632 -38.98 21.57 -6.21
C SER C 632 -38.62 21.88 -7.67
N ASP C 633 -38.18 23.11 -7.93
CA ASP C 633 -37.75 23.51 -9.27
C ASP C 633 -36.55 22.70 -9.77
N LEU C 634 -35.56 22.51 -8.91
CA LEU C 634 -34.38 21.72 -9.29
C LEU C 634 -34.77 20.29 -9.69
N MET C 635 -35.69 19.70 -8.95
CA MET C 635 -36.06 18.30 -9.14
C MET C 635 -37.17 18.11 -10.18
N GLN C 636 -37.51 19.16 -10.91
CA GLN C 636 -38.63 19.11 -11.84
C GLN C 636 -38.46 17.98 -12.87
N LEU C 637 -37.32 17.94 -13.55
CA LEU C 637 -37.11 16.92 -14.59
C LEU C 637 -37.11 15.49 -14.03
N PRO C 638 -36.30 15.19 -12.99
CA PRO C 638 -36.41 13.82 -12.47
C PRO C 638 -37.78 13.45 -11.89
N ASN C 639 -38.48 14.40 -11.27
CA ASN C 639 -39.82 14.14 -10.72
C ASN C 639 -40.87 13.90 -11.81
N MET C 640 -40.74 14.61 -12.93
CA MET C 640 -41.68 14.41 -14.02
C MET C 640 -41.44 13.05 -14.66
N ALA C 641 -40.17 12.63 -14.80
CA ALA C 641 -39.86 11.29 -15.30
C ALA C 641 -40.33 10.20 -14.33
N TRP C 642 -40.11 10.43 -13.04
CA TRP C 642 -40.56 9.54 -11.99
C TRP C 642 -42.08 9.35 -12.02
N ASP C 643 -42.82 10.45 -12.09
CA ASP C 643 -44.27 10.40 -12.06
C ASP C 643 -44.81 9.55 -13.22
N THR C 644 -44.24 9.72 -14.41
CA THR C 644 -44.70 8.93 -15.56
C THR C 644 -44.37 7.44 -15.40
N ILE C 645 -43.23 7.14 -14.77
CA ILE C 645 -42.86 5.74 -14.53
C ILE C 645 -43.72 5.07 -13.47
N VAL C 646 -43.92 5.76 -12.35
CA VAL C 646 -44.82 5.27 -11.30
C VAL C 646 -46.20 4.91 -11.86
N GLU C 647 -46.74 5.76 -12.73
CA GLU C 647 -48.02 5.46 -13.41
C GLU C 647 -47.97 4.19 -14.24
N GLN C 648 -46.88 4.01 -14.98
CA GLN C 648 -46.76 2.88 -15.88
C GLN C 648 -46.50 1.56 -15.14
N SER C 649 -45.55 1.58 -14.21
CA SER C 649 -45.20 0.37 -13.44
C SER C 649 -46.36 -0.17 -12.61
N THR C 650 -47.17 0.74 -12.06
CA THR C 650 -48.32 0.36 -11.23
C THR C 650 -49.42 -0.27 -12.09
N ALA C 651 -49.49 0.14 -13.35
CA ALA C 651 -50.36 -0.52 -14.33
C ALA C 651 -49.79 -1.89 -14.67
N ASN C 652 -48.52 -1.93 -15.07
CA ASN C 652 -47.85 -3.15 -15.50
C ASN C 652 -46.53 -3.40 -14.78
N PRO C 653 -46.42 -4.51 -14.01
CA PRO C 653 -45.06 -4.93 -13.62
C PRO C 653 -44.14 -5.27 -14.82
N THR C 654 -44.75 -5.65 -15.95
CA THR C 654 -44.00 -6.00 -17.15
C THR C 654 -43.14 -4.87 -17.77
N LEU C 655 -43.63 -3.62 -17.75
CA LEU C 655 -42.91 -2.50 -18.37
C LEU C 655 -41.55 -2.22 -17.71
N LEU C 656 -41.41 -2.69 -16.48
CA LEU C 656 -40.15 -2.62 -15.73
C LEU C 656 -39.17 -3.70 -16.20
N LEU C 657 -39.64 -4.62 -17.04
CA LEU C 657 -38.74 -5.57 -17.66
C LEU C 657 -37.93 -4.91 -18.81
N ASP C 658 -38.14 -3.61 -19.04
CA ASP C 658 -37.38 -2.88 -20.05
C ASP C 658 -36.06 -2.41 -19.43
N SER C 659 -34.94 -2.80 -20.04
CA SER C 659 -33.64 -2.37 -19.54
C SER C 659 -33.47 -0.84 -19.65
N GLU C 660 -34.08 -0.24 -20.67
CA GLU C 660 -34.06 1.21 -20.82
C GLU C 660 -34.75 1.89 -19.62
N THR C 661 -35.88 1.36 -19.21
CA THR C 661 -36.65 1.90 -18.08
C THR C 661 -35.87 1.73 -16.79
N VAL C 662 -35.22 0.57 -16.64
CA VAL C 662 -34.43 0.29 -15.47
C VAL C 662 -33.31 1.32 -15.32
N LYS C 663 -32.65 1.64 -16.43
CA LYS C 663 -31.60 2.67 -16.44
C LYS C 663 -32.15 4.03 -16.05
N ILE C 664 -33.32 4.38 -16.58
CA ILE C 664 -33.96 5.65 -16.27
C ILE C 664 -34.26 5.77 -14.79
N ILE C 665 -34.83 4.71 -14.22
CA ILE C 665 -35.16 4.70 -12.79
C ILE C 665 -33.91 4.86 -11.92
N ALA C 666 -32.88 4.07 -12.21
CA ALA C 666 -31.63 4.14 -11.48
C ALA C 666 -31.07 5.57 -11.49
N ASN C 667 -31.10 6.20 -12.66
CA ASN C 667 -30.59 7.57 -12.79
C ASN C 667 -31.45 8.59 -12.04
N ILE C 668 -32.75 8.40 -12.01
CA ILE C 668 -33.60 9.25 -11.18
C ILE C 668 -33.20 9.14 -9.71
N ILE C 669 -33.06 7.91 -9.20
CA ILE C 669 -32.74 7.71 -7.79
C ILE C 669 -31.34 8.27 -7.50
N LYS C 670 -30.40 8.02 -8.41
CA LYS C 670 -29.03 8.57 -8.26
C LYS C 670 -29.02 10.10 -8.18
N THR C 671 -29.89 10.75 -8.96
CA THR C 671 -30.00 12.21 -8.94
C THR C 671 -30.50 12.66 -7.58
N ASN C 672 -31.52 11.97 -7.06
CA ASN C 672 -31.98 12.21 -5.69
C ASN C 672 -30.87 12.01 -4.64
N VAL C 673 -30.10 10.94 -4.77
CA VAL C 673 -28.97 10.69 -3.87
C VAL C 673 -28.00 11.88 -3.90
N ALA C 674 -27.68 12.36 -5.11
CA ALA C 674 -26.72 13.45 -5.29
C ALA C 674 -27.19 14.72 -4.58
N VAL C 675 -28.44 15.07 -4.79
CA VAL C 675 -29.01 16.27 -4.19
C VAL C 675 -29.13 16.10 -2.68
N CYS C 676 -29.51 14.91 -2.23
CA CYS C 676 -29.61 14.66 -0.80
C CYS C 676 -28.24 14.76 -0.11
N THR C 677 -27.19 14.37 -0.83
CA THR C 677 -25.84 14.41 -0.29
C THR C 677 -25.45 15.83 0.10
N SER C 678 -25.77 16.80 -0.75
CA SER C 678 -25.41 18.17 -0.45
C SER C 678 -26.44 18.92 0.39
N MET C 679 -27.71 18.51 0.33
CA MET C 679 -28.75 19.22 1.08
C MET C 679 -29.04 18.65 2.45
N GLY C 680 -28.79 17.36 2.66
CA GLY C 680 -28.95 16.75 3.97
C GLY C 680 -30.37 16.87 4.52
N ALA C 681 -30.48 17.44 5.71
CA ALA C 681 -31.77 17.63 6.39
C ALA C 681 -32.78 18.40 5.52
N ASP C 682 -32.26 19.32 4.70
CA ASP C 682 -33.10 20.15 3.82
C ASP C 682 -33.76 19.36 2.71
N PHE C 683 -33.30 18.15 2.45
CA PHE C 683 -33.85 17.31 1.38
C PHE C 683 -35.23 16.71 1.68
N TYR C 684 -35.65 16.72 2.94
CA TYR C 684 -36.86 16.00 3.37
C TYR C 684 -38.11 16.18 2.48
N PRO C 685 -38.45 17.42 2.06
CA PRO C 685 -39.65 17.57 1.24
C PRO C 685 -39.61 16.78 -0.06
N GLN C 686 -38.44 16.71 -0.70
CA GLN C 686 -38.27 15.92 -1.89
C GLN C 686 -38.37 14.43 -1.60
N LEU C 687 -37.79 14.00 -0.47
CA LEU C 687 -37.88 12.60 -0.06
C LEU C 687 -39.34 12.21 0.10
N GLY C 688 -40.09 13.09 0.76
CA GLY C 688 -41.53 12.88 0.95
C GLY C 688 -42.33 12.77 -0.33
N HIS C 689 -41.92 13.48 -1.37
CA HIS C 689 -42.61 13.40 -2.65
C HIS C 689 -42.53 12.00 -3.25
N ILE C 690 -41.40 11.32 -3.10
CA ILE C 690 -41.19 10.05 -3.78
C ILE C 690 -41.26 8.83 -2.86
N TYR C 691 -41.28 9.04 -1.54
CA TYR C 691 -40.99 7.97 -0.58
C TYR C 691 -41.86 6.74 -0.73
N TYR C 692 -43.18 6.90 -0.66
CA TYR C 692 -44.06 5.74 -0.62
C TYR C 692 -44.02 4.98 -1.95
N ASN C 693 -44.05 5.70 -3.07
CA ASN C 693 -43.91 5.05 -4.38
C ASN C 693 -42.52 4.42 -4.59
N MET C 694 -41.48 5.03 -4.02
CA MET C 694 -40.14 4.47 -4.07
C MET C 694 -40.06 3.12 -3.36
N LEU C 695 -40.69 3.02 -2.19
CA LEU C 695 -40.71 1.76 -1.45
C LEU C 695 -41.58 0.71 -2.15
N GLN C 696 -42.67 1.14 -2.78
CA GLN C 696 -43.44 0.22 -3.62
C GLN C 696 -42.60 -0.28 -4.78
N LEU C 697 -41.82 0.61 -5.38
CA LEU C 697 -40.94 0.22 -6.48
C LEU C 697 -39.86 -0.77 -6.03
N TYR C 698 -39.26 -0.50 -4.87
CA TYR C 698 -38.34 -1.45 -4.23
C TYR C 698 -38.95 -2.86 -4.14
N ARG C 699 -40.19 -2.96 -3.68
CA ARG C 699 -40.88 -4.26 -3.57
C ARG C 699 -41.10 -4.91 -4.92
N ALA C 700 -41.54 -4.13 -5.91
CA ALA C 700 -41.79 -4.62 -7.27
C ALA C 700 -40.50 -5.15 -7.93
N VAL C 701 -39.43 -4.38 -7.80
CA VAL C 701 -38.13 -4.78 -8.31
C VAL C 701 -37.61 -6.04 -7.58
N SER C 702 -37.80 -6.10 -6.26
CA SER C 702 -37.47 -7.30 -5.50
C SER C 702 -38.16 -8.55 -6.06
N SER C 703 -39.44 -8.42 -6.39
CA SER C 703 -40.20 -9.56 -6.96
C SER C 703 -39.65 -9.97 -8.32
N MET C 704 -39.26 -8.99 -9.14
CA MET C 704 -38.67 -9.31 -10.45
C MET C 704 -37.35 -10.08 -10.30
N ILE C 705 -36.52 -9.64 -9.38
CA ILE C 705 -35.23 -10.30 -9.11
C ILE C 705 -35.43 -11.75 -8.69
N SER C 706 -36.29 -11.95 -7.69
CA SER C 706 -36.63 -13.28 -7.21
C SER C 706 -37.19 -14.14 -8.31
N ALA C 707 -38.10 -13.59 -9.11
CA ALA C 707 -38.68 -14.33 -10.22
C ALA C 707 -37.61 -14.76 -11.23
N GLN C 708 -36.67 -13.88 -11.50
CA GLN C 708 -35.62 -14.18 -12.44
C GLN C 708 -34.67 -15.28 -11.94
N VAL C 709 -34.32 -15.24 -10.66
CA VAL C 709 -33.47 -16.27 -10.06
C VAL C 709 -34.20 -17.62 -10.11
N ALA C 710 -35.48 -17.61 -9.79
CA ALA C 710 -36.30 -18.83 -9.86
C ALA C 710 -36.35 -19.43 -11.26
N ALA C 711 -36.45 -18.57 -12.27
CA ALA C 711 -36.59 -19.03 -13.65
C ALA C 711 -35.25 -19.38 -14.31
N GLU C 712 -34.18 -18.70 -13.95
CA GLU C 712 -32.88 -18.86 -14.64
C GLU C 712 -31.76 -19.43 -13.79
N GLY C 713 -31.96 -19.53 -12.49
CA GLY C 713 -30.93 -19.99 -11.57
C GLY C 713 -30.11 -18.84 -11.00
N LEU C 714 -29.15 -19.17 -10.14
CA LEU C 714 -28.29 -18.15 -9.49
C LEU C 714 -27.52 -17.31 -10.49
N ILE C 715 -27.24 -17.88 -11.65
CA ILE C 715 -26.52 -17.18 -12.71
C ILE C 715 -27.25 -15.89 -13.11
N ALA C 716 -28.57 -15.85 -12.89
CA ALA C 716 -29.36 -14.65 -13.17
C ALA C 716 -28.82 -13.42 -12.46
N THR C 717 -28.24 -13.60 -11.27
CA THR C 717 -27.69 -12.48 -10.53
C THR C 717 -26.54 -11.79 -11.27
N LYS C 718 -25.92 -12.48 -12.22
CA LYS C 718 -24.82 -11.90 -12.98
C LYS C 718 -25.27 -11.13 -14.22
N THR C 719 -26.52 -11.31 -14.62
CA THR C 719 -27.00 -10.76 -15.88
C THR C 719 -27.17 -9.25 -15.78
N PRO C 720 -26.99 -8.52 -16.91
CA PRO C 720 -27.22 -7.08 -16.90
C PRO C 720 -28.59 -6.70 -16.35
N LYS C 721 -29.62 -7.47 -16.70
CA LYS C 721 -30.97 -7.14 -16.22
C LYS C 721 -31.05 -7.14 -14.70
N VAL C 722 -30.61 -8.24 -14.08
CA VAL C 722 -30.72 -8.37 -12.62
C VAL C 722 -29.77 -7.40 -11.90
N ARG C 723 -28.57 -7.21 -12.43
CA ARG C 723 -27.67 -6.20 -11.87
C ARG C 723 -28.32 -4.81 -11.91
N GLY C 724 -29.03 -4.51 -12.99
CA GLY C 724 -29.71 -3.22 -13.13
C GLY C 724 -30.84 -3.06 -12.12
N LEU C 725 -31.60 -4.14 -11.93
CA LEU C 725 -32.63 -4.16 -10.90
C LEU C 725 -32.07 -3.96 -9.48
N ARG C 726 -30.97 -4.65 -9.18
CA ARG C 726 -30.36 -4.54 -7.87
C ARG C 726 -29.76 -3.14 -7.66
N THR C 727 -29.25 -2.53 -8.72
CA THR C 727 -28.83 -1.15 -8.64
C THR C 727 -29.96 -0.24 -8.15
N ILE C 728 -31.18 -0.48 -8.62
CA ILE C 728 -32.30 0.33 -8.12
C ILE C 728 -32.45 0.14 -6.61
N LYS C 729 -32.46 -1.12 -6.16
CA LYS C 729 -32.55 -1.42 -4.73
C LYS C 729 -31.42 -0.75 -3.93
N LYS C 730 -30.20 -0.89 -4.42
CA LYS C 730 -29.03 -0.32 -3.73
C LYS C 730 -29.10 1.21 -3.64
N GLU C 731 -29.53 1.84 -4.72
CA GLU C 731 -29.63 3.32 -4.73
C GLU C 731 -30.75 3.82 -3.84
N ILE C 732 -31.86 3.08 -3.78
CA ILE C 732 -32.93 3.42 -2.84
C ILE C 732 -32.42 3.37 -1.40
N LEU C 733 -31.69 2.30 -1.07
CA LEU C 733 -31.12 2.12 0.27
C LEU C 733 -30.13 3.26 0.55
N LYS C 734 -29.34 3.60 -0.45
CA LYS C 734 -28.36 4.67 -0.34
C LYS C 734 -29.05 6.01 -0.07
N LEU C 735 -30.13 6.28 -0.82
CA LEU C 735 -30.87 7.52 -0.62
C LEU C 735 -31.38 7.67 0.82
N VAL C 736 -32.00 6.60 1.33
CA VAL C 736 -32.57 6.59 2.68
C VAL C 736 -31.45 6.71 3.73
N GLU C 737 -30.38 5.94 3.55
CA GLU C 737 -29.23 6.02 4.45
C GLU C 737 -28.65 7.42 4.50
N THR C 738 -28.51 8.03 3.33
CA THR C 738 -27.92 9.36 3.19
C THR C 738 -28.77 10.37 3.91
N TYR C 739 -30.08 10.32 3.70
CA TYR C 739 -30.99 11.26 4.37
C TYR C 739 -30.96 11.06 5.88
N ILE C 740 -31.17 9.83 6.33
CA ILE C 740 -31.24 9.56 7.78
C ILE C 740 -29.92 9.94 8.49
N SER C 741 -28.79 9.73 7.82
CA SER C 741 -27.50 10.04 8.42
C SER C 741 -27.38 11.54 8.69
N LYS C 742 -28.13 12.36 7.95
CA LYS C 742 -28.05 13.81 8.06
C LYS C 742 -29.30 14.44 8.67
N ALA C 743 -30.31 13.63 8.99
CA ALA C 743 -31.59 14.17 9.43
C ALA C 743 -31.47 14.91 10.76
N ARG C 744 -32.17 16.03 10.84
CA ARG C 744 -32.24 16.82 12.06
C ARG C 744 -33.56 16.57 12.79
N ASN C 745 -34.62 16.21 12.07
CA ASN C 745 -35.90 15.87 12.71
C ASN C 745 -36.06 14.36 12.83
N LEU C 746 -35.66 13.84 13.98
CA LEU C 746 -35.65 12.42 14.21
C LEU C 746 -37.03 11.86 14.47
N ASP C 747 -37.93 12.68 15.01
CA ASP C 747 -39.32 12.26 15.21
C ASP C 747 -39.96 11.85 13.88
N ASP C 748 -39.79 12.67 12.85
CA ASP C 748 -40.27 12.32 11.49
C ASP C 748 -39.63 11.06 10.96
N VAL C 749 -38.32 10.91 11.18
CA VAL C 749 -37.64 9.70 10.73
C VAL C 749 -38.35 8.48 11.32
N VAL C 750 -38.61 8.51 12.63
CA VAL C 750 -39.23 7.38 13.34
C VAL C 750 -40.69 7.17 12.93
N LYS C 751 -41.46 8.25 12.93
CA LYS C 751 -42.92 8.18 12.73
CA LYS C 751 -42.91 8.14 12.74
C LYS C 751 -43.30 7.96 11.28
N VAL C 752 -42.49 8.47 10.35
CA VAL C 752 -42.85 8.45 8.92
C VAL C 752 -41.98 7.51 8.08
N LEU C 753 -40.68 7.55 8.26
CA LEU C 753 -39.77 6.76 7.41
C LEU C 753 -39.51 5.33 7.86
N VAL C 754 -39.37 5.10 9.16
CA VAL C 754 -38.83 3.81 9.62
C VAL C 754 -39.73 2.58 9.40
N GLU C 755 -41.01 2.64 9.78
CA GLU C 755 -41.87 1.46 9.66
CA GLU C 755 -41.89 1.47 9.66
C GLU C 755 -41.99 1.00 8.20
N PRO C 756 -42.30 1.92 7.27
CA PRO C 756 -42.38 1.47 5.88
C PRO C 756 -41.04 0.93 5.34
N LEU C 757 -39.93 1.52 5.78
CA LEU C 757 -38.61 1.05 5.35
C LEU C 757 -38.41 -0.41 5.80
N LEU C 758 -38.60 -0.67 7.08
CA LEU C 758 -38.40 -2.01 7.62
C LEU C 758 -39.32 -3.01 6.94
N ASN C 759 -40.58 -2.61 6.75
CA ASN C 759 -41.58 -3.43 6.06
C ASN C 759 -41.12 -3.81 4.64
N ALA C 760 -40.53 -2.85 3.94
CA ALA C 760 -40.08 -3.06 2.57
C ALA C 760 -38.79 -3.87 2.46
N VAL C 761 -37.86 -3.74 3.40
CA VAL C 761 -36.53 -4.31 3.19
C VAL C 761 -36.20 -5.59 3.96
N LEU C 762 -36.76 -5.77 5.15
CA LEU C 762 -36.28 -6.82 6.06
C LEU C 762 -36.69 -8.23 5.65
N GLU C 763 -37.99 -8.44 5.45
CA GLU C 763 -38.45 -9.77 5.07
C GLU C 763 -37.85 -10.14 3.71
N ASP C 764 -37.77 -9.17 2.81
CA ASP C 764 -37.16 -9.40 1.50
C ASP C 764 -35.69 -9.88 1.60
N TYR C 765 -34.91 -9.28 2.48
CA TYR C 765 -33.53 -9.73 2.74
C TYR C 765 -33.53 -11.17 3.29
N MET C 766 -34.29 -11.38 4.36
CA MET C 766 -34.36 -12.67 5.04
C MET C 766 -34.76 -13.81 4.11
N ASN C 767 -35.75 -13.54 3.25
CA ASN C 767 -36.35 -14.59 2.45
C ASN C 767 -35.81 -14.76 1.02
N ASN C 768 -34.76 -14.00 0.66
CA ASN C 768 -34.02 -14.23 -0.59
C ASN C 768 -32.90 -15.24 -0.33
N VAL C 769 -32.49 -15.97 -1.37
CA VAL C 769 -31.31 -16.82 -1.30
C VAL C 769 -30.09 -15.93 -1.04
N PRO C 770 -29.05 -16.48 -0.40
CA PRO C 770 -27.85 -15.72 -0.07
C PRO C 770 -27.30 -14.84 -1.17
N ASP C 771 -27.18 -15.36 -2.39
CA ASP C 771 -26.59 -14.60 -3.51
C ASP C 771 -27.44 -13.42 -4.00
N ALA C 772 -28.71 -13.36 -3.58
CA ALA C 772 -29.58 -12.26 -3.95
C ALA C 772 -29.73 -11.21 -2.85
N ARG C 773 -29.12 -11.44 -1.69
CA ARG C 773 -29.18 -10.50 -0.58
C ARG C 773 -28.21 -9.33 -0.77
N ASP C 774 -28.70 -8.10 -0.65
CA ASP C 774 -27.84 -6.91 -0.75
C ASP C 774 -27.21 -6.52 0.59
N ALA C 775 -25.88 -6.50 0.65
CA ALA C 775 -25.19 -6.05 1.87
C ALA C 775 -25.60 -4.63 2.24
N GLU C 776 -26.03 -3.87 1.24
CA GLU C 776 -26.46 -2.48 1.45
C GLU C 776 -27.67 -2.38 2.41
N VAL C 777 -28.43 -3.46 2.57
CA VAL C 777 -29.50 -3.47 3.58
C VAL C 777 -28.91 -3.33 4.97
N LEU C 778 -27.83 -4.08 5.22
CA LEU C 778 -27.17 -4.04 6.51
C LEU C 778 -26.61 -2.64 6.78
N ASN C 779 -26.01 -2.06 5.75
CA ASN C 779 -25.44 -0.71 5.87
C ASN C 779 -26.52 0.32 6.17
N CYS C 780 -27.65 0.23 5.50
CA CYS C 780 -28.77 1.13 5.78
C CYS C 780 -29.27 0.98 7.24
N MET C 781 -29.41 -0.25 7.70
CA MET C 781 -29.89 -0.50 9.07
C MET C 781 -28.91 0.00 10.13
N THR C 782 -27.61 -0.05 9.83
CA THR C 782 -26.61 0.49 10.75
C THR C 782 -26.88 1.98 11.03
N THR C 783 -27.13 2.74 9.98
CA THR C 783 -27.42 4.16 10.12
C THR C 783 -28.75 4.42 10.83
N VAL C 784 -29.75 3.60 10.53
CA VAL C 784 -31.03 3.67 11.22
C VAL C 784 -30.82 3.49 12.73
N VAL C 785 -30.09 2.45 13.11
CA VAL C 785 -29.85 2.17 14.54
C VAL C 785 -28.98 3.28 15.17
N GLU C 786 -27.95 3.71 14.46
CA GLU C 786 -27.06 4.77 14.95
C GLU C 786 -27.86 6.02 15.29
N LYS C 787 -28.77 6.42 14.39
CA LYS C 787 -29.45 7.72 14.52
C LYS C 787 -30.73 7.70 15.36
N VAL C 788 -31.52 6.64 15.25
CA VAL C 788 -32.79 6.57 15.98
C VAL C 788 -33.03 5.27 16.75
N GLY C 789 -32.02 4.41 16.84
CA GLY C 789 -32.13 3.12 17.56
C GLY C 789 -32.67 3.25 18.98
N HIS C 790 -32.27 4.29 19.68
CA HIS C 790 -32.76 4.58 21.03
C HIS C 790 -34.28 4.85 21.08
N MET C 791 -34.86 5.21 19.94
CA MET C 791 -36.29 5.51 19.85
C MET C 791 -37.13 4.36 19.29
N ILE C 792 -36.51 3.30 18.80
CA ILE C 792 -37.23 2.20 18.14
C ILE C 792 -36.79 0.81 18.66
N PRO C 793 -36.93 0.58 19.96
CA PRO C 793 -36.49 -0.71 20.51
C PRO C 793 -37.08 -1.93 19.80
N GLN C 794 -38.37 -1.89 19.49
CA GLN C 794 -39.01 -3.01 18.80
C GLN C 794 -38.53 -3.13 17.36
N GLY C 795 -38.24 -2.00 16.72
CA GLY C 795 -37.67 -1.98 15.39
C GLY C 795 -36.28 -2.62 15.33
N VAL C 796 -35.49 -2.42 16.37
CA VAL C 796 -34.15 -2.98 16.41
C VAL C 796 -34.26 -4.50 16.56
N ILE C 797 -35.20 -4.95 17.40
CA ILE C 797 -35.44 -6.37 17.57
C ILE C 797 -35.83 -6.99 16.22
N LEU C 798 -36.70 -6.31 15.49
CA LEU C 798 -37.12 -6.79 14.17
C LEU C 798 -35.91 -6.89 13.21
N ILE C 799 -35.04 -5.89 13.23
CA ILE C 799 -33.85 -5.92 12.38
C ILE C 799 -32.98 -7.15 12.66
N LEU C 800 -32.70 -7.39 13.92
CA LEU C 800 -31.94 -8.59 14.32
C LEU C 800 -32.60 -9.89 13.86
N GLN C 801 -33.88 -10.03 14.13
CA GLN C 801 -34.62 -11.23 13.75
C GLN C 801 -34.47 -11.52 12.27
N SER C 802 -34.49 -10.45 11.47
CA SER C 802 -34.53 -10.58 10.03
C SER C 802 -33.15 -10.84 9.40
N VAL C 803 -32.10 -10.31 10.02
CA VAL C 803 -30.77 -10.37 9.40
C VAL C 803 -29.70 -11.16 10.15
N PHE C 804 -29.89 -11.39 11.46
CA PHE C 804 -28.79 -11.91 12.27
C PHE C 804 -28.42 -13.36 11.90
N GLU C 805 -29.34 -14.30 12.11
CA GLU C 805 -29.00 -15.70 11.89
C GLU C 805 -28.69 -16.03 10.43
N CYS C 806 -29.46 -15.46 9.51
CA CYS C 806 -29.26 -15.77 8.10
C CYS C 806 -27.95 -15.17 7.59
N THR C 807 -27.58 -13.98 8.05
CA THR C 807 -26.28 -13.44 7.62
C THR C 807 -25.14 -14.20 8.28
N LEU C 808 -25.28 -14.54 9.54
CA LEU C 808 -24.21 -15.31 10.20
C LEU C 808 -23.92 -16.59 9.43
N ASP C 809 -24.97 -17.28 8.99
CA ASP C 809 -24.79 -18.53 8.26
C ASP C 809 -24.10 -18.35 6.90
N MET C 810 -24.22 -17.17 6.30
CA MET C 810 -23.50 -16.85 5.06
C MET C 810 -21.99 -16.74 5.28
N ILE C 811 -21.59 -16.23 6.45
CA ILE C 811 -20.19 -15.83 6.66
C ILE C 811 -19.41 -16.70 7.64
N ASN C 812 -20.02 -17.78 8.13
CA ASN C 812 -19.37 -18.58 9.18
C ASN C 812 -18.81 -19.94 8.73
N LYS C 813 -18.64 -20.10 7.42
CA LYS C 813 -18.01 -21.31 6.85
C LYS C 813 -16.55 -21.07 6.46
N ASP C 814 -16.22 -19.84 6.08
CA ASP C 814 -14.83 -19.48 5.84
C ASP C 814 -14.67 -17.99 6.10
N PHE C 815 -13.47 -17.46 5.89
CA PHE C 815 -13.21 -16.04 6.17
C PHE C 815 -13.32 -15.13 4.95
N THR C 816 -13.71 -15.68 3.80
CA THR C 816 -13.63 -14.96 2.53
C THR C 816 -14.95 -14.77 1.78
N GLU C 817 -15.90 -15.70 1.86
CA GLU C 817 -17.12 -15.53 1.10
C GLU C 817 -17.96 -14.34 1.63
N TYR C 818 -18.68 -13.69 0.71
CA TYR C 818 -19.54 -12.53 1.01
C TYR C 818 -18.81 -11.46 1.82
N PRO C 819 -17.71 -10.93 1.26
CA PRO C 819 -16.86 -10.00 2.01
C PRO C 819 -17.59 -8.73 2.46
N GLU C 820 -18.50 -8.20 1.64
CA GLU C 820 -19.20 -6.98 1.99
C GLU C 820 -20.23 -7.25 3.10
N HIS C 821 -20.90 -8.39 3.03
CA HIS C 821 -21.85 -8.78 4.09
C HIS C 821 -21.13 -8.92 5.42
N ARG C 822 -19.94 -9.50 5.36
CA ARG C 822 -19.10 -9.74 6.54
C ARG C 822 -18.85 -8.41 7.27
N VAL C 823 -18.34 -7.46 6.51
CA VAL C 823 -17.97 -6.16 7.04
C VAL C 823 -19.20 -5.41 7.57
N GLU C 824 -20.28 -5.36 6.78
CA GLU C 824 -21.48 -4.63 7.23
C GLU C 824 -22.19 -5.31 8.41
N PHE C 825 -22.15 -6.64 8.44
CA PHE C 825 -22.72 -7.42 9.54
C PHE C 825 -22.15 -7.00 10.89
N TYR C 826 -20.84 -6.90 10.98
CA TYR C 826 -20.22 -6.54 12.24
C TYR C 826 -20.35 -5.07 12.60
N LYS C 827 -20.42 -4.20 11.61
CA LYS C 827 -20.75 -2.79 11.87
C LYS C 827 -22.16 -2.67 12.48
N LEU C 828 -23.08 -3.49 11.97
CA LEU C 828 -24.45 -3.48 12.48
C LEU C 828 -24.51 -3.98 13.91
N LEU C 829 -23.90 -5.13 14.18
CA LEU C 829 -23.90 -5.67 15.54
C LEU C 829 -23.24 -4.69 16.51
N LYS C 830 -22.17 -4.03 16.06
CA LYS C 830 -21.49 -3.04 16.90
C LYS C 830 -22.42 -1.91 17.36
N VAL C 831 -23.14 -1.31 16.42
CA VAL C 831 -24.01 -0.18 16.77
C VAL C 831 -25.21 -0.64 17.60
N ILE C 832 -25.74 -1.84 17.34
CA ILE C 832 -26.86 -2.38 18.14
C ILE C 832 -26.38 -2.59 19.57
N ASN C 833 -25.19 -3.14 19.71
CA ASN C 833 -24.62 -3.40 21.04
C ASN C 833 -24.36 -2.07 21.78
N GLU C 834 -23.93 -1.04 21.04
CA GLU C 834 -23.74 0.32 21.59
C GLU C 834 -25.05 1.01 21.96
N LYS C 835 -25.99 1.05 21.02
CA LYS C 835 -27.16 1.92 21.12
C LYS C 835 -28.42 1.24 21.63
N SER C 836 -28.54 -0.07 21.45
CA SER C 836 -29.78 -0.79 21.79
CA SER C 836 -29.77 -0.79 21.77
C SER C 836 -29.48 -2.18 22.33
N PHE C 837 -28.63 -2.23 23.35
CA PHE C 837 -28.20 -3.49 23.95
C PHE C 837 -29.38 -4.37 24.37
N ALA C 838 -30.47 -3.74 24.81
CA ALA C 838 -31.69 -4.43 25.20
C ALA C 838 -32.15 -5.44 24.14
N ALA C 839 -31.90 -5.11 22.87
CA ALA C 839 -32.20 -6.03 21.77
C ALA C 839 -31.52 -7.37 21.95
N PHE C 840 -30.28 -7.37 22.43
CA PHE C 840 -29.59 -8.63 22.66
C PHE C 840 -30.09 -9.33 23.93
N LEU C 841 -30.46 -8.55 24.93
CA LEU C 841 -31.06 -9.12 26.14
C LEU C 841 -32.34 -9.90 25.82
N GLU C 842 -33.08 -9.47 24.80
CA GLU C 842 -34.35 -10.12 24.44
C GLU C 842 -34.16 -11.39 23.62
N LEU C 843 -32.97 -11.62 23.09
CA LEU C 843 -32.73 -12.83 22.30
C LEU C 843 -32.95 -14.10 23.12
N PRO C 844 -33.53 -15.14 22.50
CA PRO C 844 -33.55 -16.45 23.18
C PRO C 844 -32.10 -16.91 23.41
N PRO C 845 -31.87 -17.71 24.46
CA PRO C 845 -30.51 -18.13 24.84
C PRO C 845 -29.70 -18.75 23.70
N ALA C 846 -30.35 -19.53 22.83
CA ALA C 846 -29.67 -20.14 21.70
C ALA C 846 -29.13 -19.07 20.75
N ALA C 847 -29.93 -18.04 20.48
CA ALA C 847 -29.50 -16.94 19.63
C ALA C 847 -28.40 -16.09 20.29
N PHE C 848 -28.50 -15.87 21.60
CA PHE C 848 -27.45 -15.16 22.31
C PHE C 848 -26.10 -15.91 22.21
N LYS C 849 -26.15 -17.24 22.29
CA LYS C 849 -24.96 -18.06 22.11
C LYS C 849 -24.33 -17.86 20.72
N LEU C 850 -25.16 -17.80 19.67
CA LEU C 850 -24.68 -17.50 18.32
C LEU C 850 -24.03 -16.11 18.27
N PHE C 851 -24.58 -15.15 19.01
CA PHE C 851 -24.01 -13.80 19.09
C PHE C 851 -22.57 -13.87 19.66
N VAL C 852 -22.38 -14.58 20.77
CA VAL C 852 -21.03 -14.78 21.32
C VAL C 852 -20.16 -15.48 20.28
N ASP C 853 -20.67 -16.53 19.65
CA ASP C 853 -19.90 -17.22 18.60
C ASP C 853 -19.49 -16.26 17.50
N ALA C 854 -20.43 -15.40 17.10
CA ALA C 854 -20.17 -14.44 16.01
C ALA C 854 -19.05 -13.46 16.38
N ILE C 855 -19.04 -12.99 17.63
CA ILE C 855 -18.02 -12.06 18.09
C ILE C 855 -16.64 -12.72 18.03
N CYS C 856 -16.54 -13.93 18.60
CA CYS C 856 -15.25 -14.65 18.61
C CYS C 856 -14.77 -15.02 17.22
N TRP C 857 -15.71 -15.37 16.35
CA TRP C 857 -15.42 -15.59 14.94
C TRP C 857 -14.80 -14.33 14.31
N ALA C 858 -15.35 -13.17 14.65
CA ALA C 858 -14.78 -11.91 14.15
C ALA C 858 -13.32 -11.73 14.56
N PHE C 859 -12.99 -12.13 15.80
CA PHE C 859 -11.60 -12.07 16.34
C PHE C 859 -10.62 -12.77 15.42
N LYS C 860 -11.08 -13.88 14.83
CA LYS C 860 -10.18 -14.77 14.11
C LYS C 860 -9.93 -14.30 12.70
N HIS C 861 -10.67 -13.29 12.25
CA HIS C 861 -10.40 -12.73 10.94
C HIS C 861 -9.06 -12.03 10.92
N ASN C 862 -8.38 -12.12 9.80
CA ASN C 862 -7.20 -11.29 9.54
C ASN C 862 -7.57 -9.98 8.84
N ASN C 863 -8.78 -9.95 8.30
CA ASN C 863 -9.36 -8.74 7.74
C ASN C 863 -9.55 -7.70 8.86
N ARG C 864 -8.85 -6.57 8.76
CA ARG C 864 -8.87 -5.54 9.81
C ARG C 864 -10.25 -4.95 10.08
N ASP C 865 -11.02 -4.73 9.03
CA ASP C 865 -12.34 -4.13 9.22
CA ASP C 865 -12.35 -4.16 9.19
C ASP C 865 -13.14 -5.02 10.19
N VAL C 866 -13.17 -6.32 9.92
CA VAL C 866 -13.92 -7.27 10.77
C VAL C 866 -13.30 -7.49 12.16
N GLU C 867 -11.99 -7.76 12.20
CA GLU C 867 -11.27 -8.02 13.44
C GLU C 867 -11.45 -6.91 14.48
N VAL C 868 -11.28 -5.67 14.03
CA VAL C 868 -11.33 -4.51 14.90
C VAL C 868 -12.72 -4.37 15.50
N ASN C 869 -13.74 -4.54 14.66
CA ASN C 869 -15.10 -4.47 15.16
C ASN C 869 -15.43 -5.61 16.13
N GLY C 870 -14.94 -6.82 15.85
CA GLY C 870 -15.11 -7.95 16.74
C GLY C 870 -14.56 -7.68 18.13
N LEU C 871 -13.33 -7.19 18.19
CA LEU C 871 -12.70 -6.87 19.47
C LEU C 871 -13.43 -5.76 20.21
N GLN C 872 -13.92 -4.75 19.48
CA GLN C 872 -14.67 -3.65 20.08
C GLN C 872 -16.01 -4.14 20.62
N ILE C 873 -16.69 -4.97 19.84
CA ILE C 873 -17.98 -5.51 20.29
C ILE C 873 -17.77 -6.29 21.58
N ALA C 874 -16.71 -7.09 21.63
CA ALA C 874 -16.42 -7.89 22.81
C ALA C 874 -16.22 -7.01 24.03
N LEU C 875 -15.40 -5.98 23.89
CA LEU C 875 -15.13 -5.02 24.96
C LEU C 875 -16.43 -4.28 25.37
N ASP C 876 -17.19 -3.79 24.40
CA ASP C 876 -18.47 -3.11 24.68
C ASP C 876 -19.46 -4.04 25.38
N LEU C 877 -19.46 -5.31 24.97
CA LEU C 877 -20.38 -6.29 25.54
C LEU C 877 -20.05 -6.51 27.01
N VAL C 878 -18.77 -6.73 27.28
CA VAL C 878 -18.32 -6.89 28.66
C VAL C 878 -18.73 -5.67 29.49
N LYS C 879 -18.57 -4.48 28.94
CA LYS C 879 -18.97 -3.26 29.66
C LYS C 879 -20.48 -3.21 29.87
N ASN C 880 -21.24 -3.56 28.84
CA ASN C 880 -22.70 -3.65 28.94
C ASN C 880 -23.16 -4.59 30.06
N ILE C 881 -22.53 -5.75 30.14
CA ILE C 881 -22.83 -6.72 31.19
C ILE C 881 -22.46 -6.17 32.56
N GLU C 882 -21.28 -5.59 32.67
CA GLU C 882 -20.84 -5.04 33.95
C GLU C 882 -21.80 -3.96 34.44
N ARG C 883 -22.28 -3.13 33.52
CA ARG C 883 -23.23 -2.05 33.83
C ARG C 883 -24.54 -2.55 34.45
N MET C 884 -24.92 -3.78 34.15
CA MET C 884 -26.16 -4.38 34.70
C MET C 884 -26.07 -4.68 36.19
N GLY C 885 -24.86 -4.90 36.69
CA GLY C 885 -24.66 -5.17 38.11
C GLY C 885 -24.99 -6.60 38.44
N ASN C 886 -25.19 -6.87 39.73
CA ASN C 886 -25.44 -8.22 40.23
C ASN C 886 -26.88 -8.67 39.99
N VAL C 887 -27.14 -9.07 38.75
CA VAL C 887 -28.47 -9.56 38.35
C VAL C 887 -28.32 -10.90 37.63
N PRO C 888 -29.40 -11.69 37.59
CA PRO C 888 -29.31 -13.02 36.98
C PRO C 888 -28.69 -13.05 35.59
N PHE C 889 -29.10 -12.14 34.69
CA PHE C 889 -28.55 -12.17 33.34
C PHE C 889 -27.03 -12.01 33.32
N ALA C 890 -26.52 -11.10 34.15
CA ALA C 890 -25.08 -10.87 34.23
C ALA C 890 -24.35 -12.08 34.85
N ASN C 891 -24.90 -12.62 35.92
CA ASN C 891 -24.32 -13.80 36.55
C ASN C 891 -24.24 -14.97 35.57
N GLU C 892 -25.33 -15.21 34.84
CA GLU C 892 -25.37 -16.31 33.84
C GLU C 892 -24.42 -16.05 32.69
N PHE C 893 -24.32 -14.80 32.28
CA PHE C 893 -23.39 -14.46 31.22
C PHE C 893 -21.97 -14.83 31.61
N HIS C 894 -21.57 -14.46 32.82
CA HIS C 894 -20.22 -14.78 33.27
C HIS C 894 -20.02 -16.27 33.43
N LYS C 895 -20.98 -16.95 34.04
CA LYS C 895 -20.90 -18.42 34.17
C LYS C 895 -20.77 -19.13 32.82
N ASN C 896 -21.49 -18.65 31.79
CA ASN C 896 -21.48 -19.28 30.49
C ASN C 896 -20.32 -18.85 29.59
N TYR C 897 -19.92 -17.58 29.67
CA TYR C 897 -19.07 -17.00 28.63
C TYR C 897 -17.77 -16.33 29.05
N PHE C 898 -17.57 -16.08 30.34
CA PHE C 898 -16.32 -15.42 30.78
C PHE C 898 -15.09 -16.17 30.26
N PHE C 899 -15.02 -17.47 30.51
CA PHE C 899 -13.82 -18.23 30.12
C PHE C 899 -13.71 -18.45 28.62
N ILE C 900 -14.85 -18.48 27.93
CA ILE C 900 -14.84 -18.50 26.47
C ILE C 900 -14.13 -17.23 25.94
N PHE C 901 -14.52 -16.06 26.43
CA PHE C 901 -13.85 -14.82 25.99
C PHE C 901 -12.36 -14.78 26.36
N VAL C 902 -12.03 -15.23 27.56
CA VAL C 902 -10.62 -15.27 28.00
C VAL C 902 -9.79 -16.20 27.08
N SER C 903 -10.28 -17.40 26.85
CA SER C 903 -9.54 -18.39 26.08
C SER C 903 -9.44 -18.00 24.60
N GLU C 904 -10.53 -17.47 24.04
CA GLU C 904 -10.53 -17.03 22.65
C GLU C 904 -9.60 -15.84 22.44
N THR C 905 -9.55 -14.93 23.42
CA THR C 905 -8.63 -13.79 23.35
C THR C 905 -7.17 -14.27 23.43
N PHE C 906 -6.88 -15.16 24.36
CA PHE C 906 -5.54 -15.76 24.45
C PHE C 906 -5.11 -16.45 23.18
N PHE C 907 -6.06 -17.14 22.55
CA PHE C 907 -5.78 -17.87 21.33
C PHE C 907 -5.29 -16.95 20.20
N VAL C 908 -6.01 -15.85 19.96
CA VAL C 908 -5.59 -14.92 18.90
C VAL C 908 -4.34 -14.12 19.28
N LEU C 909 -4.16 -13.87 20.58
CA LEU C 909 -2.90 -13.26 21.06
C LEU C 909 -1.67 -14.10 20.74
N THR C 910 -1.81 -15.43 20.85
CA THR C 910 -0.66 -16.33 20.82
C THR C 910 -0.47 -17.13 19.53
N ASP C 911 -1.37 -17.04 18.57
CA ASP C 911 -1.23 -17.92 17.39
C ASP C 911 -0.37 -17.34 16.26
N SER C 912 0.21 -16.16 16.46
CA SER C 912 1.10 -15.53 15.46
C SER C 912 0.41 -15.19 14.15
N ASP C 913 -0.91 -15.30 14.08
CA ASP C 913 -1.62 -15.03 12.84
C ASP C 913 -2.54 -13.81 12.99
N HIS C 914 -2.50 -13.13 14.13
CA HIS C 914 -3.39 -11.98 14.36
C HIS C 914 -2.65 -10.84 15.03
N LYS C 915 -1.43 -10.60 14.53
CA LYS C 915 -0.55 -9.62 15.17
C LYS C 915 -1.08 -8.20 15.06
N SER C 916 -1.83 -7.90 14.00
CA SER C 916 -2.40 -6.56 13.82
C SER C 916 -3.35 -6.14 14.95
N GLY C 917 -3.96 -7.11 15.64
CA GLY C 917 -4.92 -6.82 16.70
C GLY C 917 -4.38 -6.85 18.12
N PHE C 918 -3.06 -6.94 18.27
CA PHE C 918 -2.43 -7.09 19.59
C PHE C 918 -2.92 -6.08 20.64
N SER C 919 -2.91 -4.80 20.29
CA SER C 919 -3.31 -3.77 21.25
C SER C 919 -4.73 -3.92 21.79
N LYS C 920 -5.67 -4.22 20.89
CA LYS C 920 -7.07 -4.36 21.32
C LYS C 920 -7.34 -5.70 21.98
N GLN C 921 -6.63 -6.74 21.56
CA GLN C 921 -6.69 -8.03 22.26
C GLN C 921 -6.21 -7.86 23.69
N ALA C 922 -5.12 -7.11 23.88
CA ALA C 922 -4.53 -6.90 25.22
C ALA C 922 -5.49 -6.12 26.12
N LEU C 923 -6.11 -5.10 25.54
CA LEU C 923 -7.10 -4.29 26.25
C LEU C 923 -8.26 -5.16 26.73
N LEU C 924 -8.77 -6.01 25.86
CA LEU C 924 -9.86 -6.90 26.21
C LEU C 924 -9.47 -7.89 27.30
N LEU C 925 -8.30 -8.50 27.17
CA LEU C 925 -7.83 -9.44 28.15
C LEU C 925 -7.64 -8.76 29.48
N MET C 926 -7.11 -7.55 29.46
CA MET C 926 -6.92 -6.82 30.71
C MET C 926 -8.27 -6.52 31.36
N LYS C 927 -9.27 -6.12 30.57
CA LYS C 927 -10.60 -5.89 31.12
C LYS C 927 -11.14 -7.15 31.79
N LEU C 928 -11.03 -8.28 31.10
CA LEU C 928 -11.52 -9.56 31.63
C LEU C 928 -10.84 -9.97 32.93
N ILE C 929 -9.52 -9.88 32.96
CA ILE C 929 -8.78 -10.21 34.18
C ILE C 929 -9.11 -9.24 35.31
N SER C 930 -9.21 -7.94 34.99
CA SER C 930 -9.48 -6.93 36.02
C SER C 930 -10.84 -7.14 36.68
N LEU C 931 -11.79 -7.72 35.94
CA LEU C 931 -13.13 -7.99 36.49
C LEU C 931 -13.06 -8.94 37.66
N VAL C 932 -12.20 -9.95 37.55
CA VAL C 932 -11.98 -10.90 38.63
C VAL C 932 -11.11 -10.27 39.71
N TYR C 933 -10.03 -9.60 39.30
CA TYR C 933 -9.13 -8.92 40.23
C TYR C 933 -9.89 -7.94 41.13
N ASP C 934 -10.87 -7.22 40.55
CA ASP C 934 -11.71 -6.27 41.30
C ASP C 934 -12.96 -6.88 41.95
N ASN C 935 -13.08 -8.20 41.96
CA ASN C 935 -14.25 -8.89 42.50
C ASN C 935 -15.57 -8.37 41.94
N LYS C 936 -15.58 -8.04 40.65
CA LYS C 936 -16.77 -7.51 39.99
C LYS C 936 -17.70 -8.62 39.47
N ILE C 937 -17.28 -9.87 39.57
CA ILE C 937 -18.14 -10.99 39.24
C ILE C 937 -18.65 -11.58 40.55
N SER C 938 -19.97 -11.50 40.73
CA SER C 938 -20.63 -11.79 42.02
C SER C 938 -20.89 -13.27 42.32
N VAL C 939 -20.75 -14.14 41.32
CA VAL C 939 -20.95 -15.58 41.53
C VAL C 939 -19.69 -16.38 41.21
N PRO C 940 -19.58 -17.60 41.77
CA PRO C 940 -18.42 -18.44 41.44
C PRO C 940 -18.37 -18.79 39.96
N LEU C 941 -17.18 -18.73 39.38
CA LEU C 941 -16.98 -19.05 37.97
C LEU C 941 -16.81 -20.54 37.74
N TYR C 942 -16.70 -21.29 38.83
CA TYR C 942 -16.50 -22.73 38.80
C TYR C 942 -17.79 -23.41 39.25
N GLN C 943 -18.04 -24.62 38.78
CA GLN C 943 -19.18 -25.40 39.29
C GLN C 943 -18.77 -26.08 40.60
N GLU C 944 -19.72 -26.31 41.50
CA GLU C 944 -19.35 -26.72 42.88
C GLU C 944 -18.81 -28.15 42.96
N ALA C 945 -17.98 -28.38 43.97
CA ALA C 945 -17.22 -29.62 44.14
C ALA C 945 -16.03 -29.77 43.17
N GLU C 946 -15.92 -28.84 42.22
CA GLU C 946 -14.74 -28.76 41.36
C GLU C 946 -13.57 -28.20 42.15
N VAL C 947 -13.88 -27.40 43.17
CA VAL C 947 -12.90 -26.71 43.98
C VAL C 947 -13.58 -26.35 45.31
N PRO C 948 -12.81 -26.23 46.41
CA PRO C 948 -13.42 -25.91 47.73
C PRO C 948 -14.41 -24.74 47.71
N GLN C 949 -15.36 -24.77 48.63
CA GLN C 949 -16.56 -23.92 48.52
C GLN C 949 -16.28 -22.42 48.67
N GLY C 950 -15.37 -22.04 49.55
CA GLY C 950 -15.05 -20.63 49.75
C GLY C 950 -14.19 -20.01 48.65
N THR C 951 -13.77 -20.81 47.67
CA THR C 951 -12.69 -20.42 46.76
C THR C 951 -12.96 -19.17 45.94
N SER C 952 -12.04 -18.22 45.99
CA SER C 952 -12.25 -16.95 45.30
C SER C 952 -12.11 -17.16 43.79
N ASN C 953 -12.78 -16.32 43.03
CA ASN C 953 -12.61 -16.34 41.58
C ASN C 953 -11.16 -16.03 41.17
N GLN C 954 -10.42 -15.28 41.98
CA GLN C 954 -9.01 -14.98 41.67
C GLN C 954 -8.17 -16.25 41.66
N VAL C 955 -8.32 -17.05 42.70
CA VAL C 955 -7.63 -18.31 42.78
C VAL C 955 -8.06 -19.22 41.63
N TYR C 956 -9.36 -19.29 41.35
CA TYR C 956 -9.81 -20.17 40.29
C TYR C 956 -9.33 -19.73 38.90
N LEU C 957 -9.35 -18.42 38.64
CA LEU C 957 -8.87 -17.89 37.36
C LEU C 957 -7.44 -18.30 37.11
N SER C 958 -6.60 -18.20 38.13
CA SER C 958 -5.19 -18.56 37.99
C SER C 958 -5.03 -20.04 37.72
N GLN C 959 -5.81 -20.86 38.41
CA GLN C 959 -5.78 -22.30 38.20
C GLN C 959 -6.25 -22.67 36.79
N TYR C 960 -7.35 -22.07 36.36
CA TYR C 960 -7.86 -22.28 35.01
C TYR C 960 -6.80 -21.91 33.98
N LEU C 961 -6.19 -20.73 34.12
CA LEU C 961 -5.24 -20.24 33.11
C LEU C 961 -3.97 -21.08 33.09
N ALA C 962 -3.48 -21.46 34.26
CA ALA C 962 -2.31 -22.32 34.35
C ALA C 962 -2.55 -23.64 33.62
N ASN C 963 -3.73 -24.22 33.83
CA ASN C 963 -4.06 -25.46 33.16
C ASN C 963 -4.19 -25.27 31.64
N MET C 964 -4.87 -24.21 31.24
CA MET C 964 -5.03 -23.89 29.82
C MET C 964 -3.66 -23.73 29.17
N LEU C 965 -2.76 -22.99 29.79
CA LEU C 965 -1.46 -22.74 29.20
C LEU C 965 -0.57 -24.00 29.23
N SER C 966 -0.61 -24.75 30.33
CA SER C 966 0.10 -26.03 30.44
C SER C 966 -0.24 -26.95 29.27
N ASN C 967 -1.52 -27.05 28.93
CA ASN C 967 -1.96 -27.95 27.85
C ASN C 967 -1.70 -27.40 26.45
N ALA C 968 -1.82 -26.07 26.27
CA ALA C 968 -1.64 -25.44 24.97
C ALA C 968 -0.17 -25.23 24.62
N PHE C 969 0.66 -25.08 25.64
CA PHE C 969 2.09 -24.82 25.48
C PHE C 969 2.88 -25.76 26.39
N PRO C 970 2.88 -27.05 26.05
CA PRO C 970 3.48 -28.06 26.92
C PRO C 970 5.00 -27.97 27.09
N HIS C 971 5.67 -27.21 26.24
CA HIS C 971 7.13 -27.04 26.32
C HIS C 971 7.53 -26.00 27.38
N LEU C 972 6.57 -25.25 27.91
CA LEU C 972 6.82 -24.33 29.01
C LEU C 972 6.92 -25.10 30.33
N THR C 973 7.75 -24.61 31.25
CA THR C 973 7.78 -25.17 32.59
C THR C 973 6.60 -24.60 33.37
N SER C 974 6.21 -25.32 34.42
CA SER C 974 5.20 -24.84 35.35
C SER C 974 5.56 -23.48 35.93
N GLU C 975 6.83 -23.26 36.26
CA GLU C 975 7.24 -21.98 36.85
CA GLU C 975 7.23 -21.97 36.85
C GLU C 975 7.16 -20.84 35.84
N GLN C 976 7.47 -21.12 34.58
CA GLN C 976 7.29 -20.09 33.56
C GLN C 976 5.83 -19.64 33.53
N ILE C 977 4.94 -20.61 33.54
CA ILE C 977 3.50 -20.33 33.49
C ILE C 977 3.04 -19.58 34.74
N ALA C 978 3.44 -20.06 35.91
CA ALA C 978 3.05 -19.44 37.17
C ALA C 978 3.56 -18.01 37.26
N SER C 979 4.80 -17.79 36.86
CA SER C 979 5.41 -16.47 36.92
C SER C 979 4.76 -15.50 35.96
N PHE C 980 4.47 -15.96 34.76
CA PHE C 980 3.78 -15.17 33.74
C PHE C 980 2.44 -14.71 34.27
N LEU C 981 1.66 -15.66 34.80
CA LEU C 981 0.33 -15.34 35.30
C LEU C 981 0.34 -14.41 36.53
N SER C 982 1.30 -14.60 37.42
CA SER C 982 1.44 -13.71 38.58
CA SER C 982 1.42 -13.71 38.57
C SER C 982 1.66 -12.27 38.11
N ALA C 983 2.57 -12.09 37.19
CA ALA C 983 2.89 -10.78 36.67
C ALA C 983 1.68 -10.18 35.95
N LEU C 984 1.10 -10.98 35.07
CA LEU C 984 0.00 -10.51 34.25
C LEU C 984 -1.14 -10.01 35.12
N THR C 985 -1.48 -10.77 36.15
CA THR C 985 -2.61 -10.43 37.00
C THR C 985 -2.29 -9.20 37.86
N LYS C 986 -1.04 -9.11 38.34
CA LYS C 986 -0.63 -7.95 39.15
C LYS C 986 -0.68 -6.66 38.32
N GLN C 987 -0.53 -6.80 37.01
CA GLN C 987 -0.39 -5.68 36.10
C GLN C 987 -1.69 -5.30 35.37
N CYS C 988 -2.82 -5.87 35.80
CA CYS C 988 -4.08 -5.69 35.06
C CYS C 988 -4.74 -4.30 35.20
N LYS C 989 -4.08 -3.36 35.87
CA LYS C 989 -4.48 -1.94 35.87
C LYS C 989 -3.48 -1.04 35.11
N ASP C 990 -2.41 -1.62 34.57
CA ASP C 990 -1.35 -0.85 33.88
C ASP C 990 -1.14 -1.40 32.48
N LEU C 991 -1.92 -0.90 31.54
CA LEU C 991 -1.92 -1.46 30.18
C LEU C 991 -0.54 -1.57 29.53
N VAL C 992 0.27 -0.52 29.64
CA VAL C 992 1.56 -0.53 28.96
C VAL C 992 2.45 -1.65 29.54
N VAL C 993 2.42 -1.82 30.86
CA VAL C 993 3.24 -2.86 31.52
C VAL C 993 2.68 -4.26 31.19
N PHE C 994 1.36 -4.38 31.31
CA PHE C 994 0.61 -5.60 30.93
C PHE C 994 0.95 -6.07 29.52
N LYS C 995 1.00 -5.13 28.58
CA LYS C 995 1.33 -5.47 27.19
C LYS C 995 2.78 -5.95 27.07
N GLY C 996 3.68 -5.33 27.82
CA GLY C 996 5.06 -5.80 27.85
C GLY C 996 5.19 -7.24 28.31
N THR C 997 4.40 -7.58 29.31
CA THR C 997 4.39 -8.96 29.83
C THR C 997 3.84 -9.94 28.82
N LEU C 998 2.78 -9.56 28.13
CA LEU C 998 2.29 -10.37 27.00
C LEU C 998 3.35 -10.52 25.90
N ARG C 999 4.05 -9.44 25.53
CA ARG C 999 5.10 -9.54 24.52
C ARG C 999 6.23 -10.47 24.98
N ASP C 1000 6.58 -10.39 26.27
CA ASP C 1000 7.58 -11.30 26.83
C ASP C 1000 7.13 -12.76 26.74
N PHE C 1001 5.87 -13.03 27.06
CA PHE C 1001 5.32 -14.38 26.90
C PHE C 1001 5.38 -14.88 25.45
N LEU C 1002 5.06 -13.99 24.51
CA LEU C 1002 5.09 -14.34 23.08
C LEU C 1002 6.51 -14.69 22.61
N VAL C 1003 7.52 -14.06 23.20
CA VAL C 1003 8.92 -14.45 22.94
C VAL C 1003 9.20 -15.84 23.52
N GLN C 1004 8.85 -16.04 24.79
CA GLN C 1004 9.19 -17.29 25.47
C GLN C 1004 8.51 -18.51 24.86
N ILE C 1005 7.31 -18.36 24.31
CA ILE C 1005 6.64 -19.53 23.75
C ILE C 1005 7.30 -20.02 22.48
N LYS C 1006 8.14 -19.18 21.86
CA LYS C 1006 8.84 -19.59 20.64
C LYS C 1006 10.13 -20.35 20.91
N GLU C 1007 10.54 -20.48 22.17
CA GLU C 1007 11.78 -21.20 22.51
C GLU C 1007 11.57 -22.15 23.69
N VAL C 1008 12.62 -22.90 24.03
CA VAL C 1008 12.63 -23.72 25.26
C VAL C 1008 13.50 -23.10 26.34
N GLY C 1009 13.04 -23.16 27.58
CA GLY C 1009 13.85 -22.80 28.74
C GLY C 1009 13.93 -21.34 29.07
N GLY C 1010 12.95 -20.57 28.60
CA GLY C 1010 12.86 -19.17 28.98
C GLY C 1010 12.89 -19.00 30.48
N ASP C 1011 13.50 -17.92 30.93
CA ASP C 1011 13.75 -17.68 32.34
C ASP C 1011 12.49 -17.10 32.97
N PRO C 1012 11.94 -17.79 33.97
CA PRO C 1012 10.69 -17.29 34.58
C PRO C 1012 10.86 -15.96 35.30
N THR C 1013 12.07 -15.62 35.74
CA THR C 1013 12.29 -14.33 36.40
C THR C 1013 12.15 -13.15 35.44
N ASP C 1014 12.13 -13.41 34.12
CA ASP C 1014 11.95 -12.35 33.14
C ASP C 1014 10.66 -11.58 33.40
N TYR C 1015 9.65 -12.25 33.95
CA TYR C 1015 8.36 -11.60 34.22
C TYR C 1015 8.38 -10.65 35.41
N LEU C 1016 9.50 -10.62 36.15
CA LEU C 1016 9.69 -9.62 37.19
C LEU C 1016 10.25 -8.29 36.67
N PHE C 1017 10.52 -8.21 35.37
CA PHE C 1017 11.08 -6.99 34.78
C PHE C 1017 10.33 -5.73 35.23
N ALA C 1018 11.06 -4.70 35.62
CA ALA C 1018 10.42 -3.42 35.97
C ALA C 1018 11.38 -2.23 35.88
#